data_3PLA
#
_entry.id   3PLA
#
_cell.length_a   241.199
_cell.length_b   241.199
_cell.length_c   145.408
_cell.angle_alpha   90.00
_cell.angle_beta   90.00
_cell.angle_gamma   90.00
#
_symmetry.space_group_name_H-M   'P 41 21 2'
#
loop_
_entity.id
_entity.type
_entity.pdbx_description
1 polymer 'Pre mRNA splicing protein'
2 polymer '50S ribosomal protein L7Ae'
3 polymer "Fibrillarin-like rRNA/tRNA 2'-O-methyltransferase"
4 polymer 'C/D guide RNA'
5 polymer "RNA (5'-R(*CP*CP*AP*UP*GP*AP*GP*UP*GP*U)-3')"
6 non-polymer S-ADENOSYL-L-HOMOCYSTEINE
#
loop_
_entity_poly.entity_id
_entity_poly.type
_entity_poly.pdbx_seq_one_letter_code
_entity_poly.pdbx_strand_id
1 'polypeptide(L)'
;MVKIYLIEHVIGAVAYDENGNIVDYITNPRDLGKITEELLNNEKGIPFSATVELLKKVNPQEVVVENEAEVPKLQALGYR
VSYEPYSKVSRIFRESLPKVAIDIKFASNEEDYYNFLHELSLEYTRRKLRSAAQKRDLLAIQAVRAMDDIDKTINLFSER
LREWYSIHFPELDKLIEDHEEYATIVSRFGDRGFLTIDSLKELGFNEQRINRILDAAKKSIGADISEDDLSAMRMIANTI
LDLYNIRRNLNNYLEGVMKEVAPNVTALVGPALGARLLSIAGSLDELAKMPASTIQVLGAEKALFRALRSGGRPPKHGII
FQYPAIHTSPRWQRGKIARALAAKLAIAARVDAFSGRFIGDQLNEQLKKRIDEIKEKFAQHHHHHHHH
;
A,B,K
2 'polypeptide(L)'
;MDAMSKASYVKFEVPQDLADKVLEAVRKAKESGKIKKGTNETTKAVERGQAKLVIIAEDVQPEEIVAHLPLLCDEKKIPY
VYVSSKKALGEACGLQVATASAAILEPGEAKDLVDEIIKRVNEIKGKTSS
;
C,D,L
3 'polypeptide(L)'
;MAEVITVKQTNMENIYECEFNDGSFRLCTRNLVPNFNVYGERLIKYEGVEYREWNAFRSKLAGAILKGLKTNPIRKGTKV
LYLGAASGTTISHVSDIIELNGKAYGVEFSPRVVRELLLVAQRRPNIFPLLADARFPQSYKSVVENVDVLYVDIAQPDQT
DIAIYNAKFFLKVNGDMLLVIKARSIDVTKDPKEIYKTEVEKLENSNFETIQIINLDPYDKDHAIVLSKYKG
;
E,F,M
4 'polyribonucleotide' GGGAGUCUUGUGAUGAAACACUCAUGGUCUGAAGACUCCC G,H,N
5 'polyribonucleotide' CCAUGAGUGU I,J,O
#
# COMPACT_ATOMS: atom_id res chain seq x y z
N LYS A 3 -53.25 -56.06 31.05
CA LYS A 3 -52.44 -55.11 30.23
C LYS A 3 -53.10 -54.85 28.88
N ILE A 4 -53.40 -53.58 28.61
CA ILE A 4 -54.07 -53.15 27.38
C ILE A 4 -53.13 -52.30 26.52
N TYR A 5 -52.91 -52.69 25.26
CA TYR A 5 -52.17 -51.90 24.28
C TYR A 5 -53.13 -51.00 23.54
N LEU A 6 -52.88 -49.68 23.59
CA LEU A 6 -53.82 -48.72 23.03
C LEU A 6 -53.34 -48.07 21.74
N ILE A 7 -54.26 -47.99 20.78
CA ILE A 7 -54.00 -47.44 19.46
C ILE A 7 -54.78 -46.15 19.24
N GLU A 8 -54.13 -45.18 18.60
CA GLU A 8 -54.74 -43.95 18.11
C GLU A 8 -54.52 -43.79 16.61
N HIS A 9 -55.61 -43.54 15.88
CA HIS A 9 -55.58 -43.44 14.42
C HIS A 9 -56.69 -42.49 13.96
N VAL A 10 -56.69 -42.13 12.68
CA VAL A 10 -57.80 -41.39 12.07
C VAL A 10 -59.11 -42.16 12.25
N ILE A 11 -58.98 -43.49 12.26
CA ILE A 11 -60.09 -44.43 12.39
C ILE A 11 -60.78 -44.39 13.77
N GLY A 12 -60.09 -43.86 14.78
CA GLY A 12 -60.59 -43.86 16.16
C GLY A 12 -59.57 -44.35 17.18
N ALA A 13 -60.05 -44.81 18.32
CA ALA A 13 -59.17 -45.35 19.36
C ALA A 13 -59.53 -46.79 19.66
N VAL A 14 -58.54 -47.67 19.52
CA VAL A 14 -58.77 -49.10 19.70
C VAL A 14 -57.90 -49.60 20.85
N ALA A 15 -58.47 -50.53 21.63
CA ALA A 15 -57.72 -51.25 22.66
C ALA A 15 -57.48 -52.68 22.21
N TYR A 16 -56.27 -53.15 22.46
CA TYR A 16 -55.85 -54.48 22.07
C TYR A 16 -55.23 -55.13 23.27
N ASP A 17 -55.37 -56.46 23.38
CA ASP A 17 -54.62 -57.21 24.38
C ASP A 17 -53.20 -57.49 23.85
N GLU A 18 -52.42 -58.26 24.59
CA GLU A 18 -51.05 -58.58 24.16
C GLU A 18 -51.03 -59.52 22.96
N ASN A 19 -52.13 -60.22 22.74
CA ASN A 19 -52.27 -61.14 21.62
C ASN A 19 -52.53 -60.45 20.28
N GLY A 20 -53.24 -59.33 20.31
CA GLY A 20 -53.61 -58.63 19.09
C GLY A 20 -55.06 -58.83 18.73
N ASN A 21 -55.91 -58.93 19.75
CA ASN A 21 -57.35 -58.97 19.57
C ASN A 21 -57.98 -57.68 20.09
N ILE A 22 -58.92 -57.13 19.30
CA ILE A 22 -59.63 -55.91 19.68
C ILE A 22 -60.51 -56.19 20.90
N VAL A 23 -60.08 -55.74 22.07
CA VAL A 23 -60.86 -55.88 23.31
C VAL A 23 -62.05 -54.92 23.29
N ASP A 24 -61.79 -53.66 22.96
CA ASP A 24 -62.84 -52.68 22.76
C ASP A 24 -62.33 -51.50 21.92
N TYR A 25 -63.27 -50.79 21.28
CA TYR A 25 -62.95 -49.68 20.40
C TYR A 25 -63.97 -48.55 20.54
N ILE A 26 -63.55 -47.33 20.23
CA ILE A 26 -64.49 -46.24 19.99
C ILE A 26 -64.15 -45.54 18.69
N THR A 27 -65.09 -45.60 17.76
CA THR A 27 -64.95 -45.01 16.44
C THR A 27 -65.00 -43.48 16.49
N ASN A 28 -64.15 -42.85 15.70
CA ASN A 28 -64.14 -41.39 15.54
C ASN A 28 -65.32 -40.93 14.69
N PRO A 29 -65.72 -39.65 14.84
CA PRO A 29 -66.72 -39.14 13.91
C PRO A 29 -66.06 -38.90 12.56
N ARG A 30 -66.79 -39.16 11.48
CA ARG A 30 -66.28 -38.93 10.15
C ARG A 30 -66.34 -37.42 9.79
N ASP A 31 -65.56 -36.63 10.51
CA ASP A 31 -65.58 -35.17 10.39
C ASP A 31 -64.17 -34.61 10.23
N LEU A 32 -63.90 -34.06 9.04
CA LEU A 32 -62.59 -33.49 8.72
C LEU A 32 -62.09 -32.53 9.80
N GLY A 33 -62.91 -31.53 10.12
CA GLY A 33 -62.56 -30.53 11.14
C GLY A 33 -62.01 -31.08 12.44
N LYS A 34 -62.73 -32.01 13.06
CA LYS A 34 -62.41 -32.51 14.40
C LYS A 34 -61.23 -33.46 14.43
N ILE A 35 -61.10 -34.31 13.41
CA ILE A 35 -59.98 -35.25 13.33
C ILE A 35 -58.65 -34.51 13.12
N THR A 36 -58.64 -33.55 12.19
CA THR A 36 -57.47 -32.72 11.94
C THR A 36 -56.96 -32.06 13.23
N GLU A 37 -57.86 -31.48 14.01
CA GLU A 37 -57.52 -30.78 15.25
C GLU A 37 -56.96 -31.71 16.32
N GLU A 38 -57.53 -32.91 16.42
CA GLU A 38 -57.08 -33.90 17.41
C GLU A 38 -55.75 -34.54 17.06
N LEU A 39 -55.45 -34.60 15.76
CA LEU A 39 -54.15 -35.05 15.26
C LEU A 39 -53.08 -34.00 15.55
N LEU A 40 -53.40 -32.74 15.26
CA LEU A 40 -52.55 -31.62 15.61
C LEU A 40 -52.34 -31.59 17.13
N ASN A 41 -53.41 -31.84 17.88
CA ASN A 41 -53.35 -31.85 19.33
C ASN A 41 -52.54 -33.01 19.88
N ASN A 42 -52.66 -34.17 19.24
CA ASN A 42 -51.92 -35.39 19.63
C ASN A 42 -50.41 -35.22 19.55
N GLU A 43 -49.95 -34.32 18.67
CA GLU A 43 -48.54 -33.98 18.53
C GLU A 43 -47.95 -33.47 19.83
N LYS A 44 -48.74 -32.68 20.57
CA LYS A 44 -48.30 -32.08 21.84
C LYS A 44 -48.46 -33.02 23.04
N GLY A 45 -49.04 -34.19 22.80
CA GLY A 45 -49.26 -35.20 23.84
C GLY A 45 -50.73 -35.44 24.15
N ILE A 46 -51.59 -34.50 23.75
CA ILE A 46 -53.04 -34.50 24.05
C ILE A 46 -53.75 -35.70 23.43
N PRO A 47 -54.35 -36.56 24.27
CA PRO A 47 -55.07 -37.73 23.79
C PRO A 47 -56.35 -37.37 23.02
N PHE A 48 -56.75 -38.23 22.08
CA PHE A 48 -58.04 -38.12 21.39
C PHE A 48 -59.15 -38.16 22.44
N SER A 49 -60.30 -37.54 22.14
CA SER A 49 -61.45 -37.65 23.04
C SER A 49 -62.11 -39.02 22.95
N ALA A 50 -61.87 -39.72 21.84
CA ALA A 50 -62.32 -41.10 21.65
C ALA A 50 -61.51 -42.02 22.55
N THR A 51 -60.27 -41.62 22.83
CA THR A 51 -59.36 -42.37 23.70
C THR A 51 -59.78 -42.25 25.16
N VAL A 52 -60.15 -41.03 25.56
CA VAL A 52 -60.61 -40.73 26.92
C VAL A 52 -61.82 -41.60 27.29
N GLU A 53 -62.80 -41.63 26.38
CA GLU A 53 -63.99 -42.45 26.53
C GLU A 53 -63.67 -43.93 26.58
N LEU A 54 -62.68 -44.36 25.80
CA LEU A 54 -62.33 -45.78 25.71
C LEU A 54 -61.64 -46.28 26.99
N LEU A 55 -60.75 -45.46 27.53
CA LEU A 55 -60.05 -45.81 28.76
C LEU A 55 -60.97 -45.80 29.99
N LYS A 56 -62.21 -45.37 29.79
CA LYS A 56 -63.23 -45.43 30.83
C LYS A 56 -64.04 -46.72 30.71
N LYS A 57 -64.47 -47.04 29.49
CA LYS A 57 -65.25 -48.26 29.23
C LYS A 57 -64.52 -49.52 29.73
N VAL A 58 -63.29 -49.70 29.26
CA VAL A 58 -62.37 -50.69 29.81
C VAL A 58 -61.73 -50.01 31.02
N ASN A 59 -61.40 -50.80 32.04
CA ASN A 59 -60.77 -50.24 33.24
C ASN A 59 -59.43 -50.92 33.46
N PRO A 60 -58.41 -50.50 32.69
CA PRO A 60 -57.16 -51.25 32.67
C PRO A 60 -56.14 -50.72 33.68
N GLN A 61 -55.48 -51.65 34.37
CA GLN A 61 -54.47 -51.27 35.37
C GLN A 61 -53.17 -50.76 34.74
N GLU A 62 -52.62 -51.53 33.81
CA GLU A 62 -51.41 -51.12 33.08
C GLU A 62 -51.72 -50.92 31.60
N VAL A 63 -51.65 -49.67 31.14
CA VAL A 63 -51.85 -49.36 29.72
C VAL A 63 -50.54 -48.94 29.04
N VAL A 64 -50.43 -49.25 27.76
CA VAL A 64 -49.25 -48.90 26.98
C VAL A 64 -49.64 -48.28 25.63
N VAL A 65 -49.08 -47.10 25.36
CA VAL A 65 -49.44 -46.31 24.20
C VAL A 65 -48.29 -46.30 23.18
N GLU A 66 -48.55 -45.66 22.04
CA GLU A 66 -47.64 -45.59 20.93
C GLU A 66 -46.60 -44.48 21.06
N ASN A 67 -47.04 -43.35 21.60
CA ASN A 67 -46.28 -42.09 21.62
C ASN A 67 -45.82 -41.73 23.03
N GLU A 68 -44.57 -41.30 23.18
CA GLU A 68 -44.02 -40.99 24.51
C GLU A 68 -44.52 -39.68 25.10
N ALA A 69 -45.14 -38.84 24.28
CA ALA A 69 -45.63 -37.55 24.75
C ALA A 69 -46.99 -37.67 25.44
N GLU A 70 -47.72 -38.74 25.13
CA GLU A 70 -49.03 -38.99 25.73
C GLU A 70 -48.94 -39.45 27.18
N VAL A 71 -47.86 -40.17 27.52
CA VAL A 71 -47.70 -40.80 28.83
C VAL A 71 -48.03 -39.90 30.03
N PRO A 72 -47.37 -38.72 30.16
CA PRO A 72 -47.65 -37.86 31.32
C PRO A 72 -49.05 -37.27 31.35
N LYS A 73 -49.69 -37.10 30.19
CA LYS A 73 -51.08 -36.65 30.11
C LYS A 73 -52.07 -37.66 30.68
N LEU A 74 -51.83 -38.94 30.39
CA LEU A 74 -52.71 -40.01 30.84
C LEU A 74 -52.44 -40.42 32.29
N GLN A 75 -51.26 -40.08 32.80
CA GLN A 75 -50.94 -40.26 34.21
C GLN A 75 -51.68 -39.21 35.05
N ALA A 76 -51.76 -38.00 34.50
CA ALA A 76 -52.52 -36.90 35.10
C ALA A 76 -54.03 -37.21 35.12
N LEU A 77 -54.46 -38.11 34.24
CA LEU A 77 -55.86 -38.49 34.16
C LEU A 77 -56.20 -39.68 35.06
N GLY A 78 -55.17 -40.29 35.65
CA GLY A 78 -55.38 -41.30 36.68
C GLY A 78 -54.80 -42.70 36.51
N TYR A 79 -54.25 -42.99 35.33
CA TYR A 79 -53.76 -44.33 34.98
C TYR A 79 -52.25 -44.49 35.08
N ARG A 80 -51.81 -45.73 35.32
CA ARG A 80 -50.39 -46.10 35.20
C ARG A 80 -50.07 -46.46 33.75
N VAL A 81 -49.14 -45.72 33.15
CA VAL A 81 -48.92 -45.75 31.70
C VAL A 81 -47.45 -45.83 31.28
N SER A 82 -47.20 -46.56 30.20
CA SER A 82 -45.91 -46.55 29.48
C SER A 82 -46.14 -46.47 27.96
N TYR A 83 -45.06 -46.53 27.18
CA TYR A 83 -45.14 -46.51 25.71
C TYR A 83 -44.17 -47.49 25.05
N GLU A 84 -44.63 -48.22 24.04
CA GLU A 84 -43.74 -49.01 23.18
C GLU A 84 -43.77 -48.46 21.76
N PRO A 85 -42.58 -48.09 21.22
CA PRO A 85 -42.43 -47.44 19.92
C PRO A 85 -43.02 -48.22 18.72
N TYR A 86 -42.27 -49.18 18.19
CA TYR A 86 -42.66 -49.95 17.01
C TYR A 86 -43.16 -51.33 17.44
N SER A 87 -44.11 -51.34 18.38
CA SER A 87 -44.61 -52.57 19.02
C SER A 87 -45.26 -53.54 18.05
N LYS A 88 -45.32 -54.81 18.44
CA LYS A 88 -45.98 -55.84 17.63
C LYS A 88 -47.47 -55.55 17.41
N VAL A 89 -48.10 -54.98 18.43
CA VAL A 89 -49.52 -54.62 18.40
C VAL A 89 -49.84 -53.49 17.41
N SER A 90 -49.04 -52.43 17.45
CA SER A 90 -49.20 -51.28 16.52
C SER A 90 -49.06 -51.71 15.07
N ARG A 91 -48.19 -52.69 14.84
CA ARG A 91 -48.03 -53.31 13.53
C ARG A 91 -49.26 -54.15 13.22
N ILE A 92 -49.63 -55.04 14.14
CA ILE A 92 -50.83 -55.90 13.96
C ILE A 92 -52.06 -55.08 13.57
N PHE A 93 -52.21 -53.91 14.19
CA PHE A 93 -53.28 -53.01 13.87
C PHE A 93 -53.22 -52.52 12.42
N ARG A 94 -52.05 -52.04 12.03
CA ARG A 94 -51.85 -51.45 10.70
C ARG A 94 -51.87 -52.49 9.56
N GLU A 95 -51.53 -53.73 9.88
CA GLU A 95 -51.56 -54.83 8.91
C GLU A 95 -52.99 -55.05 8.40
N SER A 96 -53.96 -54.72 9.24
CA SER A 96 -55.37 -54.98 8.95
C SER A 96 -56.12 -53.66 8.82
N LEU A 97 -55.36 -52.60 8.54
CA LEU A 97 -55.94 -51.25 8.47
C LEU A 97 -56.77 -50.95 7.23
N PRO A 98 -56.44 -51.55 6.06
CA PRO A 98 -57.46 -51.44 5.03
C PRO A 98 -58.81 -51.95 5.56
N LYS A 99 -58.79 -53.08 6.27
CA LYS A 99 -60.00 -53.80 6.70
C LYS A 99 -60.74 -53.21 7.92
N VAL A 100 -60.06 -53.07 9.06
CA VAL A 100 -60.74 -52.75 10.32
C VAL A 100 -61.44 -51.39 10.36
N ALA A 101 -61.31 -50.62 9.30
CA ALA A 101 -62.07 -49.38 9.13
C ALA A 101 -63.54 -49.69 8.94
N ILE A 102 -63.81 -50.78 8.23
CA ILE A 102 -65.16 -51.27 7.95
C ILE A 102 -65.73 -51.96 9.20
N ASP A 103 -64.87 -52.78 9.84
CA ASP A 103 -65.27 -53.60 10.99
C ASP A 103 -65.76 -52.77 12.16
N ILE A 104 -65.04 -51.67 12.47
CA ILE A 104 -65.46 -50.75 13.54
C ILE A 104 -66.38 -49.63 12.99
N LYS A 105 -66.86 -49.84 11.76
CA LYS A 105 -67.83 -48.94 11.12
C LYS A 105 -67.41 -47.47 11.16
N PHE A 106 -66.24 -47.19 10.60
CA PHE A 106 -65.77 -45.82 10.36
C PHE A 106 -66.20 -45.38 8.95
N ALA A 107 -66.24 -46.35 8.03
CA ALA A 107 -66.84 -46.18 6.71
C ALA A 107 -67.54 -47.46 6.31
N SER A 108 -68.52 -47.36 5.41
CA SER A 108 -69.30 -48.53 4.98
C SER A 108 -68.46 -49.50 4.14
N ASN A 109 -67.62 -48.95 3.24
CA ASN A 109 -66.72 -49.74 2.39
C ASN A 109 -65.32 -49.12 2.25
N GLU A 110 -64.41 -49.82 1.59
CA GLU A 110 -63.03 -49.34 1.39
C GLU A 110 -62.98 -48.08 0.52
N GLU A 111 -63.80 -48.10 -0.54
CA GLU A 111 -63.95 -47.00 -1.49
C GLU A 111 -63.95 -45.60 -0.85
N ASP A 112 -64.75 -45.38 0.18
CA ASP A 112 -64.79 -44.06 0.79
C ASP A 112 -64.16 -43.95 2.17
N TYR A 113 -63.44 -44.99 2.59
CA TYR A 113 -62.47 -44.81 3.67
C TYR A 113 -61.31 -43.98 3.12
N TYR A 114 -60.85 -44.37 1.92
CA TYR A 114 -59.75 -43.71 1.24
C TYR A 114 -60.11 -42.32 0.71
N ASN A 115 -61.31 -42.18 0.15
CA ASN A 115 -61.81 -40.86 -0.24
C ASN A 115 -61.74 -39.88 0.91
N PHE A 116 -62.15 -40.34 2.09
CA PHE A 116 -62.07 -39.53 3.30
C PHE A 116 -60.61 -39.29 3.69
N LEU A 117 -59.84 -40.38 3.81
CA LEU A 117 -58.44 -40.30 4.25
C LEU A 117 -57.65 -39.36 3.37
N HIS A 118 -57.90 -39.44 2.06
CA HIS A 118 -57.27 -38.55 1.09
C HIS A 118 -57.50 -37.09 1.45
N GLU A 119 -58.75 -36.74 1.68
CA GLU A 119 -59.13 -35.37 1.97
C GLU A 119 -58.73 -34.93 3.37
N LEU A 120 -58.59 -35.90 4.28
CA LEU A 120 -57.99 -35.58 5.56
C LEU A 120 -56.52 -35.19 5.38
N SER A 121 -55.75 -36.04 4.71
CA SER A 121 -54.34 -35.77 4.40
C SER A 121 -54.18 -34.44 3.66
N LEU A 122 -55.00 -34.21 2.64
CA LEU A 122 -55.03 -32.90 2.00
C LEU A 122 -55.24 -31.79 3.03
N GLU A 123 -56.32 -31.87 3.80
CA GLU A 123 -56.61 -30.85 4.80
C GLU A 123 -55.62 -30.76 5.97
N TYR A 124 -55.06 -31.90 6.37
CA TYR A 124 -54.09 -31.91 7.45
C TYR A 124 -52.77 -31.26 7.07
N THR A 125 -52.35 -31.38 5.82
CA THR A 125 -51.08 -30.75 5.42
C THR A 125 -51.31 -29.28 5.10
N ARG A 126 -52.45 -28.99 4.49
CA ARG A 126 -52.86 -27.62 4.24
C ARG A 126 -52.75 -26.83 5.52
N ARG A 127 -53.15 -27.45 6.63
CA ARG A 127 -53.11 -26.78 7.92
C ARG A 127 -51.67 -26.57 8.40
N LYS A 128 -50.80 -27.56 8.21
CA LYS A 128 -49.41 -27.44 8.63
C LYS A 128 -48.68 -26.41 7.78
N LEU A 129 -48.97 -26.42 6.47
CA LEU A 129 -48.42 -25.46 5.51
C LEU A 129 -48.65 -24.01 5.92
N ARG A 130 -49.74 -23.77 6.65
CA ARG A 130 -50.11 -22.43 7.05
C ARG A 130 -49.28 -21.95 8.24
N SER A 131 -49.18 -22.79 9.27
CA SER A 131 -48.40 -22.42 10.45
C SER A 131 -46.90 -22.36 10.20
N ALA A 132 -46.45 -22.97 9.09
CA ALA A 132 -45.07 -22.83 8.68
C ALA A 132 -44.84 -21.46 8.04
N ALA A 133 -45.79 -21.03 7.22
CA ALA A 133 -45.76 -19.72 6.57
C ALA A 133 -45.95 -18.59 7.57
N GLN A 134 -46.62 -18.89 8.68
CA GLN A 134 -46.97 -17.91 9.71
C GLN A 134 -45.80 -17.58 10.69
N LYS A 135 -44.63 -18.22 10.53
CA LYS A 135 -43.48 -17.91 11.37
C LYS A 135 -42.94 -16.56 10.99
N ARG A 136 -42.65 -15.74 12.01
CA ARG A 136 -42.21 -14.34 11.78
C ARG A 136 -40.77 -14.20 11.25
N ASP A 137 -39.94 -15.21 11.46
CA ASP A 137 -38.54 -15.16 11.00
C ASP A 137 -38.38 -15.26 9.48
N LEU A 138 -39.38 -15.79 8.79
CA LEU A 138 -39.32 -15.95 7.35
C LEU A 138 -39.29 -14.61 6.63
N LEU A 139 -39.92 -13.61 7.21
CA LEU A 139 -39.98 -12.28 6.61
C LEU A 139 -38.67 -11.55 6.84
N ALA A 140 -38.05 -11.83 7.96
CA ALA A 140 -36.73 -11.28 8.25
C ALA A 140 -35.74 -11.77 7.18
N ILE A 141 -35.83 -13.07 6.87
CA ILE A 141 -34.97 -13.71 5.89
C ILE A 141 -35.16 -13.11 4.48
N GLN A 142 -36.41 -13.02 4.02
CA GLN A 142 -36.72 -12.52 2.69
C GLN A 142 -36.23 -11.09 2.52
N ALA A 143 -36.48 -10.26 3.53
CA ALA A 143 -36.13 -8.87 3.45
C ALA A 143 -34.64 -8.68 3.29
N VAL A 144 -33.83 -9.33 4.14
CA VAL A 144 -32.36 -9.24 4.06
C VAL A 144 -31.85 -9.81 2.72
N ARG A 145 -32.47 -10.86 2.23
CA ARG A 145 -32.13 -11.37 0.92
C ARG A 145 -32.36 -10.29 -0.14
N ALA A 146 -33.52 -9.64 -0.10
CA ALA A 146 -33.84 -8.57 -1.05
C ALA A 146 -32.90 -7.38 -0.87
N MET A 147 -32.48 -7.13 0.36
CA MET A 147 -31.50 -6.10 0.64
C MET A 147 -30.16 -6.41 -0.01
N ASP A 148 -29.77 -7.69 -0.01
CA ASP A 148 -28.50 -8.11 -0.60
C ASP A 148 -28.58 -8.09 -2.12
N ASP A 149 -29.80 -8.21 -2.64
CA ASP A 149 -30.05 -8.05 -4.06
C ASP A 149 -29.91 -6.60 -4.44
N ILE A 150 -30.48 -5.72 -3.63
CA ILE A 150 -30.46 -4.31 -3.93
C ILE A 150 -29.03 -3.81 -3.87
N ASP A 151 -28.31 -4.19 -2.80
CA ASP A 151 -26.89 -3.85 -2.64
C ASP A 151 -26.14 -4.17 -3.92
N LYS A 152 -26.30 -5.41 -4.38
CA LYS A 152 -25.64 -5.93 -5.57
C LYS A 152 -25.98 -5.12 -6.82
N THR A 153 -27.25 -4.73 -6.94
CA THR A 153 -27.74 -3.97 -8.09
C THR A 153 -27.21 -2.54 -8.08
N ILE A 154 -27.27 -1.90 -6.93
CA ILE A 154 -26.76 -0.54 -6.77
C ILE A 154 -25.33 -0.50 -7.29
N ASN A 155 -24.52 -1.47 -6.87
CA ASN A 155 -23.14 -1.53 -7.30
C ASN A 155 -22.98 -1.79 -8.81
N LEU A 156 -23.79 -2.70 -9.35
CA LEU A 156 -23.75 -2.97 -10.79
C LEU A 156 -24.15 -1.74 -11.61
N PHE A 157 -25.20 -1.06 -11.22
CA PHE A 157 -25.69 0.10 -11.96
C PHE A 157 -24.73 1.29 -11.88
N SER A 158 -24.17 1.49 -10.69
CA SER A 158 -23.26 2.59 -10.44
C SER A 158 -21.97 2.41 -11.22
N GLU A 159 -21.51 1.16 -11.33
CA GLU A 159 -20.34 0.87 -12.15
C GLU A 159 -20.66 1.11 -13.63
N ARG A 160 -21.87 0.72 -14.04
CA ARG A 160 -22.34 0.96 -15.39
C ARG A 160 -22.46 2.44 -15.65
N LEU A 161 -23.14 3.16 -14.75
CA LEU A 161 -23.36 4.57 -14.95
C LEU A 161 -22.07 5.33 -15.13
N ARG A 162 -21.09 5.08 -14.28
CA ARG A 162 -19.81 5.81 -14.34
C ARG A 162 -19.12 5.58 -15.67
N GLU A 163 -19.11 4.32 -16.11
CA GLU A 163 -18.55 3.97 -17.42
C GLU A 163 -19.31 4.67 -18.55
N TRP A 164 -20.62 4.86 -18.34
CA TRP A 164 -21.50 5.39 -19.36
C TRP A 164 -21.37 6.89 -19.38
N TYR A 165 -21.60 7.52 -18.23
CA TYR A 165 -21.62 8.97 -18.15
C TYR A 165 -20.26 9.54 -18.40
N SER A 166 -19.22 8.72 -18.22
CA SER A 166 -17.84 9.17 -18.50
C SER A 166 -17.54 9.43 -19.98
N ILE A 167 -18.49 9.10 -20.87
CA ILE A 167 -18.31 9.46 -22.28
C ILE A 167 -18.46 10.98 -22.41
N HIS A 168 -19.32 11.54 -21.58
CA HIS A 168 -19.57 12.96 -21.62
C HIS A 168 -18.70 13.77 -20.67
N PHE A 169 -18.42 13.22 -19.49
CA PHE A 169 -17.75 13.99 -18.47
C PHE A 169 -16.90 13.05 -17.63
N PRO A 170 -15.77 12.61 -18.22
CA PRO A 170 -14.91 11.56 -17.69
C PRO A 170 -14.23 11.95 -16.39
N GLU A 171 -13.93 13.23 -16.21
CA GLU A 171 -13.16 13.68 -15.05
C GLU A 171 -13.96 13.61 -13.74
N LEU A 172 -15.28 13.52 -13.85
CA LEU A 172 -16.15 13.51 -12.70
C LEU A 172 -16.05 12.20 -11.94
N ASP A 173 -15.73 11.13 -12.66
CA ASP A 173 -15.60 9.78 -12.10
C ASP A 173 -14.63 9.70 -10.93
N LYS A 174 -13.39 10.16 -11.10
CA LYS A 174 -12.40 10.09 -10.02
C LYS A 174 -12.57 11.21 -9.01
N LEU A 175 -13.46 12.16 -9.30
CA LEU A 175 -13.70 13.28 -8.40
C LEU A 175 -14.81 12.98 -7.38
N ILE A 176 -15.68 12.03 -7.72
CA ILE A 176 -16.74 11.64 -6.80
C ILE A 176 -16.63 10.16 -6.46
N GLU A 177 -16.15 9.92 -5.23
CA GLU A 177 -15.93 8.60 -4.71
C GLU A 177 -17.26 7.92 -4.52
N ASP A 178 -18.19 8.65 -3.92
CA ASP A 178 -19.45 8.08 -3.46
C ASP A 178 -20.41 7.85 -4.62
N HIS A 179 -20.96 6.64 -4.72
CA HIS A 179 -21.89 6.33 -5.81
C HIS A 179 -23.17 7.16 -5.76
N GLU A 180 -23.77 7.28 -4.57
CA GLU A 180 -25.01 8.04 -4.41
C GLU A 180 -24.80 9.49 -4.86
N GLU A 181 -23.68 10.10 -4.46
CA GLU A 181 -23.39 11.47 -4.90
C GLU A 181 -23.26 11.54 -6.41
N TYR A 182 -22.42 10.68 -6.98
CA TYR A 182 -22.25 10.62 -8.44
C TYR A 182 -23.62 10.61 -9.12
N ALA A 183 -24.45 9.63 -8.77
CA ALA A 183 -25.77 9.48 -9.34
C ALA A 183 -26.60 10.75 -9.24
N THR A 184 -26.54 11.41 -8.07
CA THR A 184 -27.31 12.64 -7.86
C THR A 184 -26.90 13.68 -8.87
N ILE A 185 -25.61 13.75 -9.20
CA ILE A 185 -25.14 14.73 -10.16
C ILE A 185 -25.72 14.47 -11.55
N VAL A 186 -25.56 13.25 -12.05
CA VAL A 186 -26.09 12.86 -13.36
C VAL A 186 -27.61 12.99 -13.38
N SER A 187 -28.25 12.70 -12.26
CA SER A 187 -29.67 12.86 -12.16
C SER A 187 -30.14 14.31 -12.21
N ARG A 188 -29.55 15.17 -11.39
CA ARG A 188 -30.05 16.55 -11.21
C ARG A 188 -29.68 17.49 -12.34
N PHE A 189 -28.48 17.31 -12.91
CA PHE A 189 -27.96 18.27 -13.87
C PHE A 189 -28.18 17.89 -15.33
N GLY A 190 -27.69 16.72 -15.72
CA GLY A 190 -27.71 16.31 -17.11
C GLY A 190 -26.40 16.67 -17.78
N ASP A 191 -26.46 17.64 -18.71
CA ASP A 191 -25.26 18.09 -19.40
C ASP A 191 -24.30 18.57 -18.34
N ARG A 192 -23.01 18.53 -18.64
CA ARG A 192 -21.98 18.96 -17.69
C ARG A 192 -22.02 20.47 -17.54
N GLY A 193 -22.49 21.15 -18.59
CA GLY A 193 -22.59 22.58 -18.59
C GLY A 193 -23.83 23.11 -17.93
N PHE A 194 -24.52 22.26 -17.16
CA PHE A 194 -25.73 22.68 -16.44
C PHE A 194 -25.53 22.62 -14.96
N LEU A 195 -24.32 22.28 -14.53
CA LEU A 195 -23.98 22.26 -13.11
C LEU A 195 -24.02 23.67 -12.55
N THR A 196 -24.55 23.84 -11.35
CA THR A 196 -24.46 25.16 -10.73
C THR A 196 -24.19 25.16 -9.23
N ILE A 197 -23.55 26.24 -8.77
CA ILE A 197 -22.94 26.35 -7.43
C ILE A 197 -23.92 25.99 -6.30
N ASP A 198 -25.08 26.62 -6.31
CA ASP A 198 -26.02 26.54 -5.18
C ASP A 198 -26.76 25.20 -5.16
N SER A 199 -27.09 24.72 -6.35
CA SER A 199 -27.64 23.38 -6.53
C SER A 199 -26.67 22.33 -6.00
N LEU A 200 -25.36 22.64 -6.07
CA LEU A 200 -24.32 21.77 -5.51
C LEU A 200 -24.07 21.99 -4.03
N LYS A 201 -24.17 23.23 -3.56
CA LYS A 201 -24.08 23.53 -2.12
C LYS A 201 -25.15 22.77 -1.34
N GLU A 202 -26.25 22.46 -2.02
CA GLU A 202 -27.44 21.82 -1.46
C GLU A 202 -27.22 20.34 -1.12
N LEU A 203 -26.31 19.68 -1.83
CA LEU A 203 -25.94 18.29 -1.53
C LEU A 203 -25.11 18.16 -0.26
N GLY A 204 -24.28 19.17 0.00
CA GLY A 204 -23.40 19.19 1.15
C GLY A 204 -21.99 19.48 0.72
N PHE A 205 -21.79 19.67 -0.58
CA PHE A 205 -20.47 19.91 -1.15
C PHE A 205 -19.84 21.19 -0.60
N ASN A 206 -18.65 21.04 -0.04
CA ASN A 206 -17.93 22.18 0.50
C ASN A 206 -17.45 23.11 -0.61
N GLU A 207 -17.49 24.40 -0.29
CA GLU A 207 -16.98 25.48 -1.14
C GLU A 207 -15.92 25.03 -2.16
N GLN A 208 -14.87 24.38 -1.66
CA GLN A 208 -13.69 24.07 -2.49
C GLN A 208 -13.99 23.03 -3.57
N ARG A 209 -14.80 22.02 -3.24
CA ARG A 209 -15.08 20.92 -4.17
C ARG A 209 -15.95 21.38 -5.33
N ILE A 210 -16.97 22.18 -5.02
CA ILE A 210 -17.83 22.74 -6.05
C ILE A 210 -16.98 23.32 -7.17
N ASN A 211 -15.96 24.09 -6.78
CA ASN A 211 -15.03 24.74 -7.72
C ASN A 211 -14.22 23.76 -8.56
N ARG A 212 -13.78 22.67 -7.95
CA ARG A 212 -12.99 21.68 -8.68
C ARG A 212 -13.87 20.98 -9.71
N ILE A 213 -15.10 20.64 -9.32
CA ILE A 213 -16.06 20.00 -10.24
C ILE A 213 -16.37 20.89 -11.45
N LEU A 214 -16.70 22.16 -11.18
CA LEU A 214 -17.05 23.13 -12.22
C LEU A 214 -15.90 23.39 -13.19
N ASP A 215 -14.69 23.52 -12.66
CA ASP A 215 -13.51 23.70 -13.49
C ASP A 215 -13.20 22.46 -14.33
N ALA A 216 -13.49 21.29 -13.76
CA ALA A 216 -13.34 20.01 -14.44
C ALA A 216 -14.28 19.94 -15.62
N ALA A 217 -15.50 20.46 -15.43
CA ALA A 217 -16.53 20.45 -16.47
C ALA A 217 -16.21 21.44 -17.58
N LYS A 218 -15.65 22.58 -17.22
CA LYS A 218 -15.25 23.60 -18.19
C LYS A 218 -14.15 23.06 -19.11
N LYS A 219 -13.09 22.52 -18.51
CA LYS A 219 -11.95 22.06 -19.27
C LYS A 219 -12.10 20.61 -19.72
N SER A 220 -13.31 20.07 -19.60
CA SER A 220 -13.56 18.65 -19.84
C SER A 220 -13.22 18.22 -21.27
N ILE A 221 -12.53 17.08 -21.40
CA ILE A 221 -12.24 16.49 -22.70
C ILE A 221 -13.28 15.42 -23.04
N GLY A 222 -14.49 15.59 -22.53
CA GLY A 222 -15.59 14.66 -22.78
C GLY A 222 -16.28 14.96 -24.08
N ALA A 223 -17.32 14.18 -24.39
CA ALA A 223 -18.03 14.28 -25.67
C ALA A 223 -19.25 15.18 -25.60
N ASP A 224 -19.45 15.97 -26.66
CA ASP A 224 -20.68 16.73 -26.82
C ASP A 224 -21.75 15.83 -27.42
N ILE A 225 -22.90 15.82 -26.74
CA ILE A 225 -23.86 14.75 -26.84
C ILE A 225 -25.28 15.30 -26.78
N SER A 226 -26.22 14.58 -27.39
CA SER A 226 -27.61 15.03 -27.48
C SER A 226 -28.38 14.89 -26.17
N GLU A 227 -29.55 15.52 -26.09
CA GLU A 227 -30.40 15.35 -24.92
C GLU A 227 -31.03 13.97 -24.88
N ASP A 228 -31.20 13.34 -26.03
CA ASP A 228 -31.67 11.96 -26.05
C ASP A 228 -30.66 11.09 -25.32
N ASP A 229 -29.39 11.24 -25.66
CA ASP A 229 -28.33 10.45 -25.04
C ASP A 229 -28.23 10.64 -23.53
N LEU A 230 -28.38 11.87 -23.07
CA LEU A 230 -28.22 12.16 -21.65
C LEU A 230 -29.36 11.58 -20.81
N SER A 231 -30.59 11.72 -21.28
CA SER A 231 -31.71 11.20 -20.50
C SER A 231 -31.67 9.69 -20.39
N ALA A 232 -31.10 9.04 -21.41
CA ALA A 232 -30.88 7.60 -21.39
C ALA A 232 -30.02 7.22 -20.19
N MET A 233 -28.89 7.91 -20.03
CA MET A 233 -28.01 7.75 -18.86
C MET A 233 -28.77 8.12 -17.57
N ARG A 234 -29.53 9.21 -17.61
CA ARG A 234 -30.27 9.69 -16.43
C ARG A 234 -31.33 8.71 -15.89
N MET A 235 -31.81 7.82 -16.75
CA MET A 235 -32.73 6.76 -16.31
C MET A 235 -32.07 5.85 -15.30
N ILE A 236 -30.82 5.48 -15.57
CA ILE A 236 -30.06 4.65 -14.66
C ILE A 236 -29.78 5.41 -13.36
N ALA A 237 -29.43 6.68 -13.47
CA ALA A 237 -29.14 7.50 -12.29
C ALA A 237 -30.33 7.57 -11.34
N ASN A 238 -31.52 7.75 -11.89
CA ASN A 238 -32.71 7.84 -11.08
C ASN A 238 -33.08 6.52 -10.43
N THR A 239 -32.76 5.42 -11.12
CA THR A 239 -32.98 4.09 -10.58
C THR A 239 -32.03 3.84 -9.43
N ILE A 240 -30.78 4.28 -9.59
CA ILE A 240 -29.83 4.15 -8.52
C ILE A 240 -30.38 4.86 -7.28
N LEU A 241 -30.80 6.11 -7.46
CA LEU A 241 -31.28 6.90 -6.33
C LEU A 241 -32.48 6.25 -5.68
N ASP A 242 -33.47 5.84 -6.47
CA ASP A 242 -34.61 5.08 -5.97
C ASP A 242 -34.18 3.95 -5.04
N LEU A 243 -33.23 3.14 -5.51
CA LEU A 243 -32.80 1.92 -4.85
C LEU A 243 -32.15 2.21 -3.50
N TYR A 244 -31.47 3.36 -3.40
CA TYR A 244 -30.88 3.79 -2.14
C TYR A 244 -31.94 4.09 -1.09
N ASN A 245 -33.06 4.67 -1.53
CA ASN A 245 -34.19 4.92 -0.62
C ASN A 245 -34.84 3.63 -0.22
N ILE A 246 -35.06 2.76 -1.19
CA ILE A 246 -35.65 1.46 -0.91
C ILE A 246 -34.76 0.69 0.06
N ARG A 247 -33.45 0.81 -0.09
CA ARG A 247 -32.55 0.11 0.80
C ARG A 247 -32.72 0.55 2.26
N ARG A 248 -32.69 1.87 2.47
CA ARG A 248 -32.81 2.46 3.80
C ARG A 248 -34.15 2.14 4.42
N ASN A 249 -35.20 2.14 3.60
CA ASN A 249 -36.52 1.70 4.02
C ASN A 249 -36.54 0.24 4.48
N LEU A 250 -35.81 -0.60 3.75
CA LEU A 250 -35.72 -2.03 4.06
C LEU A 250 -34.88 -2.29 5.29
N ASN A 251 -33.87 -1.45 5.54
CA ASN A 251 -33.06 -1.57 6.76
C ASN A 251 -33.90 -1.32 8.00
N ASN A 252 -34.71 -0.25 7.95
CA ASN A 252 -35.61 0.07 9.04
C ASN A 252 -36.69 -0.97 9.25
N TYR A 253 -37.26 -1.47 8.16
CA TYR A 253 -38.23 -2.53 8.29
C TYR A 253 -37.58 -3.73 8.95
N LEU A 254 -36.38 -4.07 8.47
CA LEU A 254 -35.62 -5.21 8.97
C LEU A 254 -35.31 -5.08 10.47
N GLU A 255 -34.80 -3.92 10.87
CA GLU A 255 -34.54 -3.61 12.29
C GLU A 255 -35.74 -3.91 13.19
N GLY A 256 -36.92 -3.54 12.71
CA GLY A 256 -38.16 -3.77 13.45
C GLY A 256 -38.43 -5.24 13.68
N VAL A 257 -38.32 -6.04 12.61
CA VAL A 257 -38.63 -7.46 12.68
C VAL A 257 -37.57 -8.21 13.47
N MET A 258 -36.33 -7.78 13.35
CA MET A 258 -35.18 -8.50 13.89
C MET A 258 -35.12 -8.37 15.41
N LYS A 259 -35.54 -7.21 15.91
CA LYS A 259 -35.62 -6.95 17.35
C LYS A 259 -36.77 -7.71 17.95
N GLU A 260 -37.85 -7.80 17.18
CA GLU A 260 -39.00 -8.63 17.54
C GLU A 260 -38.64 -10.14 17.56
N VAL A 261 -38.03 -10.65 16.50
CA VAL A 261 -37.86 -12.10 16.35
C VAL A 261 -36.58 -12.68 16.97
N ALA A 262 -35.53 -11.86 17.02
CA ALA A 262 -34.25 -12.31 17.58
C ALA A 262 -33.45 -11.16 18.25
N PRO A 263 -33.97 -10.63 19.37
CA PRO A 263 -33.39 -9.48 20.06
C PRO A 263 -31.96 -9.68 20.56
N ASN A 264 -31.64 -10.87 21.04
CA ASN A 264 -30.30 -11.12 21.56
C ASN A 264 -29.24 -11.12 20.45
N VAL A 265 -29.55 -11.81 19.35
CA VAL A 265 -28.69 -11.83 18.17
C VAL A 265 -28.52 -10.43 17.61
N THR A 266 -29.64 -9.70 17.52
CA THR A 266 -29.63 -8.32 17.02
C THR A 266 -28.70 -7.45 17.87
N ALA A 267 -28.82 -7.58 19.19
CA ALA A 267 -27.95 -6.86 20.12
C ALA A 267 -26.46 -7.04 19.79
N LEU A 268 -26.11 -8.24 19.32
CA LEU A 268 -24.70 -8.58 19.09
C LEU A 268 -24.14 -8.09 17.76
N VAL A 269 -24.88 -8.33 16.66
CA VAL A 269 -24.34 -8.06 15.32
C VAL A 269 -25.17 -7.11 14.47
N GLY A 270 -26.23 -6.56 15.04
CA GLY A 270 -27.09 -5.66 14.30
C GLY A 270 -28.20 -6.41 13.61
N PRO A 271 -29.18 -5.69 13.04
CA PRO A 271 -30.29 -6.35 12.35
C PRO A 271 -29.82 -7.13 11.13
N ALA A 272 -29.14 -6.46 10.19
CA ALA A 272 -28.76 -7.06 8.89
C ALA A 272 -27.97 -8.35 9.04
N LEU A 273 -26.84 -8.28 9.73
CA LEU A 273 -25.97 -9.43 9.89
C LEU A 273 -26.64 -10.56 10.68
N GLY A 274 -27.53 -10.21 11.60
CA GLY A 274 -28.31 -11.22 12.30
C GLY A 274 -29.26 -11.96 11.36
N ALA A 275 -30.01 -11.18 10.57
CA ALA A 275 -30.90 -11.70 9.54
C ALA A 275 -30.14 -12.55 8.51
N ARG A 276 -29.00 -12.05 8.08
CA ARG A 276 -28.14 -12.75 7.13
C ARG A 276 -27.82 -14.16 7.64
N LEU A 277 -27.50 -14.24 8.94
CA LEU A 277 -27.21 -15.49 9.61
C LEU A 277 -28.43 -16.41 9.68
N LEU A 278 -29.61 -15.81 9.85
CA LEU A 278 -30.85 -16.57 9.81
C LEU A 278 -31.09 -17.15 8.42
N SER A 279 -30.80 -16.35 7.40
CA SER A 279 -30.99 -16.72 5.99
C SER A 279 -30.09 -17.86 5.52
N ILE A 280 -28.86 -17.92 6.05
CA ILE A 280 -27.96 -19.01 5.72
C ILE A 280 -28.34 -20.26 6.51
N ALA A 281 -28.71 -20.09 7.77
CA ALA A 281 -29.14 -21.21 8.59
C ALA A 281 -30.50 -21.79 8.16
N GLY A 282 -31.39 -20.94 7.66
CA GLY A 282 -32.71 -21.39 7.23
C GLY A 282 -33.83 -20.93 8.15
N SER A 283 -33.56 -20.95 9.45
CA SER A 283 -34.50 -20.45 10.44
C SER A 283 -33.74 -20.05 11.71
N LEU A 284 -34.46 -19.49 12.68
CA LEU A 284 -33.87 -19.18 13.99
C LEU A 284 -33.59 -20.47 14.78
N ASP A 285 -34.54 -21.40 14.73
CA ASP A 285 -34.43 -22.70 15.41
C ASP A 285 -33.28 -23.54 14.86
N GLU A 286 -32.94 -23.31 13.59
CA GLU A 286 -31.79 -23.97 12.98
C GLU A 286 -30.50 -23.28 13.40
N LEU A 287 -30.53 -21.96 13.45
CA LEU A 287 -29.37 -21.22 13.93
C LEU A 287 -29.03 -21.63 15.36
N ALA A 288 -30.05 -21.73 16.21
CA ALA A 288 -29.84 -22.09 17.62
C ALA A 288 -29.18 -23.45 17.79
N LYS A 289 -29.55 -24.41 16.95
CA LYS A 289 -29.03 -25.78 17.04
C LYS A 289 -27.57 -25.91 16.57
N MET A 290 -26.99 -24.82 16.10
CA MET A 290 -25.65 -24.88 15.55
C MET A 290 -24.58 -24.72 16.63
N PRO A 291 -23.45 -25.42 16.51
CA PRO A 291 -22.30 -25.12 17.36
C PRO A 291 -21.66 -23.83 16.88
N ALA A 292 -20.85 -23.18 17.72
CA ALA A 292 -20.26 -21.90 17.31
C ALA A 292 -19.35 -22.08 16.11
N SER A 293 -18.68 -23.23 16.06
CA SER A 293 -17.71 -23.53 14.98
C SER A 293 -18.35 -23.60 13.60
N THR A 294 -19.67 -23.70 13.56
CA THR A 294 -20.44 -23.62 12.33
C THR A 294 -20.79 -22.16 12.08
N ILE A 295 -21.43 -21.53 13.07
CA ILE A 295 -21.85 -20.14 13.00
C ILE A 295 -20.70 -19.23 12.60
N GLN A 296 -19.49 -19.60 13.01
CA GLN A 296 -18.28 -18.85 12.70
C GLN A 296 -17.90 -18.88 11.21
N VAL A 297 -18.40 -19.88 10.47
CA VAL A 297 -17.98 -20.05 9.08
C VAL A 297 -19.13 -20.01 8.05
N LEU A 298 -20.38 -19.96 8.51
CA LEU A 298 -21.54 -19.73 7.64
C LEU A 298 -21.23 -18.65 6.62
N GLY A 299 -21.66 -18.84 5.38
CA GLY A 299 -21.02 -18.15 4.24
C GLY A 299 -19.79 -18.99 3.99
N ALA A 300 -18.77 -18.48 3.34
CA ALA A 300 -17.46 -19.19 3.30
C ALA A 300 -17.49 -20.73 3.10
N GLU A 301 -18.56 -21.26 2.50
CA GLU A 301 -18.65 -22.70 2.31
C GLU A 301 -17.64 -23.18 1.29
N LYS A 302 -17.42 -22.42 0.20
CA LYS A 302 -16.40 -22.80 -0.76
C LYS A 302 -15.05 -22.94 -0.06
N ALA A 303 -14.78 -22.01 0.85
CA ALA A 303 -13.55 -22.02 1.61
C ALA A 303 -13.50 -23.20 2.56
N LEU A 304 -14.65 -23.53 3.16
CA LEU A 304 -14.68 -24.59 4.17
C LEU A 304 -14.44 -25.94 3.53
N PHE A 305 -15.28 -26.29 2.56
CA PHE A 305 -15.20 -27.61 1.96
C PHE A 305 -13.91 -27.84 1.18
N ARG A 306 -13.21 -26.75 0.84
CA ARG A 306 -11.92 -26.86 0.19
C ARG A 306 -10.96 -27.40 1.22
N ALA A 307 -11.05 -26.84 2.42
CA ALA A 307 -10.18 -27.22 3.54
C ALA A 307 -10.50 -28.62 4.02
N LEU A 308 -11.77 -28.95 4.09
CA LEU A 308 -12.18 -30.26 4.56
C LEU A 308 -11.82 -31.38 3.59
N ARG A 309 -11.82 -31.09 2.30
CA ARG A 309 -11.47 -32.10 1.29
C ARG A 309 -9.98 -32.37 1.23
N SER A 310 -9.19 -31.33 1.44
CA SER A 310 -7.74 -31.41 1.23
C SER A 310 -6.92 -31.35 2.51
N GLY A 311 -7.54 -31.00 3.63
CA GLY A 311 -6.82 -30.87 4.89
C GLY A 311 -5.93 -29.64 4.93
N GLY A 312 -6.31 -28.62 4.17
CA GLY A 312 -5.60 -27.34 4.19
C GLY A 312 -6.14 -26.44 5.28
N ARG A 313 -5.86 -25.15 5.15
CA ARG A 313 -6.27 -24.13 6.12
C ARG A 313 -7.73 -23.73 5.91
N PRO A 314 -8.53 -23.78 6.98
CA PRO A 314 -9.94 -23.37 6.96
C PRO A 314 -10.15 -21.85 7.02
N PRO A 315 -11.36 -21.38 6.67
CA PRO A 315 -11.65 -19.96 6.85
C PRO A 315 -11.74 -19.61 8.33
N LYS A 316 -11.34 -18.39 8.67
CA LYS A 316 -11.43 -17.92 10.06
C LYS A 316 -12.84 -17.46 10.37
N HIS A 317 -13.53 -16.99 9.33
CA HIS A 317 -14.80 -16.28 9.46
C HIS A 317 -15.59 -16.38 8.16
N GLY A 318 -16.90 -16.49 8.28
CA GLY A 318 -17.79 -16.54 7.14
C GLY A 318 -18.42 -15.19 6.97
N ILE A 319 -19.74 -15.13 7.09
CA ILE A 319 -20.47 -13.86 6.92
C ILE A 319 -20.23 -12.94 8.12
N ILE A 320 -19.70 -13.54 9.18
CA ILE A 320 -19.28 -12.84 10.41
C ILE A 320 -18.18 -11.78 10.16
N PHE A 321 -17.44 -11.91 9.06
CA PHE A 321 -16.42 -10.94 8.67
C PHE A 321 -16.95 -9.53 8.68
N GLN A 322 -18.25 -9.38 8.42
CA GLN A 322 -18.87 -8.06 8.30
C GLN A 322 -18.94 -7.28 9.62
N TYR A 323 -18.80 -8.00 10.73
CA TYR A 323 -18.76 -7.40 12.07
C TYR A 323 -17.59 -6.41 12.16
N PRO A 324 -17.88 -5.12 12.46
CA PRO A 324 -16.86 -4.07 12.49
C PRO A 324 -15.55 -4.52 13.15
N ALA A 325 -15.66 -5.12 14.34
CA ALA A 325 -14.47 -5.56 15.08
C ALA A 325 -13.51 -6.45 14.29
N ILE A 326 -14.05 -7.22 13.35
CA ILE A 326 -13.21 -8.16 12.57
C ILE A 326 -12.47 -7.52 11.40
N HIS A 327 -13.19 -6.96 10.44
CA HIS A 327 -12.54 -6.55 9.18
C HIS A 327 -11.61 -5.35 9.37
N THR A 328 -11.83 -4.60 10.44
CA THR A 328 -10.96 -3.48 10.78
C THR A 328 -9.70 -3.95 11.50
N SER A 329 -9.81 -5.04 12.28
CA SER A 329 -8.69 -5.61 13.01
C SER A 329 -7.65 -6.28 12.10
N PRO A 330 -6.37 -6.22 12.51
CA PRO A 330 -5.29 -6.93 11.83
C PRO A 330 -5.55 -8.42 11.66
N ARG A 331 -4.88 -9.03 10.69
CA ARG A 331 -5.18 -10.41 10.27
C ARG A 331 -5.03 -11.46 11.36
N TRP A 332 -4.06 -11.28 12.26
CA TRP A 332 -3.78 -12.26 13.33
C TRP A 332 -4.76 -12.20 14.52
N GLN A 333 -5.48 -11.08 14.65
CA GLN A 333 -6.49 -10.93 15.70
C GLN A 333 -7.85 -11.46 15.25
N ARG A 334 -8.06 -11.50 13.94
CA ARG A 334 -9.37 -11.81 13.36
C ARG A 334 -9.92 -13.16 13.80
N GLY A 335 -9.07 -14.19 13.71
CA GLY A 335 -9.44 -15.54 14.12
C GLY A 335 -10.04 -15.59 15.51
N LYS A 336 -9.37 -14.96 16.47
CA LYS A 336 -9.81 -14.97 17.87
C LYS A 336 -11.10 -14.19 18.10
N ILE A 337 -11.25 -13.04 17.44
CA ILE A 337 -12.47 -12.24 17.57
C ILE A 337 -13.67 -12.97 16.99
N ALA A 338 -13.44 -13.67 15.88
CA ALA A 338 -14.47 -14.48 15.21
C ALA A 338 -14.93 -15.60 16.13
N ARG A 339 -13.98 -16.35 16.66
CA ARG A 339 -14.24 -17.48 17.56
C ARG A 339 -15.06 -17.04 18.78
N ALA A 340 -14.74 -15.86 19.30
CA ALA A 340 -15.40 -15.31 20.47
C ALA A 340 -16.82 -14.86 20.13
N LEU A 341 -16.96 -14.21 18.96
CA LEU A 341 -18.27 -13.72 18.49
C LEU A 341 -19.21 -14.90 18.27
N ALA A 342 -18.76 -15.85 17.45
CA ALA A 342 -19.52 -17.06 17.13
C ALA A 342 -19.97 -17.73 18.40
N ALA A 343 -19.06 -17.84 19.37
CA ALA A 343 -19.38 -18.43 20.66
C ALA A 343 -20.57 -17.72 21.31
N LYS A 344 -20.52 -16.38 21.39
CA LYS A 344 -21.61 -15.59 21.98
C LYS A 344 -22.88 -15.65 21.14
N LEU A 345 -22.72 -15.64 19.81
CA LEU A 345 -23.85 -15.73 18.88
C LEU A 345 -24.69 -16.99 19.10
N ALA A 346 -24.01 -18.11 19.35
CA ALA A 346 -24.66 -19.39 19.57
C ALA A 346 -25.53 -19.30 20.79
N ILE A 347 -24.97 -18.73 21.87
CA ILE A 347 -25.71 -18.47 23.10
C ILE A 347 -26.89 -17.52 22.86
N ALA A 348 -26.61 -16.45 22.12
CA ALA A 348 -27.62 -15.46 21.74
C ALA A 348 -28.76 -16.14 20.99
N ALA A 349 -28.42 -16.97 20.02
CA ALA A 349 -29.41 -17.66 19.20
C ALA A 349 -30.32 -18.53 20.06
N ARG A 350 -29.70 -19.25 21.00
CA ARG A 350 -30.42 -20.19 21.85
C ARG A 350 -31.38 -19.54 22.84
N VAL A 351 -30.98 -18.41 23.43
CA VAL A 351 -31.90 -17.67 24.30
C VAL A 351 -33.04 -17.05 23.49
N ASP A 352 -32.72 -16.61 22.27
CA ASP A 352 -33.70 -16.10 21.32
C ASP A 352 -34.69 -17.16 20.86
N ALA A 353 -34.19 -18.35 20.54
CA ALA A 353 -35.00 -19.43 20.00
C ALA A 353 -35.89 -20.06 21.04
N PHE A 354 -35.30 -20.42 22.18
CA PHE A 354 -36.01 -21.14 23.23
C PHE A 354 -36.70 -20.22 24.23
N SER A 355 -37.09 -19.04 23.73
CA SER A 355 -38.04 -18.11 24.36
C SER A 355 -37.43 -17.01 25.21
N GLY A 356 -36.30 -17.29 25.87
CA GLY A 356 -35.66 -16.38 26.83
C GLY A 356 -35.66 -14.90 26.51
N ARG A 357 -36.02 -14.08 27.50
CA ARG A 357 -36.09 -12.63 27.34
C ARG A 357 -34.69 -11.99 27.36
N PHE A 358 -34.55 -10.97 26.51
CA PHE A 358 -33.33 -10.19 26.27
C PHE A 358 -32.25 -10.23 27.36
N ILE A 359 -31.06 -10.69 26.96
CA ILE A 359 -29.85 -10.65 27.79
C ILE A 359 -28.65 -10.19 26.95
N GLY A 360 -28.94 -9.43 25.90
CA GLY A 360 -27.93 -9.00 24.93
C GLY A 360 -26.90 -8.02 25.47
N ASP A 361 -27.25 -7.33 26.54
CA ASP A 361 -26.38 -6.31 27.12
C ASP A 361 -25.12 -6.91 27.74
N GLN A 362 -25.29 -7.92 28.59
CA GLN A 362 -24.16 -8.61 29.22
C GLN A 362 -23.37 -9.40 28.20
N LEU A 363 -24.06 -9.92 27.20
CA LEU A 363 -23.39 -10.60 26.09
C LEU A 363 -22.43 -9.67 25.34
N ASN A 364 -22.90 -8.47 25.00
CA ASN A 364 -22.07 -7.44 24.37
C ASN A 364 -20.86 -7.06 25.21
N GLU A 365 -21.12 -6.88 26.50
CA GLU A 365 -20.11 -6.51 27.49
C GLU A 365 -19.05 -7.61 27.62
N GLN A 366 -19.50 -8.86 27.72
CA GLN A 366 -18.62 -10.03 27.74
C GLN A 366 -17.76 -10.09 26.49
N LEU A 367 -18.38 -9.79 25.35
CA LEU A 367 -17.69 -9.79 24.07
C LEU A 367 -16.65 -8.67 23.98
N LYS A 368 -17.04 -7.45 24.32
CA LYS A 368 -16.13 -6.31 24.22
C LYS A 368 -14.94 -6.43 25.17
N LYS A 369 -15.16 -7.10 26.31
CA LYS A 369 -14.06 -7.45 27.22
C LYS A 369 -13.06 -8.35 26.53
N ARG A 370 -13.55 -9.43 25.94
CA ARG A 370 -12.74 -10.43 25.25
C ARG A 370 -11.98 -9.77 24.10
N ILE A 371 -12.62 -8.82 23.43
CA ILE A 371 -12.00 -8.10 22.31
C ILE A 371 -10.89 -7.18 22.80
N ASP A 372 -11.15 -6.43 23.87
CA ASP A 372 -10.16 -5.54 24.47
C ASP A 372 -8.88 -6.25 24.92
N GLU A 373 -9.05 -7.49 25.40
CA GLU A 373 -7.92 -8.33 25.79
C GLU A 373 -7.10 -8.76 24.57
N ILE A 374 -7.80 -9.19 23.53
CA ILE A 374 -7.18 -9.62 22.28
C ILE A 374 -6.30 -8.51 21.73
N LYS A 375 -6.80 -7.28 21.77
CA LYS A 375 -6.11 -6.15 21.15
C LYS A 375 -4.89 -5.67 21.94
N GLU A 376 -4.81 -6.05 23.21
CA GLU A 376 -3.67 -5.67 24.03
C GLU A 376 -2.57 -6.72 23.99
N LYS A 377 -2.00 -6.90 22.80
CA LYS A 377 -0.87 -7.81 22.54
C LYS A 377 -0.08 -7.39 21.30
N LYS B 3 19.88 15.09 -53.96
CA LYS B 3 18.86 14.35 -53.17
C LYS B 3 18.80 14.89 -51.75
N ILE B 4 17.59 15.27 -51.33
CA ILE B 4 17.34 15.86 -50.01
C ILE B 4 16.41 15.00 -49.16
N TYR B 5 16.90 14.60 -47.98
CA TYR B 5 16.12 13.85 -46.99
C TYR B 5 15.41 14.83 -46.05
N LEU B 6 14.08 14.79 -46.08
CA LEU B 6 13.27 15.74 -45.32
C LEU B 6 12.75 15.17 -43.99
N ILE B 7 12.86 15.99 -42.96
CA ILE B 7 12.40 15.66 -41.62
C ILE B 7 11.25 16.59 -41.21
N GLU B 8 10.24 16.02 -40.55
CA GLU B 8 9.19 16.78 -39.87
C GLU B 8 9.19 16.42 -38.40
N HIS B 9 9.09 17.44 -37.54
CA HIS B 9 9.10 17.25 -36.09
C HIS B 9 8.38 18.42 -35.46
N VAL B 10 8.08 18.31 -34.17
CA VAL B 10 7.55 19.43 -33.38
C VAL B 10 8.44 20.66 -33.58
N ILE B 11 9.75 20.40 -33.68
CA ILE B 11 10.82 21.39 -33.83
C ILE B 11 10.73 22.21 -35.13
N GLY B 12 10.09 21.66 -36.15
CA GLY B 12 10.00 22.33 -37.45
C GLY B 12 10.26 21.39 -38.60
N ALA B 13 10.68 21.95 -39.72
CA ALA B 13 10.98 21.16 -40.92
C ALA B 13 12.44 21.34 -41.30
N VAL B 14 13.19 20.23 -41.32
CA VAL B 14 14.62 20.25 -41.59
C VAL B 14 14.96 19.40 -42.82
N ALA B 15 15.80 19.95 -43.69
CA ALA B 15 16.30 19.23 -44.85
C ALA B 15 17.71 18.77 -44.60
N TYR B 16 17.95 17.48 -44.85
CA TYR B 16 19.29 16.90 -44.73
C TYR B 16 19.75 16.41 -46.09
N ASP B 17 21.06 16.38 -46.29
CA ASP B 17 21.64 15.70 -47.45
C ASP B 17 21.82 14.22 -47.08
N GLU B 18 22.38 13.42 -47.98
CA GLU B 18 22.57 11.99 -47.69
C GLU B 18 23.58 11.74 -46.57
N ASN B 19 24.46 12.71 -46.34
CA ASN B 19 25.50 12.60 -45.30
C ASN B 19 24.97 12.79 -43.88
N GLY B 20 23.91 13.59 -43.74
CA GLY B 20 23.35 13.88 -42.42
C GLY B 20 23.74 15.26 -41.95
N ASN B 21 23.86 16.19 -42.88
CA ASN B 21 24.17 17.60 -42.58
C ASN B 21 22.96 18.47 -42.92
N ILE B 22 22.60 19.35 -41.99
CA ILE B 22 21.46 20.24 -42.19
C ILE B 22 21.77 21.18 -43.36
N VAL B 23 21.06 20.97 -44.46
CA VAL B 23 21.21 21.82 -45.65
C VAL B 23 20.43 23.10 -45.46
N ASP B 24 19.20 22.99 -44.94
CA ASP B 24 18.37 24.15 -44.61
C ASP B 24 17.22 23.72 -43.71
N TYR B 25 16.74 24.65 -42.89
CA TYR B 25 15.67 24.38 -41.93
C TYR B 25 14.70 25.55 -41.87
N ILE B 26 13.46 25.27 -41.51
CA ILE B 26 12.51 26.32 -41.12
C ILE B 26 11.88 25.95 -39.80
N THR B 27 12.14 26.77 -38.79
CA THR B 27 11.66 26.54 -37.44
C THR B 27 10.15 26.79 -37.34
N ASN B 28 9.46 25.93 -36.59
CA ASN B 28 8.05 26.10 -36.30
C ASN B 28 7.82 27.27 -35.34
N PRO B 29 6.58 27.82 -35.32
CA PRO B 29 6.26 28.77 -34.26
C PRO B 29 6.04 28.02 -32.95
N ARG B 30 6.53 28.57 -31.85
CA ARG B 30 6.31 27.96 -30.52
C ARG B 30 4.87 28.22 -30.02
N ASP B 31 3.91 27.59 -30.69
CA ASP B 31 2.48 27.75 -30.42
C ASP B 31 1.80 26.39 -30.32
N LEU B 32 1.34 26.04 -29.12
CA LEU B 32 0.65 24.76 -28.88
C LEU B 32 -0.46 24.51 -29.88
N GLY B 33 -1.35 25.49 -30.06
CA GLY B 33 -2.48 25.38 -30.97
C GLY B 33 -2.12 24.88 -32.35
N LYS B 34 -1.18 25.58 -33.00
CA LYS B 34 -0.84 25.31 -34.41
C LYS B 34 -0.08 24.01 -34.65
N ILE B 35 0.86 23.70 -33.76
CA ILE B 35 1.62 22.44 -33.86
C ILE B 35 0.69 21.22 -33.74
N THR B 36 -0.10 21.17 -32.66
CA THR B 36 -1.07 20.10 -32.43
C THR B 36 -1.90 19.83 -33.70
N GLU B 37 -2.48 20.88 -34.27
CA GLU B 37 -3.29 20.78 -35.47
C GLU B 37 -2.51 20.21 -36.65
N GLU B 38 -1.26 20.65 -36.81
CA GLU B 38 -0.43 20.21 -37.93
C GLU B 38 0.02 18.76 -37.80
N LEU B 39 0.18 18.31 -36.55
CA LEU B 39 0.46 16.92 -36.22
C LEU B 39 -0.74 16.03 -36.48
N LEU B 40 -1.92 16.50 -36.07
CA LEU B 40 -3.17 15.81 -36.37
C LEU B 40 -3.36 15.74 -37.88
N ASN B 41 -3.04 16.82 -38.56
CA ASN B 41 -3.14 16.87 -40.02
C ASN B 41 -2.11 15.98 -40.72
N ASN B 42 -0.91 15.89 -40.16
CA ASN B 42 0.16 15.07 -40.75
C ASN B 42 -0.22 13.60 -40.87
N GLU B 43 -1.04 13.14 -39.93
CA GLU B 43 -1.57 11.77 -39.90
C GLU B 43 -2.31 11.38 -41.17
N LYS B 44 -2.99 12.36 -41.77
CA LYS B 44 -3.76 12.14 -42.98
C LYS B 44 -2.89 12.40 -44.21
N GLY B 45 -1.63 12.74 -43.99
CA GLY B 45 -0.67 12.93 -45.08
C GLY B 45 -0.40 14.38 -45.44
N ILE B 46 -1.08 15.31 -44.77
CA ILE B 46 -0.91 16.74 -45.03
C ILE B 46 0.43 17.22 -44.48
N PRO B 47 1.25 17.86 -45.34
CA PRO B 47 2.55 18.33 -44.92
C PRO B 47 2.44 19.55 -44.01
N PHE B 48 3.41 19.74 -43.13
CA PHE B 48 3.52 20.96 -42.32
C PHE B 48 3.57 22.16 -43.26
N SER B 49 3.12 23.32 -42.79
CA SER B 49 3.25 24.55 -43.58
C SER B 49 4.71 25.02 -43.57
N ALA B 50 5.46 24.64 -42.54
CA ALA B 50 6.90 24.88 -42.49
C ALA B 50 7.63 24.07 -43.57
N THR B 51 7.10 22.89 -43.88
CA THR B 51 7.69 22.01 -44.88
C THR B 51 7.48 22.57 -46.28
N VAL B 52 6.30 23.16 -46.50
CA VAL B 52 5.96 23.77 -47.79
C VAL B 52 6.92 24.91 -48.12
N GLU B 53 7.19 25.76 -47.14
CA GLU B 53 8.14 26.86 -47.27
C GLU B 53 9.57 26.39 -47.50
N LEU B 54 9.93 25.27 -46.86
CA LEU B 54 11.27 24.72 -46.95
C LEU B 54 11.55 24.11 -48.31
N LEU B 55 10.56 23.42 -48.87
CA LEU B 55 10.68 22.82 -50.21
C LEU B 55 10.72 23.86 -51.34
N LYS B 56 10.48 25.13 -50.98
CA LYS B 56 10.60 26.24 -51.91
C LYS B 56 11.99 26.85 -51.85
N LYS B 57 12.45 27.15 -50.64
CA LYS B 57 13.78 27.74 -50.42
C LYS B 57 14.88 26.88 -51.04
N VAL B 58 14.85 25.59 -50.75
CA VAL B 58 15.68 24.63 -51.45
C VAL B 58 14.85 24.22 -52.67
N ASN B 59 15.51 23.93 -53.78
CA ASN B 59 14.81 23.50 -54.96
C ASN B 59 15.29 22.12 -55.37
N PRO B 60 14.83 21.07 -54.66
CA PRO B 60 15.40 19.74 -54.84
C PRO B 60 14.68 18.91 -55.89
N GLN B 61 15.43 18.15 -56.69
CA GLN B 61 14.83 17.30 -57.72
C GLN B 61 14.22 16.02 -57.14
N GLU B 62 15.01 15.29 -56.35
CA GLU B 62 14.54 14.05 -55.71
C GLU B 62 14.50 14.22 -54.19
N VAL B 63 13.30 14.22 -53.63
CA VAL B 63 13.11 14.31 -52.17
C VAL B 63 12.56 13.01 -51.58
N VAL B 64 12.93 12.77 -50.32
CA VAL B 64 12.53 11.55 -49.62
C VAL B 64 12.07 11.87 -48.18
N VAL B 65 10.83 11.51 -47.89
CA VAL B 65 10.20 11.84 -46.62
C VAL B 65 10.15 10.62 -45.71
N GLU B 66 9.61 10.82 -44.50
CA GLU B 66 9.56 9.80 -43.47
C GLU B 66 8.32 8.91 -43.56
N ASN B 67 7.21 9.52 -44.00
CA ASN B 67 5.87 8.93 -43.96
C ASN B 67 5.33 8.67 -45.37
N GLU B 68 4.72 7.50 -45.60
CA GLU B 68 4.25 7.15 -46.94
C GLU B 68 2.97 7.86 -47.36
N ALA B 69 2.24 8.38 -46.37
CA ALA B 69 1.01 9.12 -46.64
C ALA B 69 1.28 10.51 -47.22
N GLU B 70 2.46 11.07 -46.92
CA GLU B 70 2.86 12.38 -47.44
C GLU B 70 3.17 12.39 -48.94
N VAL B 71 3.75 11.30 -49.43
CA VAL B 71 4.22 11.22 -50.81
C VAL B 71 3.26 11.80 -51.86
N PRO B 72 2.01 11.28 -51.93
CA PRO B 72 1.12 11.76 -52.98
C PRO B 72 0.71 13.24 -52.83
N LYS B 73 0.78 13.76 -51.59
CA LYS B 73 0.48 15.16 -51.34
C LYS B 73 1.55 16.09 -51.88
N LEU B 74 2.80 15.68 -51.79
CA LEU B 74 3.92 16.49 -52.29
C LEU B 74 4.12 16.33 -53.78
N GLN B 75 3.57 15.26 -54.34
CA GLN B 75 3.59 15.06 -55.79
C GLN B 75 2.58 16.00 -56.44
N ALA B 76 1.46 16.19 -55.77
CA ALA B 76 0.41 17.10 -56.23
C ALA B 76 0.88 18.55 -56.14
N LEU B 77 1.94 18.77 -55.36
CA LEU B 77 2.51 20.10 -55.18
C LEU B 77 3.67 20.39 -56.15
N GLY B 78 4.09 19.38 -56.90
CA GLY B 78 5.05 19.59 -58.00
C GLY B 78 6.34 18.80 -58.01
N TYR B 79 6.63 18.10 -56.90
CA TYR B 79 7.91 17.41 -56.72
C TYR B 79 7.86 15.90 -57.02
N ARG B 80 9.01 15.34 -57.37
CA ARG B 80 9.21 13.88 -57.42
C ARG B 80 9.63 13.36 -56.05
N VAL B 81 8.80 12.49 -55.47
CA VAL B 81 8.91 12.12 -54.05
C VAL B 81 8.86 10.61 -53.78
N SER B 82 9.62 10.18 -52.77
CA SER B 82 9.54 8.82 -52.22
C SER B 82 9.62 8.89 -50.69
N TYR B 83 9.68 7.74 -50.03
CA TYR B 83 9.80 7.70 -48.57
C TYR B 83 10.71 6.56 -48.08
N GLU B 84 11.53 6.82 -47.06
CA GLU B 84 12.30 5.76 -46.41
C GLU B 84 11.92 5.65 -44.94
N PRO B 85 11.50 4.44 -44.52
CA PRO B 85 10.92 4.22 -43.18
C PRO B 85 11.84 4.61 -42.02
N TYR B 86 12.72 3.70 -41.63
CA TYR B 86 13.61 3.92 -40.50
C TYR B 86 15.00 4.30 -41.01
N SER B 87 15.05 5.36 -41.83
CA SER B 87 16.27 5.78 -42.53
C SER B 87 17.37 6.23 -41.58
N LYS B 88 18.63 6.11 -42.03
CA LYS B 88 19.79 6.55 -41.27
C LYS B 88 19.70 8.04 -40.94
N VAL B 89 19.20 8.83 -41.88
CA VAL B 89 19.02 10.27 -41.72
C VAL B 89 18.05 10.61 -40.59
N SER B 90 16.87 10.00 -40.62
CA SER B 90 15.85 10.21 -39.60
C SER B 90 16.40 9.89 -38.20
N ARG B 91 17.20 8.83 -38.12
CA ARG B 91 17.90 8.48 -36.88
C ARG B 91 18.91 9.55 -36.52
N ILE B 92 19.78 9.92 -37.48
CA ILE B 92 20.79 10.97 -37.27
C ILE B 92 20.17 12.23 -36.65
N PHE B 93 18.98 12.60 -37.12
CA PHE B 93 18.27 13.77 -36.61
C PHE B 93 17.85 13.64 -35.15
N ARG B 94 17.28 12.49 -34.80
CA ARG B 94 16.76 12.26 -33.44
C ARG B 94 17.87 12.02 -32.41
N GLU B 95 19.04 11.58 -32.89
CA GLU B 95 20.23 11.36 -32.05
C GLU B 95 20.73 12.69 -31.46
N SER B 96 20.52 13.76 -32.22
CA SER B 96 20.97 15.10 -31.87
C SER B 96 19.79 15.99 -31.52
N LEU B 97 18.66 15.37 -31.19
CA LEU B 97 17.41 16.11 -30.98
C LEU B 97 17.31 16.82 -29.63
N PRO B 98 17.95 16.29 -28.57
CA PRO B 98 17.99 17.22 -27.45
C PRO B 98 18.61 18.55 -27.90
N LYS B 99 19.69 18.46 -28.69
CA LYS B 99 20.53 19.60 -29.09
C LYS B 99 19.99 20.51 -30.20
N VAL B 100 19.64 19.94 -31.35
CA VAL B 100 19.30 20.75 -32.53
C VAL B 100 18.02 21.59 -32.39
N ALA B 101 17.36 21.48 -31.24
CA ALA B 101 16.27 22.38 -30.87
C ALA B 101 16.81 23.79 -30.62
N ILE B 102 17.97 23.84 -29.96
CA ILE B 102 18.63 25.10 -29.62
C ILE B 102 19.30 25.71 -30.86
N ASP B 103 19.92 24.86 -31.66
CA ASP B 103 20.64 25.26 -32.87
C ASP B 103 19.76 25.95 -33.92
N ILE B 104 18.56 25.44 -34.14
CA ILE B 104 17.64 26.08 -35.10
C ILE B 104 16.74 27.13 -34.42
N LYS B 105 17.06 27.44 -33.16
CA LYS B 105 16.35 28.42 -32.33
C LYS B 105 14.85 28.19 -32.18
N PHE B 106 14.50 27.00 -31.74
CA PHE B 106 13.12 26.67 -31.41
C PHE B 106 12.88 27.01 -29.94
N ALA B 107 13.91 26.82 -29.13
CA ALA B 107 13.94 27.28 -27.74
C ALA B 107 15.35 27.76 -27.41
N SER B 108 15.44 28.67 -26.46
CA SER B 108 16.72 29.22 -26.04
C SER B 108 17.60 28.14 -25.40
N ASN B 109 17.02 27.35 -24.50
CA ASN B 109 17.73 26.27 -23.83
C ASN B 109 16.94 24.97 -23.80
N GLU B 110 17.59 23.89 -23.34
CA GLU B 110 16.95 22.58 -23.17
C GLU B 110 15.83 22.61 -22.15
N GLU B 111 16.03 23.40 -21.10
CA GLU B 111 15.08 23.53 -20.01
C GLU B 111 13.64 23.77 -20.48
N ASP B 112 13.43 24.66 -21.44
CA ASP B 112 12.06 24.90 -21.89
C ASP B 112 11.78 24.48 -23.33
N TYR B 113 12.61 23.58 -23.85
CA TYR B 113 12.18 22.75 -24.99
C TYR B 113 11.28 21.66 -24.42
N TYR B 114 11.75 21.03 -23.35
CA TYR B 114 11.06 19.98 -22.67
C TYR B 114 9.80 20.43 -21.93
N ASN B 115 9.82 21.66 -21.41
CA ASN B 115 8.60 22.23 -20.86
C ASN B 115 7.51 22.37 -21.90
N PHE B 116 7.90 22.78 -23.10
CA PHE B 116 6.97 22.95 -24.19
C PHE B 116 6.49 21.62 -24.73
N LEU B 117 7.44 20.72 -25.00
CA LEU B 117 7.14 19.38 -25.53
C LEU B 117 6.25 18.59 -24.59
N HIS B 118 6.47 18.74 -23.29
CA HIS B 118 5.60 18.13 -22.27
C HIS B 118 4.16 18.62 -22.43
N GLU B 119 4.01 19.92 -22.63
CA GLU B 119 2.68 20.50 -22.74
C GLU B 119 2.05 20.29 -24.10
N LEU B 120 2.88 20.09 -25.11
CA LEU B 120 2.38 19.68 -26.40
C LEU B 120 1.80 18.28 -26.28
N SER B 121 2.61 17.36 -25.75
CA SER B 121 2.17 15.98 -25.56
C SER B 121 0.87 15.95 -24.76
N LEU B 122 0.82 16.69 -23.65
CA LEU B 122 -0.39 16.76 -22.84
C LEU B 122 -1.59 17.19 -23.67
N GLU B 123 -1.42 18.23 -24.47
CA GLU B 123 -2.50 18.76 -25.31
C GLU B 123 -2.81 17.90 -26.53
N TYR B 124 -1.79 17.22 -27.05
CA TYR B 124 -1.95 16.40 -28.24
C TYR B 124 -2.70 15.10 -27.91
N THR B 125 -2.52 14.57 -26.71
CA THR B 125 -3.27 13.41 -26.31
C THR B 125 -4.67 13.82 -25.82
N ARG B 126 -4.77 14.97 -25.16
CA ARG B 126 -6.07 15.55 -24.76
C ARG B 126 -7.00 15.67 -25.94
N ARG B 127 -6.44 15.99 -27.11
CA ARG B 127 -7.23 16.18 -28.32
C ARG B 127 -7.66 14.83 -28.86
N LYS B 128 -6.75 13.87 -28.90
CA LYS B 128 -7.06 12.51 -29.36
C LYS B 128 -8.09 11.82 -28.48
N LEU B 129 -7.89 11.88 -27.17
CA LEU B 129 -8.87 11.41 -26.19
C LEU B 129 -10.30 11.87 -26.46
N ARG B 130 -10.43 13.04 -27.09
CA ARG B 130 -11.73 13.67 -27.31
C ARG B 130 -12.44 13.04 -28.50
N SER B 131 -11.76 12.95 -29.64
CA SER B 131 -12.38 12.33 -30.83
C SER B 131 -12.66 10.84 -30.66
N ALA B 132 -11.93 10.20 -29.74
CA ALA B 132 -12.20 8.84 -29.32
C ALA B 132 -13.57 8.81 -28.65
N ALA B 133 -13.78 9.76 -27.73
CA ALA B 133 -14.99 9.85 -26.91
C ALA B 133 -16.19 10.25 -27.74
N GLN B 134 -15.91 10.87 -28.87
CA GLN B 134 -16.94 11.47 -29.72
C GLN B 134 -17.52 10.48 -30.74
N LYS B 135 -16.98 9.28 -30.80
CA LYS B 135 -17.55 8.23 -31.63
C LYS B 135 -18.92 7.80 -31.14
N ARG B 136 -19.86 7.69 -32.07
CA ARG B 136 -21.29 7.45 -31.73
C ARG B 136 -21.60 6.02 -31.33
N ASP B 137 -20.80 5.05 -31.79
CA ASP B 137 -21.00 3.64 -31.42
C ASP B 137 -20.82 3.33 -29.92
N LEU B 138 -20.07 4.16 -29.21
CA LEU B 138 -19.82 3.93 -27.78
C LEU B 138 -21.10 3.94 -26.96
N LEU B 139 -22.00 4.86 -27.30
CA LEU B 139 -23.28 5.01 -26.62
C LEU B 139 -24.21 3.84 -26.90
N ALA B 140 -24.19 3.35 -28.14
CA ALA B 140 -24.89 2.12 -28.50
C ALA B 140 -24.43 0.97 -27.59
N ILE B 141 -23.11 0.84 -27.41
CA ILE B 141 -22.54 -0.19 -26.56
C ILE B 141 -22.97 -0.04 -25.09
N GLN B 142 -22.83 1.16 -24.54
CA GLN B 142 -23.16 1.40 -23.12
C GLN B 142 -24.62 1.08 -22.85
N ALA B 143 -25.46 1.48 -23.78
CA ALA B 143 -26.89 1.39 -23.62
C ALA B 143 -27.28 -0.07 -23.50
N VAL B 144 -26.79 -0.90 -24.42
CA VAL B 144 -27.15 -2.33 -24.43
C VAL B 144 -26.59 -3.02 -23.20
N ARG B 145 -25.45 -2.52 -22.71
CA ARG B 145 -24.82 -3.09 -21.52
C ARG B 145 -25.67 -2.84 -20.28
N ALA B 146 -26.22 -1.63 -20.18
CA ALA B 146 -27.19 -1.27 -19.15
C ALA B 146 -28.49 -2.06 -19.33
N MET B 147 -28.97 -2.17 -20.57
CA MET B 147 -30.14 -3.00 -20.86
C MET B 147 -29.98 -4.41 -20.34
N ASP B 148 -28.79 -4.97 -20.55
CA ASP B 148 -28.49 -6.30 -20.11
C ASP B 148 -28.46 -6.37 -18.59
N ASP B 149 -27.94 -5.33 -17.95
CA ASP B 149 -28.00 -5.22 -16.47
C ASP B 149 -29.45 -5.18 -15.97
N ILE B 150 -30.30 -4.43 -16.68
CA ILE B 150 -31.68 -4.29 -16.29
C ILE B 150 -32.40 -5.62 -16.44
N ASP B 151 -32.23 -6.26 -17.61
CA ASP B 151 -32.75 -7.60 -17.83
C ASP B 151 -32.41 -8.50 -16.64
N LYS B 152 -31.12 -8.56 -16.32
CA LYS B 152 -30.60 -9.39 -15.25
C LYS B 152 -31.30 -9.10 -13.93
N THR B 153 -31.52 -7.82 -13.66
CA THR B 153 -32.07 -7.36 -12.39
C THR B 153 -33.55 -7.64 -12.29
N ILE B 154 -34.28 -7.37 -13.37
CA ILE B 154 -35.70 -7.67 -13.42
C ILE B 154 -35.86 -9.10 -12.95
N ASN B 155 -35.14 -10.02 -13.59
CA ASN B 155 -35.22 -11.41 -13.25
C ASN B 155 -34.85 -11.72 -11.79
N LEU B 156 -33.79 -11.10 -11.29
CA LEU B 156 -33.40 -11.32 -9.88
C LEU B 156 -34.50 -10.88 -8.91
N PHE B 157 -35.06 -9.70 -9.13
CA PHE B 157 -36.10 -9.14 -8.28
C PHE B 157 -37.40 -9.92 -8.39
N SER B 158 -37.77 -10.30 -9.61
CA SER B 158 -39.00 -11.04 -9.81
C SER B 158 -38.92 -12.38 -9.12
N GLU B 159 -37.75 -13.01 -9.19
CA GLU B 159 -37.51 -14.29 -8.53
C GLU B 159 -37.67 -14.12 -7.02
N ARG B 160 -37.06 -13.06 -6.47
CA ARG B 160 -37.16 -12.67 -5.05
C ARG B 160 -38.60 -12.38 -4.64
N LEU B 161 -39.26 -11.52 -5.41
CA LEU B 161 -40.63 -11.12 -5.12
C LEU B 161 -41.53 -12.30 -4.95
N ARG B 162 -41.48 -13.25 -5.90
CA ARG B 162 -42.33 -14.45 -5.87
C ARG B 162 -42.06 -15.29 -4.63
N GLU B 163 -40.79 -15.50 -4.31
CA GLU B 163 -40.41 -16.20 -3.08
C GLU B 163 -40.92 -15.47 -1.83
N TRP B 164 -40.75 -14.15 -1.79
CA TRP B 164 -41.22 -13.30 -0.69
C TRP B 164 -42.76 -13.24 -0.59
N TYR B 165 -43.42 -12.77 -1.66
CA TYR B 165 -44.88 -12.55 -1.67
C TYR B 165 -45.67 -13.85 -1.47
N SER B 166 -45.05 -14.98 -1.82
CA SER B 166 -45.68 -16.28 -1.63
C SER B 166 -45.84 -16.72 -0.18
N ILE B 167 -45.21 -16.01 0.76
CA ILE B 167 -45.51 -16.23 2.18
C ILE B 167 -46.98 -15.92 2.44
N HIS B 168 -47.47 -14.86 1.79
CA HIS B 168 -48.83 -14.39 1.94
C HIS B 168 -49.84 -15.06 1.01
N PHE B 169 -49.45 -15.23 -0.25
CA PHE B 169 -50.37 -15.69 -1.29
C PHE B 169 -49.67 -16.65 -2.27
N PRO B 170 -49.33 -17.87 -1.79
CA PRO B 170 -48.47 -18.83 -2.51
C PRO B 170 -49.04 -19.29 -3.83
N GLU B 171 -50.36 -19.42 -3.88
CA GLU B 171 -51.05 -19.91 -5.07
C GLU B 171 -50.92 -19.00 -6.30
N LEU B 172 -50.59 -17.73 -6.08
CA LEU B 172 -50.53 -16.75 -7.17
C LEU B 172 -49.31 -16.93 -8.09
N ASP B 173 -48.27 -17.57 -7.56
CA ASP B 173 -47.00 -17.79 -8.25
C ASP B 173 -47.11 -18.68 -9.48
N LYS B 174 -47.74 -19.85 -9.36
CA LYS B 174 -47.95 -20.74 -10.50
C LYS B 174 -49.12 -20.33 -11.37
N LEU B 175 -49.88 -19.32 -10.94
CA LEU B 175 -51.03 -18.84 -11.68
C LEU B 175 -50.67 -17.71 -12.65
N ILE B 176 -49.68 -16.92 -12.29
CA ILE B 176 -49.18 -15.87 -13.16
C ILE B 176 -47.75 -16.17 -13.66
N GLU B 177 -47.67 -16.55 -14.93
CA GLU B 177 -46.40 -16.88 -15.56
C GLU B 177 -45.55 -15.61 -15.63
N ASP B 178 -46.19 -14.54 -16.08
CA ASP B 178 -45.51 -13.32 -16.49
C ASP B 178 -45.08 -12.48 -15.30
N HIS B 179 -43.78 -12.19 -15.22
CA HIS B 179 -43.24 -11.36 -14.14
C HIS B 179 -43.88 -9.97 -14.03
N GLU B 180 -44.04 -9.29 -15.16
CA GLU B 180 -44.62 -7.95 -15.11
C GLU B 180 -46.04 -7.96 -14.53
N GLU B 181 -46.85 -8.93 -14.97
CA GLU B 181 -48.20 -9.09 -14.45
C GLU B 181 -48.16 -9.37 -12.97
N TYR B 182 -47.40 -10.38 -12.56
CA TYR B 182 -47.26 -10.72 -11.14
C TYR B 182 -46.96 -9.48 -10.31
N ALA B 183 -45.95 -8.73 -10.71
CA ALA B 183 -45.57 -7.49 -10.03
C ALA B 183 -46.72 -6.46 -9.96
N THR B 184 -47.45 -6.30 -11.06
CA THR B 184 -48.58 -5.37 -11.10
C THR B 184 -49.62 -5.67 -10.02
N ILE B 185 -49.86 -6.94 -9.78
CA ILE B 185 -50.83 -7.38 -8.78
C ILE B 185 -50.38 -7.02 -7.36
N VAL B 186 -49.13 -7.33 -7.02
CA VAL B 186 -48.60 -7.02 -5.69
C VAL B 186 -48.47 -5.51 -5.52
N SER B 187 -48.19 -4.82 -6.63
CA SER B 187 -48.02 -3.39 -6.57
C SER B 187 -49.34 -2.69 -6.30
N ARG B 188 -50.42 -3.17 -6.90
CA ARG B 188 -51.71 -2.50 -6.77
C ARG B 188 -52.49 -2.94 -5.54
N PHE B 189 -52.18 -4.11 -4.99
CA PHE B 189 -53.03 -4.68 -3.93
C PHE B 189 -52.39 -4.96 -2.57
N GLY B 190 -51.25 -5.64 -2.55
CA GLY B 190 -50.68 -6.14 -1.31
C GLY B 190 -51.52 -7.32 -0.86
N ASP B 191 -52.36 -7.11 0.15
CA ASP B 191 -53.21 -8.17 0.71
C ASP B 191 -54.11 -8.79 -0.35
N ARG B 192 -54.39 -10.07 -0.21
CA ARG B 192 -55.21 -10.82 -1.18
C ARG B 192 -56.72 -10.59 -1.00
N GLY B 193 -57.09 -10.01 0.14
CA GLY B 193 -58.48 -9.65 0.39
C GLY B 193 -58.83 -8.28 -0.15
N PHE B 194 -57.92 -7.66 -0.89
CA PHE B 194 -58.15 -6.38 -1.55
C PHE B 194 -58.43 -6.59 -3.03
N LEU B 195 -58.55 -7.85 -3.41
CA LEU B 195 -58.63 -8.23 -4.81
C LEU B 195 -60.08 -8.25 -5.30
N THR B 196 -60.34 -7.57 -6.42
CA THR B 196 -61.71 -7.36 -6.92
C THR B 196 -61.85 -7.55 -8.43
N ILE B 197 -62.93 -8.23 -8.82
CA ILE B 197 -63.35 -8.34 -10.23
C ILE B 197 -63.16 -7.01 -10.98
N ASP B 198 -63.56 -5.91 -10.34
CA ASP B 198 -63.49 -4.57 -10.94
C ASP B 198 -62.06 -4.13 -11.23
N SER B 199 -61.25 -4.12 -10.16
CA SER B 199 -59.86 -3.65 -10.23
C SER B 199 -58.98 -4.52 -11.12
N LEU B 200 -59.33 -5.81 -11.22
CA LEU B 200 -58.59 -6.76 -12.05
C LEU B 200 -58.97 -6.66 -13.52
N LYS B 201 -60.25 -6.38 -13.80
CA LYS B 201 -60.71 -6.10 -15.17
C LYS B 201 -60.02 -4.87 -15.71
N GLU B 202 -59.75 -3.93 -14.80
CA GLU B 202 -59.11 -2.65 -15.11
C GLU B 202 -57.60 -2.77 -15.44
N LEU B 203 -57.17 -3.98 -15.82
CA LEU B 203 -55.84 -4.18 -16.41
C LEU B 203 -55.91 -5.20 -17.54
N GLY B 204 -57.07 -5.79 -17.73
CA GLY B 204 -57.33 -6.61 -18.90
C GLY B 204 -57.16 -8.10 -18.70
N PHE B 205 -57.12 -8.55 -17.44
CA PHE B 205 -57.15 -9.98 -17.17
C PHE B 205 -58.50 -10.53 -17.61
N ASN B 206 -58.49 -11.67 -18.27
CA ASN B 206 -59.70 -12.21 -18.88
C ASN B 206 -60.66 -12.84 -17.88
N GLU B 207 -61.95 -12.73 -18.22
CA GLU B 207 -63.04 -13.27 -17.42
C GLU B 207 -62.65 -14.48 -16.57
N GLN B 208 -62.27 -15.57 -17.23
CA GLN B 208 -62.01 -16.85 -16.57
C GLN B 208 -60.84 -16.81 -15.59
N ARG B 209 -59.80 -16.05 -15.93
CA ARG B 209 -58.61 -16.01 -15.09
C ARG B 209 -58.85 -15.25 -13.80
N ILE B 210 -59.57 -14.13 -13.88
CA ILE B 210 -59.91 -13.31 -12.70
C ILE B 210 -60.58 -14.17 -11.63
N ASN B 211 -61.45 -15.07 -12.07
CA ASN B 211 -62.14 -15.99 -11.18
C ASN B 211 -61.23 -17.00 -10.48
N ARG B 212 -60.25 -17.51 -11.22
CA ARG B 212 -59.30 -18.48 -10.66
C ARG B 212 -58.38 -17.81 -9.64
N ILE B 213 -57.97 -16.58 -9.93
CA ILE B 213 -57.17 -15.78 -8.99
C ILE B 213 -57.93 -15.55 -7.68
N LEU B 214 -59.16 -15.03 -7.79
CA LEU B 214 -59.99 -14.69 -6.62
C LEU B 214 -60.37 -15.89 -5.78
N ASP B 215 -60.65 -17.01 -6.45
CA ASP B 215 -60.94 -18.26 -5.75
C ASP B 215 -59.71 -18.76 -5.00
N ALA B 216 -58.54 -18.67 -5.64
CA ALA B 216 -57.25 -19.03 -5.04
C ALA B 216 -56.90 -18.16 -3.84
N ALA B 217 -57.24 -16.87 -3.94
CA ALA B 217 -57.05 -15.94 -2.83
C ALA B 217 -58.01 -16.24 -1.68
N LYS B 218 -59.23 -16.67 -2.01
CA LYS B 218 -60.22 -17.04 -1.01
C LYS B 218 -59.78 -18.27 -0.23
N LYS B 219 -59.45 -19.33 -0.96
CA LYS B 219 -59.04 -20.61 -0.35
C LYS B 219 -57.54 -20.70 -0.05
N SER B 220 -56.86 -19.56 0.03
CA SER B 220 -55.40 -19.53 0.21
C SER B 220 -54.93 -20.02 1.58
N ILE B 221 -53.90 -20.86 1.57
CA ILE B 221 -53.27 -21.36 2.78
C ILE B 221 -52.04 -20.52 3.13
N GLY B 222 -52.11 -19.25 2.75
CA GLY B 222 -51.03 -18.30 3.00
C GLY B 222 -51.05 -17.78 4.42
N ALA B 223 -50.20 -16.81 4.70
CA ALA B 223 -50.12 -16.26 6.04
C ALA B 223 -50.82 -14.91 6.13
N ASP B 224 -51.45 -14.65 7.27
CA ASP B 224 -52.01 -13.34 7.54
C ASP B 224 -50.94 -12.44 8.11
N ILE B 225 -50.82 -11.25 7.52
CA ILE B 225 -49.61 -10.46 7.59
C ILE B 225 -49.92 -8.97 7.63
N SER B 226 -49.11 -8.21 8.36
CA SER B 226 -49.34 -6.78 8.59
C SER B 226 -49.15 -5.92 7.34
N GLU B 227 -49.65 -4.67 7.41
CA GLU B 227 -49.48 -3.71 6.31
C GLU B 227 -48.03 -3.29 6.14
N ASP B 228 -47.27 -3.29 7.24
CA ASP B 228 -45.83 -3.04 7.19
C ASP B 228 -45.09 -4.11 6.38
N ASP B 229 -45.49 -5.37 6.57
CA ASP B 229 -44.89 -6.48 5.85
C ASP B 229 -45.19 -6.40 4.36
N LEU B 230 -46.45 -6.11 4.01
CA LEU B 230 -46.83 -6.08 2.62
C LEU B 230 -46.15 -4.96 1.86
N SER B 231 -46.09 -3.76 2.43
CA SER B 231 -45.48 -2.64 1.70
C SER B 231 -43.99 -2.84 1.48
N ALA B 232 -43.34 -3.55 2.40
CA ALA B 232 -41.96 -3.92 2.19
C ALA B 232 -41.84 -4.63 0.84
N MET B 233 -42.67 -5.65 0.64
CA MET B 233 -42.73 -6.43 -0.60
C MET B 233 -43.07 -5.54 -1.81
N ARG B 234 -44.04 -4.67 -1.62
CA ARG B 234 -44.52 -3.79 -2.69
C ARG B 234 -43.45 -2.81 -3.19
N MET B 235 -42.46 -2.51 -2.36
CA MET B 235 -41.33 -1.68 -2.83
C MET B 235 -40.61 -2.39 -3.96
N ILE B 236 -40.43 -3.71 -3.81
CA ILE B 236 -39.76 -4.49 -4.84
C ILE B 236 -40.65 -4.53 -6.09
N ALA B 237 -41.93 -4.83 -5.90
CA ALA B 237 -42.86 -4.88 -7.02
C ALA B 237 -42.81 -3.61 -7.87
N ASN B 238 -42.77 -2.44 -7.21
CA ASN B 238 -42.73 -1.17 -7.92
C ASN B 238 -41.40 -0.94 -8.62
N THR B 239 -40.33 -1.44 -8.02
CA THR B 239 -39.02 -1.36 -8.66
C THR B 239 -39.00 -2.17 -9.95
N ILE B 240 -39.55 -3.39 -9.89
CA ILE B 240 -39.70 -4.25 -11.04
C ILE B 240 -40.48 -3.55 -12.15
N LEU B 241 -41.58 -2.89 -11.76
CA LEU B 241 -42.40 -2.19 -12.73
C LEU B 241 -41.65 -1.02 -13.35
N ASP B 242 -40.92 -0.28 -12.51
CA ASP B 242 -40.04 0.80 -12.98
C ASP B 242 -39.01 0.36 -14.02
N LEU B 243 -38.31 -0.75 -13.74
CA LEU B 243 -37.31 -1.33 -14.65
C LEU B 243 -37.86 -1.74 -16.01
N TYR B 244 -39.03 -2.39 -16.03
CA TYR B 244 -39.72 -2.71 -17.30
C TYR B 244 -39.94 -1.48 -18.19
N ASN B 245 -40.39 -0.38 -17.60
CA ASN B 245 -40.55 0.87 -18.33
C ASN B 245 -39.24 1.42 -18.81
N ILE B 246 -38.24 1.43 -17.93
CA ILE B 246 -36.90 1.90 -18.29
C ILE B 246 -36.33 1.03 -19.42
N ARG B 247 -36.56 -0.28 -19.34
CA ARG B 247 -36.12 -1.19 -20.39
C ARG B 247 -36.68 -0.81 -21.75
N ARG B 248 -37.99 -0.65 -21.81
CA ARG B 248 -38.67 -0.31 -23.06
C ARG B 248 -38.20 1.02 -23.64
N ASN B 249 -37.89 1.95 -22.74
CA ASN B 249 -37.32 3.22 -23.15
C ASN B 249 -35.94 3.07 -23.75
N LEU B 250 -35.11 2.25 -23.10
CA LEU B 250 -33.75 1.93 -23.57
C LEU B 250 -33.72 1.22 -24.93
N ASN B 251 -34.66 0.30 -25.14
CA ASN B 251 -34.78 -0.33 -26.42
C ASN B 251 -35.01 0.69 -27.55
N ASN B 252 -35.98 1.60 -27.36
CA ASN B 252 -36.26 2.63 -28.39
C ASN B 252 -35.09 3.55 -28.64
N TYR B 253 -34.44 3.99 -27.55
CA TYR B 253 -33.19 4.76 -27.67
C TYR B 253 -32.16 3.96 -28.49
N LEU B 254 -31.96 2.69 -28.10
CA LEU B 254 -30.96 1.82 -28.71
C LEU B 254 -31.19 1.66 -30.20
N GLU B 255 -32.45 1.39 -30.55
CA GLU B 255 -32.93 1.34 -31.95
C GLU B 255 -32.58 2.60 -32.73
N GLY B 256 -32.72 3.76 -32.09
CA GLY B 256 -32.42 5.04 -32.71
C GLY B 256 -30.95 5.15 -33.09
N VAL B 257 -30.08 4.87 -32.12
CA VAL B 257 -28.63 4.96 -32.33
C VAL B 257 -28.13 3.88 -33.28
N MET B 258 -28.66 2.67 -33.12
CA MET B 258 -28.18 1.52 -33.86
C MET B 258 -28.43 1.61 -35.36
N LYS B 259 -29.59 2.16 -35.74
CA LYS B 259 -29.94 2.41 -37.13
C LYS B 259 -29.03 3.46 -37.69
N GLU B 260 -28.68 4.43 -36.86
CA GLU B 260 -27.79 5.50 -37.27
C GLU B 260 -26.35 4.99 -37.44
N VAL B 261 -25.87 4.24 -36.46
CA VAL B 261 -24.44 3.87 -36.44
C VAL B 261 -24.11 2.63 -37.25
N ALA B 262 -25.03 1.67 -37.27
CA ALA B 262 -24.82 0.43 -38.02
C ALA B 262 -26.15 -0.16 -38.53
N PRO B 263 -26.74 0.49 -39.55
CA PRO B 263 -28.03 0.16 -40.12
C PRO B 263 -28.11 -1.24 -40.69
N ASN B 264 -27.09 -1.67 -41.42
CA ASN B 264 -27.09 -2.99 -42.07
C ASN B 264 -27.07 -4.14 -41.08
N VAL B 265 -26.23 -3.99 -40.06
CA VAL B 265 -26.21 -4.94 -38.96
C VAL B 265 -27.57 -5.01 -38.29
N THR B 266 -28.18 -3.85 -38.06
CA THR B 266 -29.46 -3.75 -37.35
C THR B 266 -30.58 -4.36 -38.20
N ALA B 267 -30.47 -4.19 -39.51
CA ALA B 267 -31.37 -4.85 -40.43
C ALA B 267 -31.35 -6.36 -40.23
N LEU B 268 -30.18 -6.92 -39.94
CA LEU B 268 -30.02 -8.36 -39.82
C LEU B 268 -30.51 -8.95 -38.52
N VAL B 269 -30.08 -8.41 -37.39
CA VAL B 269 -30.29 -9.07 -36.09
C VAL B 269 -31.08 -8.23 -35.08
N GLY B 270 -31.43 -7.01 -35.47
CA GLY B 270 -32.16 -6.12 -34.57
C GLY B 270 -31.17 -5.22 -33.86
N PRO B 271 -31.67 -4.15 -33.21
CA PRO B 271 -30.80 -3.24 -32.50
C PRO B 271 -30.05 -3.94 -31.38
N ALA B 272 -30.76 -4.57 -30.43
CA ALA B 272 -30.16 -5.16 -29.21
C ALA B 272 -28.98 -6.10 -29.49
N LEU B 273 -29.26 -7.18 -30.20
CA LEU B 273 -28.24 -8.15 -30.57
C LEU B 273 -27.13 -7.48 -31.39
N GLY B 274 -27.47 -6.56 -32.28
CA GLY B 274 -26.45 -5.83 -33.02
C GLY B 274 -25.49 -5.08 -32.10
N ALA B 275 -26.07 -4.28 -31.21
CA ALA B 275 -25.31 -3.56 -30.20
C ALA B 275 -24.46 -4.54 -29.40
N ARG B 276 -25.07 -5.68 -29.06
CA ARG B 276 -24.43 -6.68 -28.20
C ARG B 276 -23.14 -7.20 -28.84
N LEU B 277 -23.17 -7.37 -30.16
CA LEU B 277 -21.99 -7.77 -30.89
C LEU B 277 -20.95 -6.67 -30.87
N LEU B 278 -21.37 -5.42 -31.04
CA LEU B 278 -20.46 -4.28 -30.98
C LEU B 278 -19.75 -4.25 -29.64
N SER B 279 -20.53 -4.45 -28.57
CA SER B 279 -20.04 -4.47 -27.20
C SER B 279 -18.91 -5.46 -26.98
N ILE B 280 -19.09 -6.68 -27.50
CA ILE B 280 -18.10 -7.74 -27.37
C ILE B 280 -16.89 -7.45 -28.26
N ALA B 281 -17.13 -6.98 -29.49
CA ALA B 281 -16.07 -6.65 -30.39
C ALA B 281 -15.31 -5.42 -29.92
N GLY B 282 -16.01 -4.50 -29.25
CA GLY B 282 -15.41 -3.27 -28.71
C GLY B 282 -15.82 -2.01 -29.47
N SER B 283 -15.98 -2.14 -30.78
CA SER B 283 -16.35 -1.03 -31.63
C SER B 283 -16.90 -1.61 -32.91
N LEU B 284 -17.45 -0.74 -33.76
CA LEU B 284 -17.92 -1.15 -35.07
C LEU B 284 -16.76 -1.55 -35.98
N ASP B 285 -15.72 -0.73 -36.03
CA ASP B 285 -14.54 -1.00 -36.87
C ASP B 285 -13.87 -2.32 -36.46
N GLU B 286 -13.92 -2.64 -35.16
CA GLU B 286 -13.40 -3.92 -34.72
C GLU B 286 -14.27 -5.07 -35.17
N LEU B 287 -15.59 -4.91 -35.08
CA LEU B 287 -16.50 -5.91 -35.62
C LEU B 287 -16.28 -6.07 -37.13
N ALA B 288 -15.93 -4.99 -37.81
CA ALA B 288 -15.79 -4.99 -39.25
C ALA B 288 -14.55 -5.73 -39.69
N LYS B 289 -13.51 -5.68 -38.84
CA LYS B 289 -12.27 -6.36 -39.14
C LYS B 289 -12.31 -7.87 -38.89
N MET B 290 -13.41 -8.38 -38.34
CA MET B 290 -13.50 -9.77 -37.93
C MET B 290 -13.88 -10.68 -39.07
N PRO B 291 -13.45 -11.95 -39.04
CA PRO B 291 -13.96 -12.98 -39.95
C PRO B 291 -15.28 -13.50 -39.43
N ALA B 292 -16.08 -14.11 -40.30
CA ALA B 292 -17.39 -14.61 -39.86
C ALA B 292 -17.16 -15.61 -38.75
N SER B 293 -16.16 -16.46 -38.92
CA SER B 293 -15.89 -17.54 -37.96
C SER B 293 -15.63 -17.05 -36.52
N THR B 294 -15.33 -15.75 -36.38
CA THR B 294 -15.20 -15.14 -35.08
C THR B 294 -16.57 -14.68 -34.64
N ILE B 295 -17.20 -13.85 -35.48
CA ILE B 295 -18.53 -13.31 -35.22
C ILE B 295 -19.49 -14.42 -34.77
N GLN B 296 -19.41 -15.56 -35.43
CA GLN B 296 -20.21 -16.73 -35.13
C GLN B 296 -20.06 -17.21 -33.69
N VAL B 297 -18.89 -16.96 -33.08
CA VAL B 297 -18.64 -17.47 -31.71
C VAL B 297 -18.55 -16.44 -30.57
N LEU B 298 -18.43 -15.14 -30.88
CA LEU B 298 -18.47 -14.07 -29.85
C LEU B 298 -19.55 -14.31 -28.77
N GLY B 299 -19.24 -14.05 -27.51
CA GLY B 299 -19.95 -14.69 -26.38
C GLY B 299 -19.18 -15.98 -26.26
N ALA B 300 -19.69 -17.00 -25.61
CA ALA B 300 -19.10 -18.38 -25.83
C ALA B 300 -17.55 -18.53 -25.86
N GLU B 301 -16.83 -17.60 -25.24
CA GLU B 301 -15.39 -17.69 -25.17
C GLU B 301 -14.93 -18.89 -24.33
N LYS B 302 -15.59 -19.12 -23.19
CA LYS B 302 -15.30 -20.28 -22.35
C LYS B 302 -15.40 -21.56 -23.19
N ALA B 303 -16.47 -21.66 -24.00
CA ALA B 303 -16.69 -22.83 -24.82
C ALA B 303 -15.63 -22.97 -25.91
N LEU B 304 -15.22 -21.83 -26.49
CA LEU B 304 -14.27 -21.81 -27.60
C LEU B 304 -12.91 -22.28 -27.14
N PHE B 305 -12.32 -21.56 -26.19
CA PHE B 305 -10.97 -21.87 -25.74
C PHE B 305 -10.88 -23.25 -25.10
N ARG B 306 -12.00 -23.79 -24.63
CA ARG B 306 -12.03 -25.17 -24.13
C ARG B 306 -11.76 -26.09 -25.32
N ALA B 307 -12.47 -25.84 -26.42
CA ALA B 307 -12.29 -26.58 -27.67
C ALA B 307 -10.89 -26.43 -28.24
N LEU B 308 -10.35 -25.20 -28.27
CA LEU B 308 -9.02 -24.93 -28.82
C LEU B 308 -7.86 -25.51 -27.99
N ARG B 309 -8.02 -25.55 -26.67
CA ARG B 309 -6.98 -26.15 -25.80
C ARG B 309 -6.91 -27.66 -25.92
N SER B 310 -8.07 -28.30 -26.10
CA SER B 310 -8.17 -29.75 -26.03
C SER B 310 -8.41 -30.45 -27.37
N GLY B 311 -8.81 -29.70 -28.38
CA GLY B 311 -9.17 -30.29 -29.67
C GLY B 311 -10.57 -30.89 -29.64
N GLY B 312 -11.37 -30.48 -28.66
CA GLY B 312 -12.75 -30.92 -28.58
C GLY B 312 -13.68 -30.24 -29.58
N ARG B 313 -14.98 -30.37 -29.34
CA ARG B 313 -16.00 -29.78 -30.20
C ARG B 313 -16.24 -28.33 -29.82
N PRO B 314 -16.22 -27.44 -30.82
CA PRO B 314 -16.39 -26.01 -30.62
C PRO B 314 -17.85 -25.60 -30.52
N PRO B 315 -18.13 -24.40 -29.96
CA PRO B 315 -19.48 -23.84 -30.01
C PRO B 315 -19.92 -23.55 -31.44
N LYS B 316 -21.19 -23.84 -31.75
CA LYS B 316 -21.77 -23.53 -33.07
C LYS B 316 -22.14 -22.06 -33.14
N HIS B 317 -22.28 -21.43 -31.98
CA HIS B 317 -22.82 -20.11 -31.87
C HIS B 317 -22.58 -19.52 -30.50
N GLY B 318 -22.18 -18.24 -30.47
CA GLY B 318 -22.08 -17.45 -29.25
C GLY B 318 -23.32 -16.62 -28.97
N ILE B 319 -23.16 -15.29 -28.88
CA ILE B 319 -24.28 -14.40 -28.58
C ILE B 319 -25.35 -14.40 -29.66
N ILE B 320 -24.97 -14.91 -30.84
CA ILE B 320 -25.80 -15.10 -32.03
C ILE B 320 -26.95 -16.10 -31.76
N PHE B 321 -26.79 -16.91 -30.72
CA PHE B 321 -27.83 -17.85 -30.34
C PHE B 321 -29.21 -17.18 -30.22
N GLN B 322 -29.19 -15.92 -29.80
CA GLN B 322 -30.39 -15.12 -29.59
C GLN B 322 -31.27 -14.85 -30.83
N TYR B 323 -30.69 -14.92 -32.02
CA TYR B 323 -31.41 -14.77 -33.28
C TYR B 323 -32.49 -15.82 -33.32
N PRO B 324 -33.76 -15.41 -33.56
CA PRO B 324 -34.90 -16.31 -33.49
C PRO B 324 -34.72 -17.58 -34.33
N ALA B 325 -34.22 -17.44 -35.56
CA ALA B 325 -34.07 -18.58 -36.45
C ALA B 325 -33.17 -19.69 -35.87
N ILE B 326 -32.21 -19.32 -35.03
CA ILE B 326 -31.34 -20.31 -34.37
C ILE B 326 -31.96 -21.03 -33.18
N HIS B 327 -32.30 -20.32 -32.11
CA HIS B 327 -32.76 -21.00 -30.89
C HIS B 327 -34.12 -21.73 -31.04
N THR B 328 -34.92 -21.36 -32.02
CA THR B 328 -36.19 -22.04 -32.27
C THR B 328 -36.02 -23.29 -33.12
N SER B 329 -35.06 -23.25 -34.04
CA SER B 329 -34.72 -24.41 -34.89
C SER B 329 -34.12 -25.59 -34.14
N PRO B 330 -34.36 -26.79 -34.66
CA PRO B 330 -33.77 -28.03 -34.13
C PRO B 330 -32.25 -28.03 -34.17
N ARG B 331 -31.62 -28.86 -33.33
CA ARG B 331 -30.20 -28.78 -33.03
C ARG B 331 -29.27 -29.00 -34.22
N TRP B 332 -29.72 -29.78 -35.21
CA TRP B 332 -28.88 -30.08 -36.38
C TRP B 332 -28.94 -29.00 -37.44
N GLN B 333 -29.90 -28.09 -37.32
CA GLN B 333 -29.98 -26.96 -38.25
C GLN B 333 -29.19 -25.75 -37.78
N ARG B 334 -28.99 -25.66 -36.46
CA ARG B 334 -28.46 -24.45 -35.83
C ARG B 334 -27.07 -24.02 -36.32
N GLY B 335 -26.14 -24.98 -36.42
CA GLY B 335 -24.79 -24.68 -36.88
C GLY B 335 -24.74 -24.09 -38.27
N LYS B 336 -25.56 -24.62 -39.18
CA LYS B 336 -25.69 -24.07 -40.52
C LYS B 336 -26.27 -22.66 -40.49
N ILE B 337 -27.37 -22.45 -39.76
CA ILE B 337 -27.98 -21.12 -39.67
C ILE B 337 -27.00 -20.10 -39.12
N ALA B 338 -26.31 -20.48 -38.05
CA ALA B 338 -25.28 -19.63 -37.43
C ALA B 338 -24.18 -19.22 -38.42
N ARG B 339 -23.66 -20.20 -39.14
CA ARG B 339 -22.60 -19.99 -40.12
C ARG B 339 -23.04 -19.01 -41.21
N ALA B 340 -24.29 -19.14 -41.66
CA ALA B 340 -24.84 -18.28 -42.71
C ALA B 340 -25.05 -16.86 -42.19
N LEU B 341 -25.59 -16.77 -40.97
CA LEU B 341 -25.81 -15.47 -40.31
C LEU B 341 -24.49 -14.72 -40.17
N ALA B 342 -23.51 -15.38 -39.55
CA ALA B 342 -22.21 -14.77 -39.27
C ALA B 342 -21.61 -14.23 -40.55
N ALA B 343 -21.62 -15.05 -41.60
CA ALA B 343 -21.10 -14.62 -42.89
C ALA B 343 -21.73 -13.27 -43.29
N LYS B 344 -23.06 -13.20 -43.26
CA LYS B 344 -23.79 -11.98 -43.65
C LYS B 344 -23.49 -10.81 -42.73
N LEU B 345 -23.42 -11.08 -41.43
CA LEU B 345 -23.07 -10.07 -40.44
C LEU B 345 -21.70 -9.43 -40.69
N ALA B 346 -20.72 -10.26 -41.07
CA ALA B 346 -19.41 -9.77 -41.40
C ALA B 346 -19.51 -8.78 -42.57
N ILE B 347 -20.23 -9.14 -43.62
CA ILE B 347 -20.49 -8.21 -44.73
C ILE B 347 -21.27 -6.95 -44.27
N ALA B 348 -22.32 -7.18 -43.47
CA ALA B 348 -23.12 -6.09 -42.92
C ALA B 348 -22.27 -5.11 -42.14
N ALA B 349 -21.44 -5.62 -41.24
CA ALA B 349 -20.56 -4.79 -40.41
C ALA B 349 -19.61 -3.99 -41.27
N ARG B 350 -19.15 -4.58 -42.37
CA ARG B 350 -18.17 -3.95 -43.22
C ARG B 350 -18.77 -2.86 -44.08
N VAL B 351 -19.95 -3.09 -44.63
CA VAL B 351 -20.59 -1.99 -45.37
C VAL B 351 -20.95 -0.84 -44.41
N ASP B 352 -21.38 -1.21 -43.19
CA ASP B 352 -21.62 -0.24 -42.12
C ASP B 352 -20.39 0.56 -41.68
N ALA B 353 -19.23 -0.08 -41.68
CA ALA B 353 -18.02 0.52 -41.15
C ALA B 353 -17.35 1.40 -42.17
N PHE B 354 -17.09 0.86 -43.36
CA PHE B 354 -16.36 1.57 -44.41
C PHE B 354 -17.31 2.31 -45.34
N SER B 355 -18.44 2.68 -44.74
CA SER B 355 -19.28 3.82 -45.12
C SER B 355 -20.66 3.55 -45.71
N GLY B 356 -21.64 4.09 -44.99
CA GLY B 356 -22.91 4.55 -45.56
C GLY B 356 -23.97 3.54 -45.94
N ARG B 357 -23.96 3.19 -47.23
CA ARG B 357 -25.09 2.58 -47.90
C ARG B 357 -25.85 1.53 -47.12
N PHE B 358 -27.17 1.64 -47.18
CA PHE B 358 -28.01 0.60 -46.67
C PHE B 358 -28.20 -0.39 -47.78
N ILE B 359 -27.84 -1.65 -47.50
CA ILE B 359 -28.07 -2.78 -48.40
C ILE B 359 -28.61 -3.97 -47.60
N GLY B 360 -29.28 -3.67 -46.48
CA GLY B 360 -29.80 -4.68 -45.57
C GLY B 360 -30.95 -5.52 -46.07
N ASP B 361 -31.54 -5.11 -47.18
CA ASP B 361 -32.72 -5.81 -47.71
C ASP B 361 -32.35 -7.06 -48.48
N GLN B 362 -31.36 -6.93 -49.37
CA GLN B 362 -30.82 -8.07 -50.12
C GLN B 362 -30.10 -9.01 -49.18
N LEU B 363 -29.35 -8.45 -48.24
CA LEU B 363 -28.71 -9.26 -47.19
C LEU B 363 -29.69 -10.16 -46.45
N ASN B 364 -30.83 -9.60 -46.05
CA ASN B 364 -31.89 -10.38 -45.41
C ASN B 364 -32.48 -11.43 -46.32
N GLU B 365 -32.62 -11.05 -47.59
CA GLU B 365 -33.21 -11.90 -48.61
C GLU B 365 -32.31 -13.09 -48.90
N GLN B 366 -31.01 -12.82 -49.07
CA GLN B 366 -30.02 -13.85 -49.23
C GLN B 366 -30.00 -14.77 -48.02
N LEU B 367 -30.06 -14.19 -46.82
CA LEU B 367 -30.06 -14.97 -45.58
C LEU B 367 -31.27 -15.90 -45.47
N LYS B 368 -32.46 -15.37 -45.73
CA LYS B 368 -33.68 -16.17 -45.66
C LYS B 368 -33.75 -17.26 -46.72
N LYS B 369 -33.09 -17.04 -47.86
CA LYS B 369 -32.93 -18.08 -48.88
C LYS B 369 -32.12 -19.24 -48.34
N ARG B 370 -30.99 -18.91 -47.73
CA ARG B 370 -30.09 -19.87 -47.11
C ARG B 370 -30.79 -20.65 -45.99
N ILE B 371 -31.66 -19.97 -45.24
CA ILE B 371 -32.37 -20.62 -44.15
C ILE B 371 -33.46 -21.57 -44.68
N ASP B 372 -34.20 -21.12 -45.69
CA ASP B 372 -35.22 -21.96 -46.30
C ASP B 372 -34.68 -23.27 -46.86
N GLU B 373 -33.45 -23.20 -47.39
CA GLU B 373 -32.78 -24.38 -47.93
C GLU B 373 -32.41 -25.33 -46.81
N ILE B 374 -31.83 -24.77 -45.75
CA ILE B 374 -31.44 -25.53 -44.57
C ILE B 374 -32.62 -26.28 -44.01
N LYS B 375 -33.78 -25.62 -43.99
CA LYS B 375 -34.98 -26.20 -43.41
C LYS B 375 -35.66 -27.29 -44.25
N GLU B 376 -35.24 -27.46 -45.51
CA GLU B 376 -35.83 -28.49 -46.35
C GLU B 376 -34.95 -29.74 -46.47
N LYS B 377 -34.76 -30.40 -45.32
CA LYS B 377 -33.97 -31.64 -45.18
C LYS B 377 -34.38 -32.41 -43.91
N ALA C 7 -35.56 -26.20 36.93
CA ALA C 7 -35.23 -25.77 35.53
C ALA C 7 -36.24 -26.35 34.54
N SER C 8 -36.37 -25.71 33.39
CA SER C 8 -37.40 -26.10 32.40
C SER C 8 -36.88 -26.89 31.20
N TYR C 9 -35.56 -26.90 30.99
CA TYR C 9 -34.94 -27.74 29.96
C TYR C 9 -34.68 -29.19 30.44
N VAL C 10 -34.94 -29.43 31.73
CA VAL C 10 -34.82 -30.74 32.34
C VAL C 10 -36.12 -31.52 32.14
N LYS C 11 -36.06 -32.56 31.30
CA LYS C 11 -37.25 -33.30 30.89
C LYS C 11 -37.78 -34.27 31.96
N PHE C 12 -36.88 -34.99 32.63
CA PHE C 12 -37.26 -35.99 33.63
C PHE C 12 -36.42 -35.88 34.91
N GLU C 13 -36.78 -36.70 35.90
CA GLU C 13 -36.13 -36.66 37.22
C GLU C 13 -35.07 -37.75 37.39
N VAL C 14 -33.87 -37.32 37.78
CA VAL C 14 -32.75 -38.24 38.01
C VAL C 14 -32.44 -38.34 39.50
N PRO C 15 -32.65 -39.52 40.11
CA PRO C 15 -32.25 -39.73 41.50
C PRO C 15 -30.73 -39.74 41.64
N GLN C 16 -30.22 -39.27 42.79
CA GLN C 16 -28.79 -39.03 43.00
C GLN C 16 -27.88 -40.26 42.87
N ASP C 17 -28.43 -41.45 43.10
CA ASP C 17 -27.69 -42.69 42.92
C ASP C 17 -27.27 -42.83 41.46
N LEU C 18 -28.21 -42.54 40.56
CA LEU C 18 -27.99 -42.54 39.12
C LEU C 18 -27.02 -41.44 38.71
N ALA C 19 -27.26 -40.23 39.20
CA ALA C 19 -26.40 -39.07 38.93
C ALA C 19 -24.93 -39.35 39.24
N ASP C 20 -24.70 -40.12 40.30
CA ASP C 20 -23.35 -40.52 40.71
C ASP C 20 -22.78 -41.60 39.80
N LYS C 21 -23.64 -42.53 39.39
CA LYS C 21 -23.25 -43.59 38.45
C LYS C 21 -22.93 -43.02 37.07
N VAL C 22 -23.55 -41.87 36.77
CA VAL C 22 -23.25 -41.14 35.53
C VAL C 22 -21.84 -40.55 35.60
N LEU C 23 -21.59 -39.73 36.63
CA LEU C 23 -20.28 -39.11 36.84
C LEU C 23 -19.14 -40.14 36.85
N GLU C 24 -19.40 -41.31 37.46
CA GLU C 24 -18.47 -42.45 37.43
C GLU C 24 -18.21 -42.97 36.02
N ALA C 25 -19.29 -43.16 35.25
CA ALA C 25 -19.21 -43.67 33.88
C ALA C 25 -18.34 -42.79 33.01
N VAL C 26 -18.46 -41.48 33.23
CA VAL C 26 -17.69 -40.49 32.49
C VAL C 26 -16.19 -40.63 32.79
N ARG C 27 -15.83 -40.70 34.07
CA ARG C 27 -14.42 -40.77 34.51
C ARG C 27 -13.68 -41.96 33.93
N LYS C 28 -14.34 -43.12 33.95
CA LYS C 28 -13.79 -44.34 33.36
C LYS C 28 -13.65 -44.18 31.85
N ALA C 29 -14.54 -43.38 31.27
CA ALA C 29 -14.51 -43.11 29.84
C ALA C 29 -13.39 -42.15 29.44
N LYS C 30 -12.95 -41.28 30.35
CA LYS C 30 -11.76 -40.46 30.09
C LYS C 30 -10.54 -41.34 30.02
N GLU C 31 -10.46 -42.29 30.95
CA GLU C 31 -9.33 -43.16 31.10
C GLU C 31 -9.19 -44.17 29.95
N SER C 32 -10.26 -44.93 29.70
CA SER C 32 -10.20 -46.09 28.79
C SER C 32 -10.82 -45.88 27.40
N GLY C 33 -11.70 -44.89 27.26
CA GLY C 33 -12.39 -44.61 25.99
C GLY C 33 -12.17 -43.20 25.48
N LYS C 34 -13.20 -42.65 24.84
CA LYS C 34 -13.13 -41.31 24.28
C LYS C 34 -14.36 -40.52 24.69
N ILE C 35 -14.15 -39.37 25.31
CA ILE C 35 -15.26 -38.47 25.63
C ILE C 35 -15.13 -37.11 24.95
N LYS C 36 -16.22 -36.35 24.93
CA LYS C 36 -16.20 -34.97 24.44
C LYS C 36 -16.72 -34.06 25.55
N LYS C 37 -16.04 -32.94 25.75
CA LYS C 37 -16.35 -32.04 26.86
C LYS C 37 -16.59 -30.62 26.41
N GLY C 38 -17.72 -30.04 26.83
CA GLY C 38 -18.14 -28.70 26.42
C GLY C 38 -19.37 -28.74 25.53
N THR C 39 -20.21 -27.70 25.59
CA THR C 39 -21.50 -27.67 24.88
C THR C 39 -21.37 -27.71 23.36
N ASN C 40 -20.41 -26.95 22.82
CA ASN C 40 -20.19 -26.96 21.39
C ASN C 40 -19.67 -28.29 20.86
N GLU C 41 -18.77 -28.93 21.61
CA GLU C 41 -18.22 -30.23 21.22
C GLU C 41 -19.24 -31.35 21.41
N THR C 42 -20.15 -31.18 22.37
CA THR C 42 -21.23 -32.12 22.61
C THR C 42 -22.22 -32.04 21.46
N THR C 43 -22.51 -30.81 21.03
CA THR C 43 -23.40 -30.55 19.90
C THR C 43 -22.93 -31.26 18.64
N LYS C 44 -21.64 -31.11 18.33
CA LYS C 44 -21.07 -31.71 17.14
C LYS C 44 -21.12 -33.23 17.22
N ALA C 45 -21.03 -33.75 18.44
CA ALA C 45 -21.02 -35.19 18.65
C ALA C 45 -22.40 -35.79 18.39
N VAL C 46 -23.44 -34.99 18.59
CA VAL C 46 -24.80 -35.43 18.36
C VAL C 46 -25.09 -35.27 16.88
N GLU C 47 -24.80 -34.09 16.35
CA GLU C 47 -24.96 -33.81 14.92
C GLU C 47 -24.29 -34.88 14.06
N ARG C 48 -23.12 -35.34 14.48
CA ARG C 48 -22.36 -36.36 13.76
C ARG C 48 -22.74 -37.78 14.13
N GLY C 49 -23.62 -37.93 15.11
CA GLY C 49 -24.07 -39.25 15.57
C GLY C 49 -23.02 -40.14 16.19
N GLN C 50 -21.96 -39.55 16.74
CA GLN C 50 -20.87 -40.32 17.36
C GLN C 50 -21.16 -40.72 18.82
N ALA C 51 -21.89 -39.86 19.55
CA ALA C 51 -22.16 -40.03 20.98
C ALA C 51 -23.14 -41.17 21.30
N LYS C 52 -22.87 -41.92 22.38
CA LYS C 52 -23.75 -42.99 22.85
C LYS C 52 -24.59 -42.51 24.02
N LEU C 53 -24.02 -41.56 24.78
CA LEU C 53 -24.72 -40.95 25.91
C LEU C 53 -24.31 -39.49 26.05
N VAL C 54 -25.30 -38.64 26.27
CA VAL C 54 -25.10 -37.22 26.43
C VAL C 54 -25.46 -36.82 27.86
N ILE C 55 -24.54 -36.12 28.52
CA ILE C 55 -24.74 -35.69 29.89
C ILE C 55 -24.92 -34.17 29.94
N ILE C 56 -26.02 -33.73 30.54
CA ILE C 56 -26.31 -32.31 30.65
C ILE C 56 -26.43 -31.90 32.13
N ALA C 57 -25.88 -30.73 32.47
CA ALA C 57 -25.97 -30.21 33.84
C ALA C 57 -27.28 -29.44 34.08
N GLU C 58 -27.75 -29.44 35.33
CA GLU C 58 -29.05 -28.84 35.72
C GLU C 58 -28.98 -27.41 36.23
N ASP C 59 -27.76 -26.91 36.37
CA ASP C 59 -27.50 -25.57 36.92
C ASP C 59 -26.78 -24.63 35.94
N VAL C 60 -27.10 -24.76 34.65
CA VAL C 60 -26.50 -23.91 33.60
C VAL C 60 -27.11 -22.52 33.67
N GLN C 61 -26.27 -21.48 33.60
CA GLN C 61 -26.71 -20.13 33.99
C GLN C 61 -26.86 -18.97 32.99
N PRO C 62 -27.22 -19.32 31.75
CA PRO C 62 -28.49 -18.97 31.11
C PRO C 62 -29.03 -20.33 30.65
N GLU C 63 -30.19 -20.73 31.19
CA GLU C 63 -30.74 -22.07 30.93
C GLU C 63 -30.64 -22.52 29.47
N GLU C 64 -30.82 -21.57 28.57
CA GLU C 64 -31.02 -21.85 27.16
C GLU C 64 -29.77 -22.35 26.45
N ILE C 65 -28.61 -22.19 27.11
CA ILE C 65 -27.32 -22.63 26.55
C ILE C 65 -27.29 -24.11 26.11
N VAL C 66 -28.02 -24.95 26.82
CA VAL C 66 -28.02 -26.37 26.51
C VAL C 66 -29.40 -26.85 26.08
N ALA C 67 -30.35 -25.92 26.01
CA ALA C 67 -31.77 -26.23 25.76
C ALA C 67 -32.01 -26.98 24.45
N HIS C 68 -31.10 -26.79 23.50
CA HIS C 68 -31.20 -27.40 22.16
C HIS C 68 -30.83 -28.88 22.11
N LEU C 69 -30.06 -29.32 23.11
CA LEU C 69 -29.62 -30.72 23.19
C LEU C 69 -30.76 -31.76 23.32
N PRO C 70 -31.74 -31.53 24.22
CA PRO C 70 -32.85 -32.50 24.23
C PRO C 70 -33.49 -32.67 22.85
N LEU C 71 -33.82 -31.56 22.18
CA LEU C 71 -34.37 -31.61 20.82
C LEU C 71 -33.43 -32.32 19.83
N LEU C 72 -32.15 -31.98 19.86
CA LEU C 72 -31.18 -32.57 18.93
C LEU C 72 -31.00 -34.06 19.16
N CYS C 73 -30.96 -34.46 20.43
CA CYS C 73 -30.71 -35.85 20.84
C CYS C 73 -31.85 -36.79 20.45
N ASP C 74 -33.07 -36.24 20.41
CA ASP C 74 -34.26 -37.03 20.09
C ASP C 74 -34.38 -37.26 18.59
N GLU C 75 -33.92 -36.30 17.79
CA GLU C 75 -33.88 -36.38 16.33
C GLU C 75 -32.94 -37.48 15.90
N LYS C 76 -31.75 -37.51 16.52
CA LYS C 76 -30.71 -38.48 16.20
C LYS C 76 -30.79 -39.71 17.10
N LYS C 77 -31.80 -39.72 17.97
CA LYS C 77 -32.10 -40.83 18.87
C LYS C 77 -30.92 -41.26 19.75
N ILE C 78 -30.19 -40.28 20.27
CA ILE C 78 -29.12 -40.52 21.24
C ILE C 78 -29.65 -40.16 22.64
N PRO C 79 -29.55 -41.10 23.61
CA PRO C 79 -30.01 -40.86 24.97
C PRO C 79 -29.19 -39.84 25.76
N TYR C 80 -29.90 -39.05 26.57
CA TYR C 80 -29.27 -38.04 27.41
C TYR C 80 -29.70 -38.16 28.89
N VAL C 81 -28.86 -37.61 29.76
CA VAL C 81 -29.01 -37.71 31.22
C VAL C 81 -28.58 -36.40 31.87
N TYR C 82 -29.12 -36.14 33.06
CA TYR C 82 -28.75 -34.95 33.82
C TYR C 82 -27.89 -35.23 35.06
N VAL C 83 -27.06 -34.26 35.41
CA VAL C 83 -26.38 -34.23 36.71
C VAL C 83 -26.68 -32.87 37.34
N SER C 84 -26.55 -32.77 38.66
CA SER C 84 -26.97 -31.55 39.34
C SER C 84 -25.96 -30.43 39.27
N SER C 85 -24.67 -30.76 39.34
CA SER C 85 -23.64 -29.74 39.34
C SER C 85 -22.78 -29.75 38.08
N LYS C 86 -22.59 -28.55 37.52
CA LYS C 86 -21.76 -28.38 36.33
C LYS C 86 -20.27 -28.45 36.70
N LYS C 87 -19.97 -27.94 37.89
CA LYS C 87 -18.61 -27.97 38.43
C LYS C 87 -18.19 -29.42 38.66
N ALA C 88 -19.13 -30.24 39.13
CA ALA C 88 -18.90 -31.67 39.35
C ALA C 88 -18.66 -32.46 38.07
N LEU C 89 -19.40 -32.12 37.01
CA LEU C 89 -19.25 -32.79 35.72
C LEU C 89 -17.95 -32.42 35.01
N GLY C 90 -17.60 -31.13 35.06
CA GLY C 90 -16.35 -30.66 34.48
C GLY C 90 -15.16 -31.26 35.19
N GLU C 91 -15.23 -31.28 36.52
CA GLU C 91 -14.16 -31.83 37.36
C GLU C 91 -14.09 -33.36 37.29
N ALA C 92 -15.20 -33.98 36.90
CA ALA C 92 -15.17 -35.36 36.49
C ALA C 92 -14.36 -35.43 35.20
N CYS C 93 -14.72 -34.58 34.24
CA CYS C 93 -14.17 -34.62 32.87
C CYS C 93 -12.65 -34.56 32.71
N GLY C 94 -11.95 -34.29 33.81
CA GLY C 94 -10.52 -34.12 33.80
C GLY C 94 -10.17 -32.67 33.59
N LEU C 95 -11.13 -31.79 33.93
CA LEU C 95 -10.90 -30.36 33.88
C LEU C 95 -10.92 -29.80 35.30
N GLN C 96 -10.30 -28.65 35.50
CA GLN C 96 -10.41 -27.96 36.79
C GLN C 96 -11.44 -26.83 36.76
N VAL C 97 -12.15 -26.72 35.64
CA VAL C 97 -13.22 -25.73 35.48
C VAL C 97 -14.54 -26.46 35.19
N ALA C 98 -15.65 -25.74 35.28
CA ALA C 98 -16.99 -26.29 35.05
C ALA C 98 -17.22 -26.76 33.62
N THR C 99 -18.26 -27.57 33.41
CA THR C 99 -18.76 -27.88 32.07
C THR C 99 -20.29 -28.04 32.07
N ALA C 100 -20.96 -27.43 31.10
CA ALA C 100 -22.42 -27.42 31.05
C ALA C 100 -23.01 -28.69 30.43
N SER C 101 -22.25 -29.35 29.57
CA SER C 101 -22.66 -30.64 29.00
C SER C 101 -21.45 -31.42 28.47
N ALA C 102 -21.57 -32.73 28.43
CA ALA C 102 -20.53 -33.60 27.88
C ALA C 102 -21.14 -34.79 27.13
N ALA C 103 -20.30 -35.53 26.43
CA ALA C 103 -20.74 -36.68 25.67
C ALA C 103 -19.75 -37.84 25.79
N ILE C 104 -20.27 -39.06 25.84
CA ILE C 104 -19.44 -40.27 25.74
C ILE C 104 -19.54 -40.83 24.33
N LEU C 105 -18.42 -40.90 23.63
CA LEU C 105 -18.38 -41.41 22.27
C LEU C 105 -18.05 -42.91 22.24
N GLU C 106 -17.08 -43.31 23.05
CA GLU C 106 -16.72 -44.72 23.21
C GLU C 106 -16.58 -45.01 24.69
N PRO C 107 -17.39 -45.96 25.21
CA PRO C 107 -17.46 -46.17 26.65
C PRO C 107 -16.18 -46.80 27.19
N GLY C 108 -15.58 -47.71 26.44
CA GLY C 108 -14.42 -48.47 26.88
C GLY C 108 -14.76 -49.35 28.07
N GLU C 109 -14.04 -49.15 29.17
CA GLU C 109 -14.27 -49.88 30.42
C GLU C 109 -15.40 -49.26 31.26
N ALA C 110 -16.47 -48.88 30.57
CA ALA C 110 -17.66 -48.35 31.21
C ALA C 110 -18.89 -48.83 30.44
N LYS C 111 -18.66 -49.73 29.49
CA LYS C 111 -19.74 -50.30 28.67
C LYS C 111 -20.91 -50.81 29.48
N ASP C 112 -20.63 -51.69 30.45
CA ASP C 112 -21.64 -52.24 31.34
C ASP C 112 -22.29 -51.16 32.19
N LEU C 113 -21.48 -50.21 32.62
CA LEU C 113 -21.93 -49.10 33.45
C LEU C 113 -22.87 -48.18 32.67
N VAL C 114 -22.53 -47.91 31.41
CA VAL C 114 -23.33 -47.07 30.52
C VAL C 114 -24.64 -47.74 30.10
N ASP C 115 -24.57 -49.01 29.72
CA ASP C 115 -25.75 -49.76 29.31
C ASP C 115 -26.82 -49.87 30.39
N GLU C 116 -26.40 -49.86 31.65
CA GLU C 116 -27.33 -49.83 32.77
C GLU C 116 -27.98 -48.46 32.89
N ILE C 117 -27.21 -47.41 32.63
CA ILE C 117 -27.72 -46.03 32.68
C ILE C 117 -28.73 -45.76 31.57
N ILE C 118 -28.38 -46.13 30.33
CA ILE C 118 -29.28 -45.91 29.20
C ILE C 118 -30.53 -46.78 29.28
N LYS C 119 -30.56 -47.69 30.25
CA LYS C 119 -31.75 -48.52 30.45
C LYS C 119 -32.56 -48.10 31.65
N ARG C 120 -31.90 -47.50 32.64
CA ARG C 120 -32.60 -46.90 33.78
C ARG C 120 -33.34 -45.62 33.41
N VAL C 121 -32.75 -44.83 32.52
CA VAL C 121 -33.37 -43.59 32.04
C VAL C 121 -34.52 -43.89 31.07
N ASN C 122 -34.49 -45.09 30.51
CA ASN C 122 -35.59 -45.60 29.71
C ASN C 122 -36.79 -45.93 30.57
N GLU C 123 -36.54 -46.57 31.72
CA GLU C 123 -37.60 -46.99 32.64
C GLU C 123 -38.29 -45.79 33.26
N ILE C 124 -37.49 -44.83 33.72
CA ILE C 124 -38.02 -43.62 34.34
C ILE C 124 -38.41 -42.58 33.29
N LYS C 125 -38.69 -43.08 32.08
CA LYS C 125 -39.11 -42.26 30.95
C LYS C 125 -40.42 -42.81 30.35
N GLY C 126 -40.69 -44.09 30.60
CA GLY C 126 -41.83 -44.79 30.04
C GLY C 126 -41.39 -46.18 29.63
N LYS C 127 -41.47 -46.44 28.32
CA LYS C 127 -40.85 -47.61 27.66
C LYS C 127 -41.41 -49.05 27.90
N THR C 128 -40.51 -50.01 28.14
CA THR C 128 -40.78 -51.47 28.06
C THR C 128 -41.00 -51.94 26.62
N ALA D 7 -12.39 1.96 -58.41
CA ALA D 7 -12.82 1.49 -57.04
C ALA D 7 -12.01 2.16 -55.94
N SER D 8 -12.57 2.26 -54.73
CA SER D 8 -12.00 3.12 -53.68
C SER D 8 -11.13 2.39 -52.64
N TYR D 9 -11.37 1.10 -52.46
CA TYR D 9 -10.54 0.29 -51.56
C TYR D 9 -9.23 -0.11 -52.20
N VAL D 10 -9.06 0.25 -53.49
CA VAL D 10 -7.81 0.01 -54.22
C VAL D 10 -6.86 1.17 -53.95
N LYS D 11 -5.74 0.87 -53.32
CA LYS D 11 -4.82 1.91 -52.88
C LYS D 11 -3.88 2.43 -53.97
N PHE D 12 -3.38 1.54 -54.82
CA PHE D 12 -2.43 1.90 -55.87
C PHE D 12 -2.73 1.21 -57.21
N GLU D 13 -1.99 1.58 -58.25
CA GLU D 13 -2.21 1.05 -59.60
C GLU D 13 -1.30 -0.13 -59.97
N VAL D 14 -1.93 -1.25 -60.33
CA VAL D 14 -1.22 -2.47 -60.76
C VAL D 14 -1.29 -2.69 -62.27
N PRO D 15 -0.15 -2.58 -62.97
CA PRO D 15 -0.12 -2.83 -64.42
C PRO D 15 -0.29 -4.32 -64.72
N GLN D 16 -0.95 -4.62 -65.84
CA GLN D 16 -1.39 -5.99 -66.17
C GLN D 16 -0.29 -7.05 -66.18
N ASP D 17 0.94 -6.63 -66.44
CA ASP D 17 2.09 -7.54 -66.43
C ASP D 17 2.26 -8.09 -65.03
N LEU D 18 2.18 -7.19 -64.05
CA LEU D 18 2.27 -7.55 -62.63
C LEU D 18 1.07 -8.39 -62.19
N ALA D 19 -0.11 -7.97 -62.60
CA ALA D 19 -1.34 -8.70 -62.30
C ALA D 19 -1.27 -10.17 -62.75
N ASP D 20 -0.63 -10.40 -63.91
CA ASP D 20 -0.44 -11.75 -64.45
C ASP D 20 0.64 -12.51 -63.71
N LYS D 21 1.68 -11.79 -63.28
CA LYS D 21 2.74 -12.40 -62.49
C LYS D 21 2.25 -12.78 -61.09
N VAL D 22 1.22 -12.10 -60.62
CA VAL D 22 0.57 -12.43 -59.36
C VAL D 22 -0.25 -13.73 -59.50
N LEU D 23 -1.14 -13.77 -60.48
CA LEU D 23 -1.95 -14.97 -60.72
C LEU D 23 -1.08 -16.21 -60.91
N GLU D 24 0.02 -16.06 -61.66
CA GLU D 24 1.02 -17.12 -61.79
C GLU D 24 1.58 -17.55 -60.43
N ALA D 25 2.00 -16.56 -59.63
CA ALA D 25 2.58 -16.82 -58.32
C ALA D 25 1.64 -17.62 -57.44
N VAL D 26 0.35 -17.36 -57.59
CA VAL D 26 -0.65 -18.05 -56.79
C VAL D 26 -0.76 -19.51 -57.19
N ARG D 27 -0.76 -19.78 -58.51
CA ARG D 27 -0.91 -21.14 -59.05
C ARG D 27 0.22 -22.06 -58.64
N LYS D 28 1.43 -21.55 -58.73
CA LYS D 28 2.60 -22.32 -58.30
C LYS D 28 2.55 -22.57 -56.80
N ALA D 29 1.92 -21.65 -56.07
CA ALA D 29 1.82 -21.77 -54.63
C ALA D 29 0.75 -22.77 -54.21
N LYS D 30 -0.26 -22.99 -55.04
CA LYS D 30 -1.23 -24.08 -54.80
C LYS D 30 -0.49 -25.37 -54.87
N GLU D 31 0.31 -25.50 -55.94
CA GLU D 31 1.01 -26.72 -56.27
C GLU D 31 2.06 -27.06 -55.23
N SER D 32 2.95 -26.12 -54.94
CA SER D 32 4.16 -26.43 -54.20
C SER D 32 4.22 -25.88 -52.79
N GLY D 33 3.29 -24.99 -52.45
CA GLY D 33 3.26 -24.41 -51.10
C GLY D 33 1.90 -24.50 -50.46
N LYS D 34 1.56 -23.47 -49.69
CA LYS D 34 0.28 -23.41 -49.00
C LYS D 34 -0.36 -22.04 -49.22
N ILE D 35 -1.57 -22.06 -49.77
CA ILE D 35 -2.37 -20.83 -49.89
C ILE D 35 -3.66 -20.85 -49.06
N LYS D 36 -4.26 -19.68 -48.85
CA LYS D 36 -5.60 -19.58 -48.29
C LYS D 36 -6.48 -18.87 -49.31
N LYS D 37 -7.71 -19.35 -49.47
CA LYS D 37 -8.61 -18.80 -50.48
C LYS D 37 -9.97 -18.41 -49.89
N GLY D 38 -10.41 -17.19 -50.20
CA GLY D 38 -11.62 -16.62 -49.58
C GLY D 38 -11.29 -15.54 -48.57
N THR D 39 -12.16 -14.53 -48.50
CA THR D 39 -11.93 -13.33 -47.68
C THR D 39 -11.82 -13.59 -46.17
N ASN D 40 -12.66 -14.49 -45.65
CA ASN D 40 -12.59 -14.82 -44.25
C ASN D 40 -11.28 -15.51 -43.89
N GLU D 41 -10.88 -16.47 -44.72
CA GLU D 41 -9.66 -17.23 -44.48
C GLU D 41 -8.44 -16.35 -44.66
N THR D 42 -8.50 -15.44 -45.64
CA THR D 42 -7.45 -14.45 -45.86
C THR D 42 -7.31 -13.53 -44.63
N THR D 43 -8.45 -13.13 -44.10
CA THR D 43 -8.48 -12.30 -42.92
C THR D 43 -7.71 -13.01 -41.82
N LYS D 44 -8.08 -14.26 -41.53
CA LYS D 44 -7.51 -15.00 -40.39
C LYS D 44 -6.00 -15.17 -40.57
N ALA D 45 -5.60 -15.26 -41.83
CA ALA D 45 -4.20 -15.43 -42.20
C ALA D 45 -3.41 -14.16 -41.90
N VAL D 46 -4.06 -13.00 -41.98
CA VAL D 46 -3.41 -11.74 -41.67
C VAL D 46 -3.41 -11.53 -40.16
N GLU D 47 -4.58 -11.72 -39.55
CA GLU D 47 -4.73 -11.60 -38.11
C GLU D 47 -3.71 -12.49 -37.38
N ARG D 48 -3.43 -13.66 -37.94
CA ARG D 48 -2.45 -14.61 -37.38
C ARG D 48 -1.01 -14.39 -37.84
N GLY D 49 -0.82 -13.51 -38.83
CA GLY D 49 0.53 -13.15 -39.28
C GLY D 49 1.22 -14.19 -40.15
N GLN D 50 0.42 -15.15 -40.62
CA GLN D 50 0.94 -16.23 -41.44
C GLN D 50 1.20 -15.80 -42.88
N ALA D 51 0.41 -14.88 -43.40
CA ALA D 51 0.44 -14.53 -44.82
C ALA D 51 1.67 -13.72 -45.20
N LYS D 52 2.30 -14.06 -46.32
CA LYS D 52 3.47 -13.33 -46.85
C LYS D 52 3.03 -12.30 -47.88
N LEU D 53 2.00 -12.66 -48.66
CA LEU D 53 1.42 -11.78 -49.66
C LEU D 53 -0.08 -11.95 -49.70
N VAL D 54 -0.80 -10.82 -49.73
CA VAL D 54 -2.26 -10.82 -49.83
C VAL D 54 -2.71 -10.27 -51.19
N ILE D 55 -3.61 -11.01 -51.85
CA ILE D 55 -4.10 -10.66 -53.19
C ILE D 55 -5.58 -10.32 -53.16
N ILE D 56 -5.90 -9.09 -53.56
CA ILE D 56 -7.28 -8.60 -53.52
C ILE D 56 -7.79 -8.30 -54.94
N ALA D 57 -8.99 -8.80 -55.25
CA ALA D 57 -9.64 -8.52 -56.53
C ALA D 57 -10.23 -7.12 -56.56
N GLU D 58 -10.31 -6.54 -57.76
CA GLU D 58 -10.75 -5.16 -57.95
C GLU D 58 -12.25 -5.00 -58.23
N ASP D 59 -12.92 -6.12 -58.50
CA ASP D 59 -14.32 -6.11 -58.91
C ASP D 59 -15.25 -6.78 -57.90
N VAL D 60 -14.96 -6.57 -56.61
CA VAL D 60 -15.78 -7.10 -55.50
C VAL D 60 -17.10 -6.33 -55.39
N GLN D 61 -18.22 -7.04 -55.26
CA GLN D 61 -19.52 -6.43 -55.48
C GLN D 61 -20.54 -6.33 -54.34
N PRO D 62 -20.04 -6.11 -53.14
CA PRO D 62 -20.15 -4.86 -52.42
C PRO D 62 -18.69 -4.54 -52.08
N GLU D 63 -18.16 -3.41 -52.54
CA GLU D 63 -16.76 -3.03 -52.33
C GLU D 63 -16.24 -3.27 -50.92
N GLU D 64 -17.12 -3.05 -49.95
CA GLU D 64 -16.74 -3.03 -48.54
C GLU D 64 -16.36 -4.39 -47.98
N ILE D 65 -16.75 -5.45 -48.67
CA ILE D 65 -16.41 -6.82 -48.30
C ILE D 65 -14.91 -7.05 -48.05
N VAL D 66 -14.06 -6.40 -48.83
CA VAL D 66 -12.61 -6.56 -48.65
C VAL D 66 -11.92 -5.29 -48.16
N ALA D 67 -12.72 -4.28 -47.82
CA ALA D 67 -12.20 -2.95 -47.53
C ALA D 67 -11.32 -2.91 -46.29
N HIS D 68 -11.51 -3.90 -45.42
CA HIS D 68 -10.80 -3.98 -44.15
C HIS D 68 -9.39 -4.50 -44.30
N LEU D 69 -9.13 -5.20 -45.40
CA LEU D 69 -7.81 -5.81 -45.68
C LEU D 69 -6.64 -4.82 -45.81
N PRO D 70 -6.79 -3.74 -46.60
CA PRO D 70 -5.65 -2.82 -46.60
C PRO D 70 -5.29 -2.35 -45.20
N LEU D 71 -6.29 -1.98 -44.41
CA LEU D 71 -6.07 -1.49 -43.05
C LEU D 71 -5.39 -2.54 -42.20
N LEU D 72 -5.81 -3.80 -42.39
CA LEU D 72 -5.38 -4.90 -41.51
C LEU D 72 -3.96 -5.34 -41.82
N CYS D 73 -3.65 -5.39 -43.12
CA CYS D 73 -2.35 -5.75 -43.64
C CYS D 73 -1.28 -4.75 -43.23
N ASP D 74 -1.64 -3.47 -43.19
CA ASP D 74 -0.70 -2.42 -42.75
C ASP D 74 -0.32 -2.52 -41.27
N GLU D 75 -1.28 -2.88 -40.43
CA GLU D 75 -1.03 -3.11 -39.01
C GLU D 75 -0.06 -4.26 -38.80
N LYS D 76 -0.28 -5.33 -39.55
CA LYS D 76 0.54 -6.55 -39.44
C LYS D 76 1.76 -6.53 -40.40
N LYS D 77 1.85 -5.46 -41.20
CA LYS D 77 2.95 -5.24 -42.15
C LYS D 77 3.11 -6.38 -43.16
N ILE D 78 1.98 -6.85 -43.68
CA ILE D 78 1.95 -7.84 -44.73
C ILE D 78 1.58 -7.14 -46.05
N PRO D 79 2.42 -7.31 -47.08
CA PRO D 79 2.13 -6.66 -48.36
C PRO D 79 0.92 -7.26 -49.07
N TYR D 80 0.20 -6.40 -49.79
CA TYR D 80 -0.98 -6.79 -50.54
C TYR D 80 -0.94 -6.22 -51.95
N VAL D 81 -1.65 -6.89 -52.86
CA VAL D 81 -1.62 -6.59 -54.29
C VAL D 81 -3.01 -6.80 -54.84
N TYR D 82 -3.28 -6.17 -55.99
CA TYR D 82 -4.58 -6.28 -56.65
C TYR D 82 -4.54 -7.09 -57.94
N VAL D 83 -5.66 -7.73 -58.26
CA VAL D 83 -5.89 -8.29 -59.58
C VAL D 83 -7.23 -7.74 -60.06
N SER D 84 -7.51 -7.80 -61.36
CA SER D 84 -8.71 -7.14 -61.89
C SER D 84 -9.95 -8.03 -61.86
N SER D 85 -9.79 -9.34 -61.97
CA SER D 85 -10.94 -10.24 -61.93
C SER D 85 -10.93 -11.22 -60.77
N LYS D 86 -12.07 -11.28 -60.09
CA LYS D 86 -12.26 -12.16 -58.95
C LYS D 86 -12.49 -13.59 -59.43
N LYS D 87 -13.11 -13.71 -60.61
CA LYS D 87 -13.34 -15.00 -61.24
C LYS D 87 -12.00 -15.61 -61.61
N ALA D 88 -11.10 -14.74 -62.10
CA ALA D 88 -9.76 -15.13 -62.54
C ALA D 88 -8.85 -15.54 -61.37
N LEU D 89 -9.02 -14.90 -60.22
CA LEU D 89 -8.24 -15.23 -59.03
C LEU D 89 -8.71 -16.55 -58.42
N GLY D 90 -10.02 -16.74 -58.36
CA GLY D 90 -10.57 -17.99 -57.87
C GLY D 90 -10.22 -19.17 -58.77
N GLU D 91 -10.33 -18.95 -60.07
CA GLU D 91 -9.98 -19.97 -61.04
C GLU D 91 -8.49 -20.26 -61.08
N ALA D 92 -7.66 -19.27 -60.75
CA ALA D 92 -6.26 -19.54 -60.45
C ALA D 92 -6.18 -20.44 -59.24
N CYS D 93 -6.85 -20.04 -58.15
CA CYS D 93 -6.80 -20.72 -56.83
C CYS D 93 -7.11 -22.23 -56.84
N GLY D 94 -7.62 -22.74 -57.96
CA GLY D 94 -7.94 -24.15 -58.08
C GLY D 94 -9.42 -24.37 -57.84
N LEU D 95 -10.17 -23.28 -57.92
CA LEU D 95 -11.63 -23.32 -57.74
C LEU D 95 -12.32 -23.12 -59.07
N GLN D 96 -13.58 -23.50 -59.13
CA GLN D 96 -14.34 -23.25 -60.34
C GLN D 96 -15.31 -22.09 -60.14
N VAL D 97 -15.24 -21.49 -58.95
CA VAL D 97 -16.02 -20.30 -58.64
C VAL D 97 -15.07 -19.13 -58.36
N ALA D 98 -15.64 -17.93 -58.26
CA ALA D 98 -14.88 -16.70 -58.04
C ALA D 98 -14.31 -16.65 -56.63
N THR D 99 -13.29 -15.81 -56.42
CA THR D 99 -12.85 -15.47 -55.07
C THR D 99 -12.47 -13.99 -54.96
N ALA D 100 -12.83 -13.37 -53.84
CA ALA D 100 -12.66 -11.93 -53.67
C ALA D 100 -11.26 -11.55 -53.19
N SER D 101 -10.62 -12.43 -52.44
CA SER D 101 -9.28 -12.19 -51.91
C SER D 101 -8.64 -13.52 -51.55
N ALA D 102 -7.31 -13.57 -51.63
CA ALA D 102 -6.57 -14.77 -51.28
C ALA D 102 -5.25 -14.39 -50.61
N ALA D 103 -4.58 -15.39 -50.06
CA ALA D 103 -3.32 -15.17 -49.35
C ALA D 103 -2.33 -16.30 -49.65
N ILE D 104 -1.04 -15.95 -49.76
CA ILE D 104 0.04 -16.95 -49.88
C ILE D 104 0.72 -17.08 -48.53
N LEU D 105 0.67 -18.27 -47.95
CA LEU D 105 1.26 -18.51 -46.63
C LEU D 105 2.69 -19.00 -46.75
N GLU D 106 2.90 -19.96 -47.65
CA GLU D 106 4.25 -20.43 -47.99
C GLU D 106 4.38 -20.50 -49.51
N PRO D 107 5.38 -19.80 -50.07
CA PRO D 107 5.45 -19.63 -51.53
C PRO D 107 5.95 -20.90 -52.23
N GLY D 108 6.73 -21.71 -51.55
CA GLY D 108 7.36 -22.88 -52.14
C GLY D 108 8.16 -22.52 -53.39
N GLU D 109 7.72 -23.04 -54.53
CA GLU D 109 8.41 -22.85 -55.83
C GLU D 109 7.92 -21.60 -56.52
N ALA D 110 7.81 -20.52 -55.74
CA ALA D 110 7.35 -19.24 -56.25
C ALA D 110 8.03 -18.17 -55.42
N LYS D 111 8.95 -18.59 -54.55
CA LYS D 111 9.66 -17.66 -53.69
C LYS D 111 10.26 -16.53 -54.49
N ASP D 112 11.00 -16.88 -55.54
CA ASP D 112 11.63 -15.89 -56.42
C ASP D 112 10.58 -15.00 -57.08
N LEU D 113 9.49 -15.63 -57.52
CA LEU D 113 8.40 -14.92 -58.19
C LEU D 113 7.65 -13.96 -57.26
N VAL D 114 7.41 -14.39 -56.02
CA VAL D 114 6.79 -13.53 -55.00
C VAL D 114 7.70 -12.37 -54.59
N ASP D 115 8.98 -12.65 -54.39
CA ASP D 115 9.94 -11.65 -53.92
C ASP D 115 10.04 -10.49 -54.90
N GLU D 116 9.85 -10.79 -56.19
CA GLU D 116 9.84 -9.77 -57.23
C GLU D 116 8.58 -8.93 -57.15
N ILE D 117 7.45 -9.57 -56.85
CA ILE D 117 6.19 -8.87 -56.68
C ILE D 117 6.21 -7.96 -55.46
N ILE D 118 6.60 -8.48 -54.30
CA ILE D 118 6.60 -7.67 -53.08
C ILE D 118 7.60 -6.53 -53.19
N LYS D 119 8.43 -6.56 -54.23
CA LYS D 119 9.41 -5.49 -54.43
C LYS D 119 9.05 -4.53 -55.55
N ARG D 120 8.26 -4.98 -56.51
CA ARG D 120 7.65 -4.08 -57.49
C ARG D 120 6.54 -3.21 -56.91
N VAL D 121 5.76 -3.78 -55.98
CA VAL D 121 4.66 -3.03 -55.32
C VAL D 121 5.20 -2.05 -54.29
N ASN D 122 6.44 -2.27 -53.87
CA ASN D 122 7.17 -1.30 -53.06
C ASN D 122 7.57 -0.09 -53.87
N GLU D 123 8.07 -0.33 -55.07
CA GLU D 123 8.54 0.74 -55.95
C GLU D 123 7.40 1.62 -56.40
N ILE D 124 6.30 1.01 -56.82
CA ILE D 124 5.15 1.77 -57.28
C ILE D 124 4.27 2.21 -56.13
N LYS D 125 4.88 2.23 -54.95
CA LYS D 125 4.22 2.66 -53.73
C LYS D 125 5.00 3.84 -53.12
N GLY D 126 6.28 3.93 -53.46
CA GLY D 126 7.22 4.89 -52.87
C GLY D 126 8.56 4.23 -52.60
N LYS D 127 8.96 4.20 -51.34
CA LYS D 127 10.08 3.38 -50.82
C LYS D 127 11.57 3.77 -51.10
N THR D 128 12.35 2.78 -51.55
CA THR D 128 13.83 2.85 -51.60
C THR D 128 14.46 2.88 -50.22
N ILE E 5 -43.94 -43.95 -34.20
CA ILE E 5 -44.30 -44.15 -32.78
C ILE E 5 -44.90 -45.56 -32.57
N THR E 6 -44.55 -46.17 -31.43
CA THR E 6 -45.16 -47.42 -30.94
C THR E 6 -44.96 -47.50 -29.41
N VAL E 7 -45.98 -47.94 -28.68
CA VAL E 7 -45.86 -48.12 -27.24
C VAL E 7 -46.18 -49.58 -26.89
N LYS E 8 -45.35 -50.18 -26.04
CA LYS E 8 -45.57 -51.57 -25.65
C LYS E 8 -45.13 -51.86 -24.21
N GLN E 9 -45.79 -52.84 -23.59
CA GLN E 9 -45.50 -53.28 -22.22
C GLN E 9 -44.06 -53.74 -22.04
N THR E 10 -43.55 -53.65 -20.81
CA THR E 10 -42.23 -54.19 -20.47
C THR E 10 -42.40 -55.34 -19.46
N ASN E 11 -41.29 -55.89 -18.97
CA ASN E 11 -41.29 -56.96 -17.97
C ASN E 11 -42.04 -56.59 -16.69
N MET E 12 -42.18 -55.29 -16.45
CA MET E 12 -42.77 -54.76 -15.24
C MET E 12 -44.12 -54.14 -15.51
N GLU E 13 -45.09 -54.47 -14.66
CA GLU E 13 -46.47 -53.96 -14.77
C GLU E 13 -46.57 -52.46 -14.95
N ASN E 14 -47.53 -52.03 -15.75
CA ASN E 14 -47.81 -50.61 -16.02
C ASN E 14 -46.60 -49.71 -16.30
N ILE E 15 -45.57 -50.29 -16.90
CA ILE E 15 -44.39 -49.55 -17.34
C ILE E 15 -44.15 -49.93 -18.80
N TYR E 16 -43.99 -48.92 -19.65
CA TYR E 16 -43.96 -49.11 -21.10
C TYR E 16 -42.78 -48.40 -21.75
N GLU E 17 -42.41 -48.84 -22.96
CA GLU E 17 -41.38 -48.17 -23.77
C GLU E 17 -41.95 -47.67 -25.09
N CYS E 18 -41.36 -46.58 -25.60
CA CYS E 18 -41.75 -46.05 -26.90
C CYS E 18 -40.69 -46.15 -27.96
N GLU E 19 -41.10 -46.64 -29.13
CA GLU E 19 -40.34 -46.48 -30.36
C GLU E 19 -40.76 -45.11 -30.85
N PHE E 20 -39.80 -44.29 -31.27
CA PHE E 20 -40.12 -42.90 -31.64
C PHE E 20 -39.99 -42.56 -33.13
N ASN E 21 -40.64 -41.47 -33.53
CA ASN E 21 -40.60 -40.94 -34.91
C ASN E 21 -39.19 -41.01 -35.50
N ASP E 22 -38.19 -40.92 -34.62
CA ASP E 22 -36.78 -40.92 -35.00
C ASP E 22 -36.07 -42.26 -34.72
N GLY E 23 -36.50 -42.98 -33.69
CA GLY E 23 -35.87 -44.25 -33.32
C GLY E 23 -35.14 -44.22 -31.98
N SER E 24 -35.66 -43.44 -31.05
CA SER E 24 -35.16 -43.44 -29.68
C SER E 24 -36.14 -44.24 -28.83
N PHE E 25 -35.68 -44.67 -27.66
CA PHE E 25 -36.51 -45.45 -26.75
C PHE E 25 -36.62 -44.78 -25.39
N ARG E 26 -37.82 -44.34 -25.04
CA ARG E 26 -38.03 -43.72 -23.72
C ARG E 26 -39.10 -44.38 -22.87
N LEU E 27 -38.85 -44.47 -21.57
CA LEU E 27 -39.82 -45.01 -20.62
C LEU E 27 -41.03 -44.10 -20.43
N CYS E 28 -42.16 -44.71 -20.12
CA CYS E 28 -43.38 -43.97 -19.83
C CYS E 28 -44.33 -44.78 -18.97
N THR E 29 -45.32 -44.10 -18.40
CA THR E 29 -46.32 -44.74 -17.56
C THR E 29 -47.70 -44.34 -18.06
N ARG E 30 -48.68 -45.15 -17.70
CA ARG E 30 -50.06 -44.94 -18.11
C ARG E 30 -50.67 -43.80 -17.29
N ASN E 31 -51.15 -42.78 -17.98
CA ASN E 31 -51.57 -41.54 -17.30
C ASN E 31 -52.90 -41.69 -16.59
N LEU E 32 -52.82 -41.67 -15.26
CA LEU E 32 -53.98 -41.78 -14.38
C LEU E 32 -54.91 -40.56 -14.47
N VAL E 33 -54.37 -39.41 -14.84
CA VAL E 33 -55.15 -38.19 -15.01
C VAL E 33 -54.87 -37.61 -16.41
N PRO E 34 -55.50 -38.18 -17.46
CA PRO E 34 -55.23 -37.80 -18.85
C PRO E 34 -55.41 -36.32 -19.14
N ASN E 35 -54.58 -35.82 -20.04
CA ASN E 35 -54.44 -34.38 -20.40
C ASN E 35 -53.60 -33.53 -19.43
N PHE E 36 -53.08 -34.14 -18.38
CA PHE E 36 -52.40 -33.41 -17.31
C PHE E 36 -51.04 -34.01 -16.90
N ASN E 37 -50.03 -33.14 -16.91
CA ASN E 37 -48.62 -33.47 -16.63
C ASN E 37 -48.09 -32.77 -15.36
N VAL E 38 -47.22 -33.45 -14.60
CA VAL E 38 -46.79 -32.91 -13.31
C VAL E 38 -45.56 -31.99 -13.38
N TYR E 39 -44.47 -32.45 -13.97
CA TYR E 39 -43.41 -31.53 -14.37
C TYR E 39 -43.66 -31.22 -15.87
N GLY E 40 -42.63 -30.95 -16.67
CA GLY E 40 -42.88 -30.58 -18.06
C GLY E 40 -43.08 -31.70 -19.07
N GLU E 41 -43.19 -32.93 -18.57
CA GLU E 41 -43.09 -34.15 -19.40
C GLU E 41 -44.06 -34.26 -20.56
N ARG E 42 -43.64 -35.01 -21.58
CA ARG E 42 -44.39 -35.17 -22.82
C ARG E 42 -45.56 -36.08 -22.57
N LEU E 43 -46.73 -35.70 -23.08
CA LEU E 43 -47.88 -36.59 -23.08
C LEU E 43 -48.00 -37.28 -24.43
N ILE E 44 -48.12 -38.60 -24.43
CA ILE E 44 -48.22 -39.37 -25.68
C ILE E 44 -49.44 -40.30 -25.80
N LYS E 45 -50.25 -40.04 -26.83
CA LYS E 45 -51.40 -40.87 -27.17
C LYS E 45 -50.98 -41.95 -28.15
N TYR E 46 -51.40 -43.18 -27.89
CA TYR E 46 -51.20 -44.30 -28.81
C TYR E 46 -52.34 -45.29 -28.64
N GLU E 47 -52.96 -45.65 -29.76
CA GLU E 47 -54.21 -46.43 -29.74
C GLU E 47 -55.19 -45.89 -28.69
N GLY E 48 -55.41 -44.58 -28.73
CA GLY E 48 -56.39 -43.92 -27.86
C GLY E 48 -56.18 -44.06 -26.37
N VAL E 49 -54.93 -44.29 -25.95
CA VAL E 49 -54.55 -44.34 -24.52
C VAL E 49 -53.35 -43.42 -24.27
N GLU E 50 -53.38 -42.67 -23.18
CA GLU E 50 -52.36 -41.64 -22.93
C GLU E 50 -51.28 -42.04 -21.91
N TYR E 51 -50.02 -41.86 -22.31
CA TYR E 51 -48.85 -42.18 -21.50
C TYR E 51 -48.01 -40.93 -21.16
N ARG E 52 -47.43 -40.93 -19.96
CA ARG E 52 -46.53 -39.88 -19.49
C ARG E 52 -45.06 -40.28 -19.58
N GLU E 53 -44.28 -39.50 -20.31
CA GLU E 53 -42.88 -39.84 -20.55
C GLU E 53 -42.05 -39.72 -19.28
N TRP E 54 -41.38 -40.81 -18.93
CA TRP E 54 -40.68 -40.91 -17.65
C TRP E 54 -39.20 -40.62 -17.77
N ASN E 55 -38.82 -39.35 -17.61
CA ASN E 55 -37.44 -38.91 -17.72
C ASN E 55 -36.54 -39.52 -16.64
N ALA E 56 -35.54 -40.28 -17.07
CA ALA E 56 -34.59 -40.96 -16.16
C ALA E 56 -33.67 -40.00 -15.41
N PHE E 57 -33.37 -38.87 -16.05
CA PHE E 57 -32.50 -37.86 -15.46
C PHE E 57 -33.11 -37.17 -14.23
N ARG E 58 -34.44 -37.26 -14.10
CA ARG E 58 -35.14 -36.65 -12.97
C ARG E 58 -35.59 -37.68 -11.93
N SER E 59 -36.07 -38.82 -12.41
CA SER E 59 -36.60 -39.83 -11.52
C SER E 59 -35.65 -41.01 -11.28
N LYS E 60 -35.17 -41.13 -10.05
CA LYS E 60 -34.20 -42.17 -9.71
C LYS E 60 -34.78 -43.54 -9.92
N LEU E 61 -36.09 -43.69 -9.83
CA LEU E 61 -36.72 -45.00 -10.10
C LEU E 61 -36.57 -45.39 -11.57
N ALA E 62 -36.82 -44.46 -12.49
CA ALA E 62 -36.64 -44.73 -13.93
C ALA E 62 -35.17 -45.03 -14.23
N GLY E 63 -34.30 -44.29 -13.55
CA GLY E 63 -32.87 -44.47 -13.66
C GLY E 63 -32.52 -45.89 -13.28
N ALA E 64 -33.04 -46.34 -12.15
CA ALA E 64 -32.74 -47.69 -11.67
C ALA E 64 -33.23 -48.72 -12.67
N ILE E 65 -34.37 -48.46 -13.30
CA ILE E 65 -34.95 -49.39 -14.25
C ILE E 65 -33.99 -49.53 -15.42
N LEU E 66 -33.60 -48.39 -16.00
CA LEU E 66 -32.70 -48.37 -17.16
C LEU E 66 -31.30 -48.89 -16.84
N LYS E 67 -30.99 -49.06 -15.56
CA LYS E 67 -29.73 -49.66 -15.14
C LYS E 67 -29.91 -51.12 -14.75
N GLY E 68 -31.03 -51.68 -15.19
CA GLY E 68 -31.31 -53.11 -15.12
C GLY E 68 -31.76 -53.60 -13.75
N LEU E 69 -32.79 -52.97 -13.18
CA LEU E 69 -33.35 -53.39 -11.91
C LEU E 69 -34.14 -54.71 -12.13
N LYS E 70 -33.58 -55.80 -11.60
CA LYS E 70 -34.14 -57.17 -11.71
C LYS E 70 -35.66 -57.22 -11.77
N THR E 71 -36.29 -57.01 -10.61
CA THR E 71 -37.74 -57.07 -10.46
C THR E 71 -38.18 -55.85 -9.68
N ASN E 72 -39.24 -55.21 -10.16
CA ASN E 72 -39.77 -54.01 -9.54
C ASN E 72 -40.96 -54.33 -8.63
N PRO E 73 -40.83 -54.10 -7.33
CA PRO E 73 -41.85 -54.45 -6.34
C PRO E 73 -43.00 -53.44 -6.28
N ILE E 74 -42.90 -52.39 -7.08
CA ILE E 74 -43.99 -51.43 -7.26
C ILE E 74 -44.81 -51.80 -8.50
N ARG E 75 -46.06 -52.19 -8.28
CA ARG E 75 -46.94 -52.62 -9.37
C ARG E 75 -48.39 -52.20 -9.15
N LYS E 76 -49.30 -52.73 -9.98
CA LYS E 76 -50.76 -52.54 -9.79
C LYS E 76 -51.22 -52.85 -8.38
N GLY E 77 -51.82 -51.85 -7.75
CA GLY E 77 -52.39 -51.99 -6.42
C GLY E 77 -51.40 -52.25 -5.29
N THR E 78 -50.21 -51.66 -5.40
CA THR E 78 -49.22 -51.79 -4.33
C THR E 78 -49.39 -50.64 -3.33
N LYS E 79 -49.11 -50.93 -2.06
CA LYS E 79 -49.13 -49.90 -1.03
C LYS E 79 -47.70 -49.46 -0.74
N VAL E 80 -47.39 -48.19 -1.02
CA VAL E 80 -46.02 -47.69 -0.81
C VAL E 80 -45.91 -46.50 0.16
N LEU E 81 -44.95 -46.57 1.08
CA LEU E 81 -44.60 -45.43 1.91
C LEU E 81 -43.39 -44.80 1.25
N TYR E 82 -43.50 -43.51 0.95
CA TYR E 82 -42.52 -42.85 0.12
C TYR E 82 -41.87 -41.75 0.92
N LEU E 83 -40.71 -42.02 1.48
CA LEU E 83 -40.02 -40.99 2.27
C LEU E 83 -39.23 -40.05 1.35
N GLY E 84 -39.48 -38.75 1.47
CA GLY E 84 -38.84 -37.71 0.64
C GLY E 84 -39.58 -37.52 -0.66
N ALA E 85 -40.88 -37.21 -0.58
CA ALA E 85 -41.71 -37.11 -1.77
C ALA E 85 -41.36 -35.87 -2.60
N ALA E 86 -40.76 -34.89 -1.94
CA ALA E 86 -40.35 -33.63 -2.58
C ALA E 86 -41.49 -33.02 -3.40
N SER E 87 -41.19 -32.48 -4.59
CA SER E 87 -42.15 -31.82 -5.50
C SER E 87 -43.17 -32.76 -6.15
N GLY E 88 -42.92 -34.07 -6.12
CA GLY E 88 -43.85 -35.04 -6.71
C GLY E 88 -43.49 -35.63 -8.06
N THR E 89 -42.25 -35.42 -8.50
CA THR E 89 -41.80 -35.94 -9.80
C THR E 89 -41.88 -37.47 -9.88
N THR E 90 -41.12 -38.16 -9.03
CA THR E 90 -41.12 -39.62 -9.03
C THR E 90 -42.43 -40.19 -8.50
N ILE E 91 -42.93 -39.63 -7.39
CA ILE E 91 -44.12 -40.20 -6.76
C ILE E 91 -45.33 -40.16 -7.69
N SER E 92 -45.35 -39.22 -8.62
CA SER E 92 -46.44 -39.18 -9.58
C SER E 92 -46.35 -40.40 -10.48
N HIS E 93 -45.14 -40.84 -10.79
CA HIS E 93 -44.99 -41.99 -11.63
C HIS E 93 -45.35 -43.27 -10.89
N VAL E 94 -45.11 -43.33 -9.59
CA VAL E 94 -45.50 -44.53 -8.87
C VAL E 94 -47.00 -44.50 -8.63
N SER E 95 -47.58 -43.31 -8.68
CA SER E 95 -49.03 -43.17 -8.66
C SER E 95 -49.65 -43.86 -9.89
N ASP E 96 -49.15 -43.50 -11.07
CA ASP E 96 -49.52 -44.12 -12.34
C ASP E 96 -49.39 -45.64 -12.32
N ILE E 97 -48.28 -46.13 -11.77
CA ILE E 97 -47.96 -47.56 -11.79
C ILE E 97 -48.93 -48.32 -10.91
N ILE E 98 -49.16 -47.76 -9.74
CA ILE E 98 -49.95 -48.37 -8.69
C ILE E 98 -51.47 -48.40 -8.97
N GLU E 99 -51.94 -47.41 -9.73
CA GLU E 99 -53.36 -47.23 -10.07
C GLU E 99 -54.28 -47.05 -8.84
N LEU E 100 -55.55 -46.73 -9.10
CA LEU E 100 -56.53 -46.35 -8.08
C LEU E 100 -56.63 -47.33 -6.91
N ASN E 101 -56.35 -48.61 -7.20
CA ASN E 101 -56.34 -49.68 -6.19
C ASN E 101 -55.35 -49.44 -5.07
N GLY E 102 -54.08 -49.27 -5.44
CA GLY E 102 -53.00 -49.10 -4.48
C GLY E 102 -52.87 -47.67 -3.97
N LYS E 103 -51.98 -47.47 -3.00
CA LYS E 103 -51.90 -46.20 -2.31
C LYS E 103 -50.47 -45.78 -2.02
N ALA E 104 -50.24 -44.47 -1.98
CA ALA E 104 -48.89 -43.92 -1.82
C ALA E 104 -48.89 -42.79 -0.81
N TYR E 105 -48.17 -42.99 0.28
CA TYR E 105 -48.11 -42.02 1.37
C TYR E 105 -46.80 -41.22 1.29
N GLY E 106 -46.92 -39.95 0.91
CA GLY E 106 -45.75 -39.16 0.58
C GLY E 106 -45.28 -38.28 1.70
N VAL E 107 -44.24 -38.71 2.41
CA VAL E 107 -43.69 -37.96 3.52
C VAL E 107 -42.64 -36.95 3.05
N GLU E 108 -42.77 -35.70 3.48
CA GLU E 108 -41.89 -34.64 3.05
C GLU E 108 -41.96 -33.50 4.05
N PHE E 109 -40.81 -33.03 4.52
CA PHE E 109 -40.76 -32.04 5.62
C PHE E 109 -40.36 -30.62 5.21
N SER E 110 -40.22 -30.37 3.91
CA SER E 110 -39.92 -29.03 3.45
C SER E 110 -41.16 -28.31 2.86
N PRO E 111 -41.68 -27.28 3.55
CA PRO E 111 -42.95 -26.66 3.18
C PRO E 111 -42.88 -25.98 1.81
N ARG E 112 -41.76 -25.34 1.52
CA ARG E 112 -41.54 -24.66 0.23
C ARG E 112 -41.79 -25.60 -0.95
N VAL E 113 -41.76 -26.90 -0.66
CA VAL E 113 -41.77 -27.95 -1.67
C VAL E 113 -43.05 -28.77 -1.64
N VAL E 114 -43.54 -29.05 -0.43
CA VAL E 114 -44.88 -29.66 -0.21
C VAL E 114 -45.96 -28.74 -0.81
N ARG E 115 -45.61 -27.45 -0.96
CA ARG E 115 -46.45 -26.52 -1.66
C ARG E 115 -46.84 -27.10 -3.00
N GLU E 116 -45.85 -27.55 -3.76
CA GLU E 116 -46.11 -28.03 -5.10
C GLU E 116 -46.54 -29.48 -5.12
N LEU E 117 -46.23 -30.20 -4.06
CA LEU E 117 -46.69 -31.59 -3.91
C LEU E 117 -48.23 -31.61 -3.79
N LEU E 118 -48.80 -30.70 -2.99
CA LEU E 118 -50.25 -30.50 -2.90
C LEU E 118 -50.97 -30.57 -4.26
N LEU E 119 -50.51 -29.76 -5.21
CA LEU E 119 -51.10 -29.69 -6.55
C LEU E 119 -51.11 -31.06 -7.25
N VAL E 120 -50.06 -31.83 -7.03
CA VAL E 120 -49.95 -33.17 -7.63
C VAL E 120 -50.96 -34.08 -6.97
N ALA E 121 -51.04 -33.99 -5.64
CA ALA E 121 -51.83 -34.92 -4.85
C ALA E 121 -53.31 -34.56 -4.86
N GLN E 122 -53.64 -33.32 -5.19
CA GLN E 122 -55.03 -32.94 -5.37
C GLN E 122 -55.64 -33.72 -6.53
N ARG E 123 -55.00 -33.63 -7.69
CA ARG E 123 -55.41 -34.32 -8.90
C ARG E 123 -55.34 -35.86 -8.79
N ARG E 124 -54.73 -36.38 -7.73
CA ARG E 124 -54.43 -37.81 -7.64
C ARG E 124 -54.87 -38.53 -6.36
N PRO E 125 -56.02 -39.25 -6.41
CA PRO E 125 -56.58 -40.01 -5.28
C PRO E 125 -55.65 -41.06 -4.66
N ASN E 126 -54.67 -41.52 -5.43
CA ASN E 126 -53.60 -42.43 -5.00
C ASN E 126 -52.69 -41.90 -3.91
N ILE E 127 -52.53 -40.56 -3.87
CA ILE E 127 -51.44 -39.95 -3.12
C ILE E 127 -51.93 -39.22 -1.87
N PHE E 128 -51.32 -39.55 -0.74
CA PHE E 128 -51.68 -38.99 0.54
C PHE E 128 -50.49 -38.19 1.08
N PRO E 129 -50.44 -36.90 0.76
CA PRO E 129 -49.31 -36.04 1.14
C PRO E 129 -49.17 -35.95 2.64
N LEU E 130 -47.94 -35.79 3.14
CA LEU E 130 -47.72 -35.57 4.59
C LEU E 130 -46.56 -34.60 4.86
N LEU E 131 -46.86 -33.42 5.38
CA LEU E 131 -45.81 -32.52 5.79
C LEU E 131 -45.32 -32.94 7.18
N ALA E 132 -44.38 -33.89 7.21
CA ALA E 132 -43.85 -34.41 8.46
C ALA E 132 -42.38 -34.81 8.31
N ASP E 133 -41.67 -34.86 9.43
CA ASP E 133 -40.26 -35.24 9.46
C ASP E 133 -40.14 -36.77 9.62
N ALA E 134 -39.57 -37.42 8.61
CA ALA E 134 -39.46 -38.87 8.55
C ALA E 134 -38.67 -39.50 9.69
N ARG E 135 -37.98 -38.67 10.47
CA ARG E 135 -37.29 -39.15 11.66
C ARG E 135 -38.26 -39.47 12.82
N PHE E 136 -39.45 -38.88 12.79
CA PHE E 136 -40.49 -39.17 13.77
C PHE E 136 -41.71 -39.77 13.08
N PRO E 137 -41.70 -41.10 12.81
CA PRO E 137 -42.89 -41.75 12.24
C PRO E 137 -44.15 -41.68 13.15
N GLN E 138 -43.93 -41.38 14.43
CA GLN E 138 -44.99 -41.12 15.40
C GLN E 138 -45.95 -40.01 14.95
N SER E 139 -45.38 -39.02 14.27
CA SER E 139 -46.14 -37.87 13.77
C SER E 139 -46.88 -38.10 12.45
N TYR E 140 -46.87 -39.34 11.95
CA TYR E 140 -47.77 -39.75 10.86
C TYR E 140 -48.30 -41.18 11.02
N LYS E 141 -47.86 -41.84 12.07
CA LYS E 141 -48.46 -43.08 12.59
C LYS E 141 -49.98 -43.15 12.41
N SER E 142 -50.65 -42.02 12.68
CA SER E 142 -52.11 -41.96 12.77
C SER E 142 -52.86 -41.76 11.43
N VAL E 143 -52.13 -41.77 10.33
CA VAL E 143 -52.75 -41.56 9.02
C VAL E 143 -52.47 -42.71 8.08
N VAL E 144 -51.31 -43.34 8.26
CA VAL E 144 -50.83 -44.37 7.34
C VAL E 144 -51.23 -45.78 7.79
N GLU E 145 -51.01 -46.76 6.93
CA GLU E 145 -51.23 -48.18 7.26
C GLU E 145 -49.89 -48.88 7.12
N ASN E 146 -49.85 -50.21 7.19
CA ASN E 146 -48.64 -50.91 6.77
C ASN E 146 -48.53 -51.02 5.24
N VAL E 147 -47.34 -51.30 4.73
CA VAL E 147 -47.07 -51.11 3.29
C VAL E 147 -46.24 -52.24 2.71
N ASP E 148 -46.27 -52.38 1.38
CA ASP E 148 -45.46 -53.37 0.66
C ASP E 148 -44.07 -52.84 0.32
N VAL E 149 -44.02 -51.57 -0.10
CA VAL E 149 -42.76 -50.94 -0.46
C VAL E 149 -42.47 -49.69 0.38
N LEU E 150 -41.23 -49.62 0.86
CA LEU E 150 -40.70 -48.44 1.52
C LEU E 150 -39.72 -47.79 0.55
N TYR E 151 -40.18 -46.79 -0.19
CA TYR E 151 -39.31 -46.12 -1.14
C TYR E 151 -38.71 -44.92 -0.46
N VAL E 152 -37.39 -44.92 -0.29
CA VAL E 152 -36.72 -43.91 0.53
C VAL E 152 -35.68 -43.12 -0.27
N ASP E 153 -36.00 -41.87 -0.55
CA ASP E 153 -35.07 -40.93 -1.17
C ASP E 153 -34.98 -39.65 -0.34
N ILE E 154 -34.26 -39.70 0.78
CA ILE E 154 -34.12 -38.54 1.65
C ILE E 154 -32.69 -38.06 1.84
N ALA E 155 -32.51 -36.76 1.69
CA ALA E 155 -31.21 -36.16 1.85
C ALA E 155 -30.95 -35.95 3.33
N GLN E 156 -30.18 -36.86 3.93
CA GLN E 156 -29.86 -36.89 5.38
C GLN E 156 -28.62 -37.75 5.66
N PRO E 157 -27.71 -37.29 6.52
CA PRO E 157 -26.53 -38.11 6.82
C PRO E 157 -26.91 -39.47 7.40
N ASP E 158 -27.93 -39.49 8.26
CA ASP E 158 -28.38 -40.72 8.88
C ASP E 158 -29.60 -41.28 8.17
N GLN E 159 -29.65 -41.07 6.85
CA GLN E 159 -30.77 -41.50 5.98
C GLN E 159 -31.07 -42.99 6.08
N THR E 160 -30.03 -43.81 6.21
CA THR E 160 -30.20 -45.26 6.29
C THR E 160 -30.89 -45.66 7.59
N ASP E 161 -30.41 -45.12 8.71
CA ASP E 161 -31.03 -45.33 10.03
C ASP E 161 -32.51 -44.90 10.02
N ILE E 162 -32.79 -43.68 9.57
CA ILE E 162 -34.16 -43.20 9.38
C ILE E 162 -35.01 -44.22 8.64
N ALA E 163 -34.49 -44.71 7.52
CA ALA E 163 -35.24 -45.68 6.72
C ALA E 163 -35.60 -46.93 7.52
N ILE E 164 -34.63 -47.48 8.24
CA ILE E 164 -34.81 -48.71 9.03
C ILE E 164 -35.90 -48.49 10.08
N TYR E 165 -35.85 -47.32 10.70
CA TYR E 165 -36.79 -46.92 11.75
C TYR E 165 -38.21 -46.93 11.21
N ASN E 166 -38.42 -46.28 10.06
CA ASN E 166 -39.71 -46.34 9.39
C ASN E 166 -40.10 -47.75 9.03
N ALA E 167 -39.10 -48.56 8.69
CA ALA E 167 -39.35 -49.91 8.22
C ALA E 167 -40.04 -50.73 9.29
N LYS E 168 -39.43 -50.80 10.47
CA LYS E 168 -40.01 -51.53 11.61
C LYS E 168 -41.32 -50.95 12.13
N PHE E 169 -41.63 -49.73 11.73
CA PHE E 169 -42.99 -49.20 11.91
C PHE E 169 -43.96 -49.70 10.85
N PHE E 170 -43.66 -49.41 9.58
CA PHE E 170 -44.65 -49.53 8.51
C PHE E 170 -44.44 -50.60 7.43
N LEU E 171 -43.26 -51.19 7.38
CA LEU E 171 -42.97 -52.15 6.31
C LEU E 171 -43.36 -53.60 6.66
N LYS E 172 -44.33 -54.14 5.92
CA LYS E 172 -44.76 -55.53 6.07
C LYS E 172 -43.55 -56.45 6.09
N VAL E 173 -43.64 -57.54 6.83
CA VAL E 173 -42.59 -58.56 6.77
C VAL E 173 -42.65 -59.20 5.39
N ASN E 174 -41.48 -59.40 4.79
CA ASN E 174 -41.34 -59.77 3.37
C ASN E 174 -41.68 -58.66 2.38
N GLY E 175 -41.81 -57.44 2.89
CA GLY E 175 -42.01 -56.28 2.03
C GLY E 175 -40.65 -55.86 1.53
N ASP E 176 -40.66 -54.95 0.56
CA ASP E 176 -39.43 -54.50 -0.08
C ASP E 176 -39.11 -53.04 0.21
N MET E 177 -37.82 -52.73 0.28
CA MET E 177 -37.33 -51.37 0.47
C MET E 177 -36.39 -50.94 -0.66
N LEU E 178 -36.78 -49.88 -1.36
CA LEU E 178 -35.90 -49.24 -2.31
C LEU E 178 -35.29 -48.03 -1.62
N LEU E 179 -33.99 -48.10 -1.33
CA LEU E 179 -33.29 -47.08 -0.56
C LEU E 179 -32.28 -46.38 -1.43
N VAL E 180 -32.47 -45.08 -1.66
CA VAL E 180 -31.53 -44.29 -2.42
C VAL E 180 -30.37 -43.85 -1.53
N ILE E 181 -29.15 -44.25 -1.86
CA ILE E 181 -27.99 -43.86 -1.09
C ILE E 181 -27.33 -42.63 -1.71
N LYS E 182 -27.45 -41.49 -1.05
CA LYS E 182 -26.85 -40.25 -1.53
C LYS E 182 -25.49 -40.00 -0.90
N ALA E 183 -24.42 -40.46 -1.55
CA ALA E 183 -23.07 -40.36 -0.99
C ALA E 183 -22.72 -38.94 -0.50
N ARG E 184 -22.95 -37.95 -1.35
CA ARG E 184 -22.41 -36.61 -1.10
C ARG E 184 -23.16 -35.83 -0.01
N SER E 185 -24.30 -36.39 0.42
CA SER E 185 -25.07 -35.83 1.54
C SER E 185 -25.03 -36.74 2.78
N ILE E 186 -24.29 -37.83 2.70
CA ILE E 186 -23.90 -38.57 3.88
C ILE E 186 -22.52 -38.07 4.31
N ASP E 187 -21.64 -37.89 3.33
CA ASP E 187 -20.32 -37.34 3.57
C ASP E 187 -19.66 -36.95 2.26
N VAL E 188 -19.41 -35.65 2.05
CA VAL E 188 -18.75 -35.20 0.84
C VAL E 188 -17.26 -35.57 0.79
N THR E 189 -16.70 -35.90 1.93
CA THR E 189 -15.27 -36.20 2.02
C THR E 189 -14.97 -37.64 1.64
N LYS E 190 -15.74 -38.57 2.18
CA LYS E 190 -15.59 -39.99 1.86
C LYS E 190 -15.83 -40.31 0.38
N ASP E 191 -15.30 -41.47 -0.05
CA ASP E 191 -15.48 -42.01 -1.39
C ASP E 191 -16.88 -42.59 -1.49
N PRO E 192 -17.64 -42.19 -2.54
CA PRO E 192 -19.00 -42.69 -2.69
C PRO E 192 -19.08 -44.20 -2.55
N LYS E 193 -18.04 -44.89 -3.00
CA LYS E 193 -18.05 -46.35 -3.06
C LYS E 193 -17.83 -46.99 -1.69
N GLU E 194 -17.15 -46.28 -0.78
CA GLU E 194 -17.00 -46.74 0.61
C GLU E 194 -18.35 -46.65 1.30
N ILE E 195 -19.03 -45.54 1.08
CA ILE E 195 -20.32 -45.26 1.67
C ILE E 195 -21.33 -46.34 1.31
N TYR E 196 -21.42 -46.71 0.03
CA TYR E 196 -22.38 -47.73 -0.43
C TYR E 196 -22.20 -49.05 0.32
N LYS E 197 -20.96 -49.39 0.60
CA LYS E 197 -20.65 -50.62 1.28
C LYS E 197 -21.09 -50.56 2.73
N THR E 198 -20.82 -49.44 3.39
CA THR E 198 -21.09 -49.34 4.82
C THR E 198 -22.57 -49.18 5.14
N GLU E 199 -23.31 -48.48 4.30
CA GLU E 199 -24.76 -48.32 4.47
C GLU E 199 -25.51 -49.61 4.19
N VAL E 200 -25.04 -50.42 3.23
CA VAL E 200 -25.66 -51.72 2.96
C VAL E 200 -25.43 -52.66 4.15
N GLU E 201 -24.27 -52.55 4.78
CA GLU E 201 -24.00 -53.31 6.00
C GLU E 201 -24.99 -53.00 7.13
N LYS E 202 -25.40 -51.74 7.26
CA LYS E 202 -26.40 -51.36 8.25
C LYS E 202 -27.70 -52.10 8.03
N LEU E 203 -28.06 -52.27 6.77
CA LEU E 203 -29.30 -52.94 6.41
C LEU E 203 -29.21 -54.42 6.69
N GLU E 204 -28.02 -54.97 6.45
CA GLU E 204 -27.78 -56.38 6.68
C GLU E 204 -27.67 -56.64 8.17
N ASN E 205 -27.06 -55.69 8.89
CA ASN E 205 -26.91 -55.83 10.35
C ASN E 205 -28.18 -55.61 11.15
N SER E 206 -29.14 -54.88 10.56
CA SER E 206 -30.54 -55.05 10.93
C SER E 206 -30.89 -56.45 10.38
N ASN E 207 -32.03 -56.63 9.72
CA ASN E 207 -32.21 -57.83 8.89
C ASN E 207 -32.96 -57.55 7.62
N PHE E 208 -32.24 -56.89 6.71
CA PHE E 208 -32.65 -56.70 5.35
C PHE E 208 -31.74 -57.56 4.48
N GLU E 209 -32.33 -58.15 3.47
CA GLU E 209 -31.67 -59.13 2.64
C GLU E 209 -31.44 -58.49 1.30
N THR E 210 -30.23 -57.93 1.12
CA THR E 210 -29.84 -57.27 -0.13
C THR E 210 -30.15 -58.14 -1.35
N ILE E 211 -30.96 -57.59 -2.25
CA ILE E 211 -31.36 -58.31 -3.44
C ILE E 211 -30.55 -57.82 -4.63
N GLN E 212 -30.47 -56.50 -4.76
CA GLN E 212 -29.76 -55.88 -5.86
C GLN E 212 -29.23 -54.50 -5.46
N ILE E 213 -28.00 -54.19 -5.86
CA ILE E 213 -27.40 -52.86 -5.67
C ILE E 213 -27.05 -52.22 -7.02
N ILE E 214 -27.66 -51.09 -7.34
CA ILE E 214 -27.43 -50.41 -8.60
C ILE E 214 -26.70 -49.07 -8.43
N ASN E 215 -25.82 -48.73 -9.38
CA ASN E 215 -25.19 -47.41 -9.40
C ASN E 215 -25.88 -46.54 -10.41
N LEU E 216 -26.43 -45.41 -9.96
CA LEU E 216 -27.29 -44.62 -10.84
C LEU E 216 -26.56 -43.74 -11.85
N ASP E 217 -25.28 -44.02 -12.12
CA ASP E 217 -24.50 -43.19 -13.08
C ASP E 217 -25.06 -43.19 -14.52
N PRO E 218 -24.50 -42.35 -15.39
CA PRO E 218 -25.09 -41.28 -16.19
C PRO E 218 -26.10 -40.45 -15.41
N TYR E 219 -27.22 -41.06 -15.01
CA TYR E 219 -28.41 -40.35 -14.57
C TYR E 219 -28.29 -39.58 -13.30
N ASP E 220 -27.63 -40.15 -12.28
CA ASP E 220 -27.37 -39.43 -11.01
C ASP E 220 -25.92 -39.64 -10.52
N LYS E 221 -25.21 -38.54 -10.29
CA LYS E 221 -23.83 -38.68 -9.86
C LYS E 221 -23.72 -38.98 -8.37
N ASP E 222 -22.80 -39.85 -8.00
CA ASP E 222 -22.54 -40.22 -6.60
C ASP E 222 -23.80 -40.72 -5.88
N HIS E 223 -24.60 -41.51 -6.58
CA HIS E 223 -25.80 -42.11 -6.00
C HIS E 223 -25.81 -43.62 -6.25
N ALA E 224 -26.45 -44.36 -5.36
CA ALA E 224 -26.74 -45.77 -5.60
C ALA E 224 -28.10 -46.07 -5.02
N ILE E 225 -28.76 -47.09 -5.55
CA ILE E 225 -30.03 -47.53 -4.99
C ILE E 225 -29.93 -49.00 -4.57
N VAL E 226 -30.45 -49.31 -3.39
CA VAL E 226 -30.48 -50.68 -2.89
C VAL E 226 -31.89 -51.25 -2.88
N LEU E 227 -32.07 -52.43 -3.44
CA LEU E 227 -33.31 -53.17 -3.28
C LEU E 227 -33.04 -54.34 -2.34
N SER E 228 -33.79 -54.44 -1.25
CA SER E 228 -33.64 -55.52 -0.29
C SER E 228 -34.97 -55.85 0.36
N LYS E 229 -35.03 -57.01 1.03
CA LYS E 229 -36.26 -57.51 1.65
C LYS E 229 -36.20 -57.56 3.16
N TYR E 230 -37.21 -56.97 3.79
CA TYR E 230 -37.31 -56.95 5.25
C TYR E 230 -37.79 -58.32 5.76
N LYS E 231 -37.25 -58.78 6.89
CA LYS E 231 -37.64 -60.10 7.45
C LYS E 231 -38.44 -60.04 8.77
N ILE F 5 11.75 0.99 11.14
CA ILE F 5 11.89 1.38 9.71
C ILE F 5 13.34 1.76 9.42
N THR F 6 13.82 1.47 8.21
CA THR F 6 15.12 1.89 7.66
C THR F 6 15.07 1.80 6.15
N VAL F 7 15.55 2.84 5.46
CA VAL F 7 15.62 2.85 4.00
C VAL F 7 17.07 2.97 3.60
N LYS F 8 17.50 2.15 2.63
CA LYS F 8 18.87 2.25 2.10
C LYS F 8 18.97 1.92 0.61
N GLN F 9 19.92 2.56 -0.07
CA GLN F 9 20.24 2.33 -1.48
C GLN F 9 20.46 0.85 -1.81
N THR F 10 20.26 0.48 -3.07
CA THR F 10 20.56 -0.87 -3.53
C THR F 10 21.64 -0.77 -4.63
N ASN F 11 22.00 -1.91 -5.22
CA ASN F 11 22.96 -1.94 -6.33
C ASN F 11 22.60 -1.01 -7.49
N MET F 12 21.31 -0.67 -7.61
CA MET F 12 20.78 0.13 -8.72
C MET F 12 20.42 1.54 -8.29
N GLU F 13 20.74 2.51 -9.14
CA GLU F 13 20.48 3.93 -8.85
C GLU F 13 19.02 4.22 -8.53
N ASN F 14 18.81 5.12 -7.57
CA ASN F 14 17.47 5.57 -7.17
C ASN F 14 16.43 4.47 -6.88
N ILE F 15 16.92 3.30 -6.46
CA ILE F 15 16.07 2.16 -6.09
C ILE F 15 16.47 1.70 -4.69
N TYR F 16 15.51 1.69 -3.77
CA TYR F 16 15.79 1.48 -2.35
C TYR F 16 15.01 0.33 -1.75
N GLU F 17 15.52 -0.24 -0.66
CA GLU F 17 14.83 -1.27 0.14
C GLU F 17 14.48 -0.77 1.55
N CYS F 18 13.37 -1.25 2.09
CA CYS F 18 12.95 -0.90 3.45
C CYS F 18 13.01 -2.05 4.44
N GLU F 19 13.66 -1.81 5.57
CA GLU F 19 13.42 -2.59 6.78
C GLU F 19 12.13 -2.03 7.40
N PHE F 20 11.25 -2.91 7.86
CA PHE F 20 9.95 -2.47 8.39
C PHE F 20 9.72 -2.73 9.87
N ASN F 21 8.76 -2.00 10.43
CA ASN F 21 8.32 -2.12 11.83
C ASN F 21 8.25 -3.59 12.30
N ASP F 22 7.96 -4.48 11.36
CA ASP F 22 7.76 -5.91 11.62
C ASP F 22 8.90 -6.82 11.12
N GLY F 23 9.72 -6.30 10.20
CA GLY F 23 10.84 -7.06 9.62
C GLY F 23 10.62 -7.55 8.20
N SER F 24 9.87 -6.79 7.40
CA SER F 24 9.67 -7.10 5.98
C SER F 24 10.51 -6.20 5.09
N PHE F 25 10.82 -6.66 3.89
CA PHE F 25 11.64 -5.91 2.94
C PHE F 25 10.87 -5.60 1.64
N ARG F 26 10.61 -4.33 1.38
CA ARG F 26 9.92 -3.96 0.15
C ARG F 26 10.60 -2.87 -0.64
N LEU F 27 10.59 -3.02 -1.95
CA LEU F 27 11.16 -2.04 -2.85
C LEU F 27 10.39 -0.74 -2.81
N CYS F 28 11.11 0.36 -3.07
CA CYS F 28 10.52 1.68 -3.18
C CYS F 28 11.40 2.59 -4.05
N THR F 29 10.84 3.70 -4.50
CA THR F 29 11.59 4.67 -5.30
C THR F 29 11.48 6.05 -4.67
N ARG F 30 12.38 6.94 -5.05
CA ARG F 30 12.40 8.29 -4.50
C ARG F 30 11.31 9.15 -5.13
N ASN F 31 10.35 9.59 -4.31
CA ASN F 31 9.17 10.32 -4.79
C ASN F 31 9.47 11.66 -5.45
N LEU F 32 9.30 11.70 -6.78
CA LEU F 32 9.50 12.91 -7.58
C LEU F 32 8.45 13.99 -7.29
N VAL F 33 7.24 13.57 -6.95
CA VAL F 33 6.22 14.50 -6.53
C VAL F 33 5.76 14.14 -5.11
N PRO F 34 6.46 14.66 -4.09
CA PRO F 34 6.16 14.33 -2.70
C PRO F 34 4.73 14.65 -2.29
N ASN F 35 4.16 13.80 -1.44
CA ASN F 35 2.78 13.89 -0.95
C ASN F 35 1.72 13.29 -1.88
N PHE F 36 2.17 12.79 -3.04
CA PHE F 36 1.26 12.30 -4.09
C PHE F 36 1.59 10.90 -4.64
N ASN F 37 0.60 10.02 -4.62
CA ASN F 37 0.72 8.62 -5.06
C ASN F 37 -0.14 8.35 -6.31
N VAL F 38 0.36 7.52 -7.23
CA VAL F 38 -0.37 7.25 -8.50
C VAL F 38 -1.45 6.16 -8.40
N TYR F 39 -1.08 4.98 -7.89
CA TYR F 39 -2.07 3.99 -7.48
C TYR F 39 -2.29 4.11 -5.97
N GLY F 40 -2.56 3.02 -5.27
CA GLY F 40 -2.82 3.14 -3.83
C GLY F 40 -1.60 3.10 -2.93
N GLU F 41 -0.40 3.09 -3.52
CA GLU F 41 0.85 2.76 -2.81
C GLU F 41 1.15 3.57 -1.56
N ARG F 42 1.93 2.96 -0.67
CA ARG F 42 2.30 3.55 0.60
C ARG F 42 3.37 4.60 0.39
N LEU F 43 3.18 5.76 1.01
CA LEU F 43 4.21 6.80 1.01
C LEU F 43 4.99 6.68 2.32
N ILE F 44 6.32 6.76 2.23
CA ILE F 44 7.17 6.58 3.43
C ILE F 44 8.28 7.64 3.59
N LYS F 45 8.24 8.35 4.71
CA LYS F 45 9.26 9.33 5.08
C LYS F 45 10.35 8.69 5.92
N TYR F 46 11.59 8.93 5.52
CA TYR F 46 12.75 8.50 6.29
C TYR F 46 13.85 9.55 6.16
N GLU F 47 14.34 10.05 7.29
CA GLU F 47 15.32 11.15 7.30
C GLU F 47 14.87 12.29 6.39
N GLY F 48 13.60 12.68 6.53
CA GLY F 48 13.03 13.82 5.80
C GLY F 48 13.04 13.72 4.28
N VAL F 49 13.07 12.50 3.75
CA VAL F 49 12.94 12.27 2.30
C VAL F 49 11.86 11.21 2.06
N GLU F 50 10.99 11.45 1.08
CA GLU F 50 9.84 10.57 0.86
C GLU F 50 10.04 9.55 -0.28
N TYR F 51 9.62 8.32 0.00
CA TYR F 51 9.76 7.21 -0.93
C TYR F 51 8.41 6.55 -1.23
N ARG F 52 8.25 6.07 -2.46
CA ARG F 52 7.02 5.41 -2.90
C ARG F 52 7.19 3.90 -2.96
N GLU F 53 6.41 3.17 -2.18
CA GLU F 53 6.49 1.72 -2.15
C GLU F 53 6.21 1.12 -3.52
N TRP F 54 7.09 0.23 -3.96
CA TRP F 54 7.02 -0.35 -5.30
C TRP F 54 6.54 -1.79 -5.24
N ASN F 55 5.24 -1.97 -5.27
CA ASN F 55 4.62 -3.29 -5.24
C ASN F 55 4.98 -4.17 -6.46
N ALA F 56 5.64 -5.30 -6.21
CA ALA F 56 6.12 -6.18 -7.29
C ALA F 56 4.99 -6.88 -8.05
N PHE F 57 3.88 -7.10 -7.36
CA PHE F 57 2.73 -7.80 -7.96
C PHE F 57 2.04 -7.00 -9.07
N ARG F 58 2.25 -5.68 -9.07
CA ARG F 58 1.67 -4.76 -10.06
C ARG F 58 2.67 -4.37 -11.14
N SER F 59 3.90 -4.11 -10.72
CA SER F 59 4.92 -3.63 -11.63
C SER F 59 5.87 -4.75 -12.03
N LYS F 60 5.95 -5.01 -13.32
CA LYS F 60 6.79 -6.09 -13.83
C LYS F 60 8.26 -5.78 -13.59
N LEU F 61 8.63 -4.51 -13.66
CA LEU F 61 10.02 -4.13 -13.43
C LEU F 61 10.42 -4.46 -12.00
N ALA F 62 9.59 -4.09 -11.03
CA ALA F 62 9.84 -4.44 -9.63
C ALA F 62 9.96 -5.94 -9.48
N GLY F 63 9.12 -6.67 -10.21
CA GLY F 63 9.16 -8.13 -10.23
C GLY F 63 10.52 -8.63 -10.68
N ALA F 64 10.96 -8.16 -11.84
CA ALA F 64 12.22 -8.57 -12.48
C ALA F 64 13.44 -8.31 -11.59
N ILE F 65 13.40 -7.18 -10.88
CA ILE F 65 14.42 -6.85 -9.88
C ILE F 65 14.44 -7.92 -8.78
N LEU F 66 13.26 -8.23 -8.22
CA LEU F 66 13.15 -9.20 -7.13
C LEU F 66 13.42 -10.61 -7.59
N LYS F 67 13.54 -10.80 -8.88
CA LYS F 67 13.91 -12.11 -9.41
C LYS F 67 15.37 -12.12 -9.84
N GLY F 68 16.09 -11.07 -9.44
CA GLY F 68 17.52 -10.94 -9.68
C GLY F 68 17.90 -10.46 -11.08
N LEU F 69 17.46 -9.27 -11.45
CA LEU F 69 17.91 -8.66 -12.69
C LEU F 69 19.32 -8.11 -12.51
N LYS F 70 20.29 -8.76 -13.13
CA LYS F 70 21.71 -8.40 -13.06
C LYS F 70 21.94 -6.89 -12.91
N THR F 71 21.75 -6.16 -14.01
CA THR F 71 22.00 -4.73 -14.09
C THR F 71 20.82 -4.07 -14.77
N ASN F 72 20.28 -3.06 -14.09
CA ASN F 72 19.14 -2.32 -14.60
C ASN F 72 19.60 -1.13 -15.44
N PRO F 73 19.24 -1.14 -16.74
CA PRO F 73 19.64 -0.07 -17.68
C PRO F 73 18.83 1.23 -17.51
N ILE F 74 17.90 1.24 -16.57
CA ILE F 74 17.13 2.43 -16.23
C ILE F 74 17.69 3.06 -14.95
N ARG F 75 18.19 4.29 -15.07
CA ARG F 75 18.87 4.97 -13.97
C ARG F 75 18.66 6.50 -14.06
N LYS F 76 19.44 7.27 -13.30
CA LYS F 76 19.40 8.75 -13.33
C LYS F 76 19.66 9.30 -14.72
N GLY F 77 18.73 10.11 -15.22
CA GLY F 77 18.88 10.81 -16.49
C GLY F 77 18.82 9.96 -17.73
N THR F 78 18.18 8.79 -17.64
CA THR F 78 18.05 7.90 -18.78
C THR F 78 16.85 8.31 -19.65
N LYS F 79 16.99 8.13 -20.95
CA LYS F 79 15.89 8.36 -21.89
C LYS F 79 15.23 7.03 -22.29
N VAL F 80 13.95 6.84 -21.91
CA VAL F 80 13.26 5.58 -22.20
C VAL F 80 12.04 5.81 -23.09
N LEU F 81 11.84 4.88 -24.04
CA LEU F 81 10.59 4.79 -24.80
C LEU F 81 9.82 3.65 -24.17
N TYR F 82 8.66 3.97 -23.60
CA TYR F 82 7.86 3.01 -22.87
C TYR F 82 6.62 2.56 -23.66
N LEU F 83 6.71 1.41 -24.32
CA LEU F 83 5.56 0.93 -25.11
C LEU F 83 4.58 0.18 -24.22
N GLY F 84 3.35 0.69 -24.16
CA GLY F 84 2.29 0.07 -23.37
C GLY F 84 2.27 0.64 -21.97
N ALA F 85 2.18 1.97 -21.89
CA ALA F 85 2.29 2.69 -20.62
C ALA F 85 1.06 2.52 -19.73
N ALA F 86 -0.07 2.16 -20.33
CA ALA F 86 -1.31 1.84 -19.62
C ALA F 86 -1.79 2.97 -18.70
N SER F 87 -2.20 2.63 -17.48
CA SER F 87 -2.65 3.60 -16.46
C SER F 87 -1.52 4.39 -15.77
N GLY F 88 -0.26 3.98 -15.98
CA GLY F 88 0.89 4.70 -15.43
C GLY F 88 1.56 4.10 -14.20
N THR F 89 1.19 2.87 -13.82
CA THR F 89 1.76 2.23 -12.65
C THR F 89 3.29 2.15 -12.75
N THR F 90 3.78 1.31 -13.65
CA THR F 90 5.22 1.09 -13.75
C THR F 90 5.91 2.35 -14.24
N ILE F 91 5.36 3.02 -15.26
CA ILE F 91 6.02 4.21 -15.81
C ILE F 91 6.25 5.31 -14.76
N SER F 92 5.38 5.40 -13.75
CA SER F 92 5.57 6.37 -12.67
C SER F 92 6.80 6.02 -11.84
N HIS F 93 7.10 4.73 -11.72
CA HIS F 93 8.28 4.31 -11.00
C HIS F 93 9.53 4.54 -11.81
N VAL F 94 9.45 4.46 -13.14
CA VAL F 94 10.64 4.73 -13.96
C VAL F 94 10.84 6.24 -14.05
N SER F 95 9.79 7.00 -13.80
CA SER F 95 9.88 8.45 -13.72
C SER F 95 10.65 8.85 -12.47
N ASP F 96 10.33 8.22 -11.35
CA ASP F 96 11.06 8.42 -10.10
C ASP F 96 12.54 8.07 -10.25
N ILE F 97 12.82 6.99 -10.96
CA ILE F 97 14.18 6.48 -11.11
C ILE F 97 15.01 7.40 -12.00
N ILE F 98 14.38 7.88 -13.06
CA ILE F 98 15.03 8.67 -14.10
C ILE F 98 15.29 10.13 -13.72
N GLU F 99 14.46 10.66 -12.82
CA GLU F 99 14.55 12.06 -12.35
C GLU F 99 14.42 13.11 -13.44
N LEU F 100 14.24 14.37 -13.03
CA LEU F 100 13.93 15.48 -13.95
C LEU F 100 14.83 15.53 -15.19
N ASN F 101 16.09 15.09 -15.04
CA ASN F 101 17.06 15.04 -16.15
C ASN F 101 16.58 14.19 -17.31
N GLY F 102 16.22 12.94 -17.01
CA GLY F 102 15.86 11.96 -18.02
C GLY F 102 14.43 12.13 -18.50
N LYS F 103 14.05 11.34 -19.50
CA LYS F 103 12.73 11.48 -20.11
C LYS F 103 12.08 10.13 -20.44
N ALA F 104 10.78 10.03 -20.19
CA ALA F 104 10.00 8.84 -20.54
C ALA F 104 8.88 9.17 -21.52
N TYR F 105 8.83 8.43 -22.63
CA TYR F 105 7.83 8.64 -23.66
C TYR F 105 6.81 7.51 -23.63
N GLY F 106 5.64 7.76 -23.05
CA GLY F 106 4.66 6.70 -22.83
C GLY F 106 3.69 6.57 -23.97
N VAL F 107 3.82 5.49 -24.74
CA VAL F 107 2.90 5.16 -25.84
C VAL F 107 1.82 4.20 -25.33
N GLU F 108 0.57 4.50 -25.65
CA GLU F 108 -0.57 3.72 -25.17
C GLU F 108 -1.76 4.01 -26.06
N PHE F 109 -2.43 2.97 -26.57
CA PHE F 109 -3.44 3.16 -27.62
C PHE F 109 -4.90 2.95 -27.16
N SER F 110 -5.06 2.62 -25.89
CA SER F 110 -6.38 2.49 -25.28
C SER F 110 -6.80 3.78 -24.56
N PRO F 111 -7.75 4.53 -25.17
CA PRO F 111 -8.21 5.80 -24.62
C PRO F 111 -8.78 5.69 -23.20
N ARG F 112 -9.45 4.57 -22.91
CA ARG F 112 -10.08 4.34 -21.61
C ARG F 112 -9.09 4.43 -20.47
N VAL F 113 -7.82 4.29 -20.83
CA VAL F 113 -6.77 4.05 -19.87
C VAL F 113 -5.79 5.22 -19.90
N VAL F 114 -5.51 5.74 -21.10
CA VAL F 114 -4.74 6.98 -21.27
C VAL F 114 -5.42 8.11 -20.46
N ARG F 115 -6.72 7.97 -20.24
CA ARG F 115 -7.50 8.83 -19.38
C ARG F 115 -6.81 9.00 -18.05
N GLU F 116 -6.40 7.88 -17.45
CA GLU F 116 -5.78 7.88 -16.13
C GLU F 116 -4.28 8.11 -16.18
N LEU F 117 -3.67 7.85 -17.34
CA LEU F 117 -2.27 8.16 -17.58
C LEU F 117 -2.05 9.67 -17.57
N LEU F 118 -2.97 10.41 -18.20
CA LEU F 118 -2.97 11.88 -18.21
C LEU F 118 -2.74 12.49 -16.85
N LEU F 119 -3.52 12.06 -15.87
CA LEU F 119 -3.38 12.52 -14.50
C LEU F 119 -1.96 12.28 -13.93
N VAL F 120 -1.42 11.10 -14.18
CA VAL F 120 -0.05 10.78 -13.79
C VAL F 120 0.94 11.71 -14.48
N ALA F 121 0.75 11.92 -15.78
CA ALA F 121 1.69 12.70 -16.58
C ALA F 121 1.59 14.21 -16.39
N GLN F 122 0.47 14.69 -15.85
CA GLN F 122 0.33 16.11 -15.56
C GLN F 122 1.28 16.47 -14.43
N ARG F 123 1.19 15.70 -13.35
CA ARG F 123 2.01 15.90 -12.18
C ARG F 123 3.51 15.70 -12.42
N ARG F 124 3.88 15.07 -13.54
CA ARG F 124 5.27 14.61 -13.75
C ARG F 124 5.87 15.05 -15.09
N PRO F 125 6.75 16.06 -15.06
CA PRO F 125 7.42 16.63 -16.26
C PRO F 125 8.29 15.61 -17.02
N ASN F 126 8.70 14.57 -16.32
CA ASN F 126 9.41 13.43 -16.89
C ASN F 126 8.72 12.74 -18.04
N ILE F 127 7.39 12.60 -17.91
CA ILE F 127 6.58 11.68 -18.73
C ILE F 127 5.83 12.41 -19.84
N PHE F 128 5.96 11.90 -21.06
CA PHE F 128 5.33 12.50 -22.20
C PHE F 128 4.33 11.53 -22.80
N PRO F 129 3.05 11.66 -22.41
CA PRO F 129 2.02 10.70 -22.80
C PRO F 129 1.77 10.74 -24.30
N LEU F 130 1.47 9.57 -24.88
CA LEU F 130 1.12 9.51 -26.30
C LEU F 130 0.02 8.48 -26.59
N LEU F 131 -1.15 8.98 -26.99
CA LEU F 131 -2.21 8.09 -27.46
C LEU F 131 -1.98 7.71 -28.93
N ALA F 132 -1.21 6.64 -29.13
CA ALA F 132 -0.95 6.13 -30.45
C ALA F 132 -0.71 4.63 -30.46
N ASP F 133 -0.77 4.05 -31.65
CA ASP F 133 -0.57 2.62 -31.85
C ASP F 133 0.91 2.30 -32.06
N ALA F 134 1.50 1.58 -31.12
CA ALA F 134 2.89 1.17 -31.19
C ALA F 134 3.26 0.42 -32.46
N ARG F 135 2.27 0.03 -33.26
CA ARG F 135 2.51 -0.63 -34.54
C ARG F 135 2.87 0.39 -35.60
N PHE F 136 2.52 1.65 -35.36
CA PHE F 136 2.89 2.72 -36.27
C PHE F 136 3.74 3.79 -35.57
N PRO F 137 5.07 3.57 -35.46
CA PRO F 137 5.95 4.58 -34.85
C PRO F 137 6.04 5.89 -35.65
N GLN F 138 5.53 5.88 -36.88
CA GLN F 138 5.41 7.08 -37.69
C GLN F 138 4.48 8.11 -37.03
N SER F 139 3.45 7.62 -36.36
CA SER F 139 2.45 8.47 -35.73
C SER F 139 2.91 9.16 -34.43
N TYR F 140 4.15 8.90 -34.03
CA TYR F 140 4.74 9.62 -32.89
C TYR F 140 6.25 9.92 -33.11
N LYS F 141 6.75 9.48 -34.25
CA LYS F 141 8.03 9.91 -34.83
C LYS F 141 8.33 11.38 -34.53
N SER F 142 7.31 12.22 -34.64
CA SER F 142 7.45 13.66 -34.63
C SER F 142 7.34 14.30 -33.25
N VAL F 143 7.42 13.50 -32.19
CA VAL F 143 7.37 14.02 -30.84
C VAL F 143 8.52 13.46 -30.02
N VAL F 144 8.93 12.24 -30.35
CA VAL F 144 9.96 11.55 -29.58
C VAL F 144 11.37 11.80 -30.13
N GLU F 145 12.36 11.51 -29.31
CA GLU F 145 13.76 11.48 -29.73
C GLU F 145 14.27 10.05 -29.57
N ASN F 146 15.51 9.79 -29.99
CA ASN F 146 16.09 8.48 -29.78
C ASN F 146 16.38 8.25 -28.31
N VAL F 147 16.50 6.99 -27.91
CA VAL F 147 16.45 6.63 -26.49
C VAL F 147 17.50 5.61 -26.11
N ASP F 148 17.69 5.43 -24.80
CA ASP F 148 18.65 4.46 -24.26
C ASP F 148 17.98 3.13 -23.96
N VAL F 149 16.74 3.18 -23.46
CA VAL F 149 16.02 1.97 -23.07
C VAL F 149 14.68 1.90 -23.79
N LEU F 150 14.38 0.73 -24.35
CA LEU F 150 13.07 0.47 -24.97
C LEU F 150 12.37 -0.50 -24.05
N TYR F 151 11.47 0.01 -23.22
CA TYR F 151 10.72 -0.85 -22.30
C TYR F 151 9.36 -1.18 -22.91
N VAL F 152 9.17 -2.47 -23.17
CA VAL F 152 8.04 -2.94 -23.99
C VAL F 152 7.18 -3.95 -23.25
N ASP F 153 6.01 -3.49 -22.81
CA ASP F 153 5.02 -4.34 -22.17
C ASP F 153 3.67 -4.11 -22.86
N ILE F 154 3.49 -4.76 -24.01
CA ILE F 154 2.22 -4.66 -24.76
C ILE F 154 1.59 -6.01 -25.02
N ALA F 155 0.30 -6.10 -24.69
CA ALA F 155 -0.48 -7.28 -25.00
C ALA F 155 -0.81 -7.31 -26.49
N GLN F 156 0.02 -8.01 -27.25
CA GLN F 156 -0.20 -8.25 -28.69
C GLN F 156 0.45 -9.57 -29.12
N PRO F 157 -0.20 -10.31 -30.02
CA PRO F 157 0.39 -11.57 -30.47
C PRO F 157 1.75 -11.37 -31.14
N ASP F 158 1.90 -10.32 -31.94
CA ASP F 158 3.16 -10.00 -32.60
C ASP F 158 3.93 -8.95 -31.82
N GLN F 159 3.82 -8.98 -30.48
CA GLN F 159 4.47 -8.00 -29.59
C GLN F 159 5.95 -7.82 -29.86
N THR F 160 6.66 -8.94 -30.03
CA THR F 160 8.11 -8.92 -30.29
C THR F 160 8.46 -8.13 -31.55
N ASP F 161 7.76 -8.43 -32.65
CA ASP F 161 7.94 -7.73 -33.93
C ASP F 161 7.66 -6.24 -33.80
N ILE F 162 6.61 -5.88 -33.07
CA ILE F 162 6.32 -4.49 -32.81
C ILE F 162 7.53 -3.87 -32.11
N ALA F 163 8.08 -4.58 -31.14
CA ALA F 163 9.18 -4.05 -30.35
C ALA F 163 10.41 -3.80 -31.23
N ILE F 164 10.75 -4.77 -32.08
CA ILE F 164 11.90 -4.65 -32.97
C ILE F 164 11.76 -3.45 -33.92
N TYR F 165 10.54 -3.22 -34.38
CA TYR F 165 10.25 -2.13 -35.33
C TYR F 165 10.47 -0.79 -34.66
N ASN F 166 9.95 -0.64 -33.46
CA ASN F 166 10.21 0.58 -32.69
C ASN F 166 11.69 0.76 -32.40
N ALA F 167 12.37 -0.36 -32.14
CA ALA F 167 13.79 -0.36 -31.86
C ALA F 167 14.61 0.26 -32.99
N LYS F 168 14.41 -0.22 -34.21
CA LYS F 168 15.15 0.33 -35.36
C LYS F 168 14.75 1.76 -35.74
N PHE F 169 13.70 2.27 -35.10
CA PHE F 169 13.33 3.68 -35.23
C PHE F 169 14.00 4.52 -34.17
N PHE F 170 13.92 4.07 -32.91
CA PHE F 170 14.18 4.93 -31.75
C PHE F 170 15.30 4.48 -30.81
N LEU F 171 15.60 3.18 -30.78
CA LEU F 171 16.60 2.67 -29.85
C LEU F 171 18.02 3.00 -30.34
N LYS F 172 18.81 3.62 -29.47
CA LYS F 172 20.21 3.92 -29.76
C LYS F 172 21.01 2.63 -29.95
N VAL F 173 21.97 2.65 -30.87
CA VAL F 173 22.87 1.50 -31.01
C VAL F 173 23.59 1.33 -29.67
N ASN F 174 23.62 0.10 -29.18
CA ASN F 174 24.16 -0.26 -27.86
C ASN F 174 23.24 0.08 -26.70
N GLY F 175 22.03 0.51 -27.04
CA GLY F 175 20.99 0.72 -26.05
C GLY F 175 20.43 -0.61 -25.60
N ASP F 176 19.58 -0.57 -24.57
CA ASP F 176 19.01 -1.78 -24.02
C ASP F 176 17.49 -1.85 -24.21
N MET F 177 16.98 -3.07 -24.37
CA MET F 177 15.56 -3.34 -24.46
C MET F 177 15.10 -4.31 -23.38
N LEU F 178 14.22 -3.84 -22.50
CA LEU F 178 13.49 -4.72 -21.61
C LEU F 178 12.16 -5.12 -22.28
N LEU F 179 12.06 -6.38 -22.68
CA LEU F 179 10.86 -6.86 -23.38
C LEU F 179 10.11 -7.88 -22.53
N VAL F 180 8.86 -7.57 -22.23
CA VAL F 180 8.00 -8.46 -21.46
C VAL F 180 7.32 -9.43 -22.41
N ILE F 181 7.50 -10.73 -22.18
CA ILE F 181 6.89 -11.75 -23.04
C ILE F 181 5.62 -12.34 -22.42
N LYS F 182 4.48 -11.99 -22.99
CA LYS F 182 3.18 -12.40 -22.46
C LYS F 182 2.71 -13.66 -23.18
N ALA F 183 3.00 -14.81 -22.58
CA ALA F 183 2.73 -16.09 -23.23
C ALA F 183 1.27 -16.23 -23.65
N ARG F 184 0.38 -15.87 -22.73
CA ARG F 184 -1.06 -16.13 -22.88
C ARG F 184 -1.76 -15.20 -23.88
N SER F 185 -1.15 -14.07 -24.19
CA SER F 185 -1.66 -13.15 -25.22
C SER F 185 -0.87 -13.20 -26.53
N ILE F 186 0.15 -14.05 -26.59
CA ILE F 186 0.69 -14.45 -27.87
C ILE F 186 -0.12 -15.66 -28.37
N ASP F 187 -0.34 -16.63 -27.47
CA ASP F 187 -1.10 -17.84 -27.78
C ASP F 187 -1.45 -18.65 -26.52
N VAL F 188 -2.72 -18.69 -26.17
CA VAL F 188 -3.14 -19.40 -24.95
C VAL F 188 -2.97 -20.90 -25.05
N THR F 189 -2.85 -21.39 -26.28
CA THR F 189 -2.74 -22.82 -26.56
C THR F 189 -1.33 -23.38 -26.31
N LYS F 190 -0.33 -22.73 -26.90
CA LYS F 190 1.08 -23.07 -26.75
C LYS F 190 1.55 -23.00 -25.30
N ASP F 191 2.63 -23.75 -25.02
CA ASP F 191 3.29 -23.75 -23.71
C ASP F 191 4.07 -22.45 -23.51
N PRO F 192 3.88 -21.78 -22.36
CA PRO F 192 4.60 -20.55 -22.10
C PRO F 192 6.09 -20.68 -22.37
N LYS F 193 6.68 -21.81 -21.99
CA LYS F 193 8.12 -22.01 -22.14
C LYS F 193 8.59 -22.19 -23.58
N GLU F 194 7.73 -22.71 -24.45
CA GLU F 194 8.05 -22.79 -25.89
C GLU F 194 8.02 -21.37 -26.48
N ILE F 195 7.10 -20.54 -26.01
CA ILE F 195 6.96 -19.18 -26.50
C ILE F 195 8.21 -18.33 -26.16
N TYR F 196 8.65 -18.38 -24.91
CA TYR F 196 9.83 -17.61 -24.49
C TYR F 196 11.04 -17.92 -25.39
N LYS F 197 11.20 -19.19 -25.76
CA LYS F 197 12.31 -19.60 -26.59
C LYS F 197 12.19 -19.03 -27.99
N THR F 198 11.00 -19.11 -28.60
CA THR F 198 10.83 -18.70 -30.01
C THR F 198 10.86 -17.18 -30.20
N GLU F 199 10.42 -16.45 -29.18
CA GLU F 199 10.43 -14.98 -29.23
C GLU F 199 11.86 -14.46 -29.09
N VAL F 200 12.61 -15.02 -28.14
CA VAL F 200 14.01 -14.65 -27.97
C VAL F 200 14.76 -14.85 -29.30
N GLU F 201 14.51 -15.97 -29.95
CA GLU F 201 15.09 -16.20 -31.27
C GLU F 201 14.81 -15.10 -32.29
N LYS F 202 13.63 -14.48 -32.24
CA LYS F 202 13.32 -13.34 -33.11
C LYS F 202 14.25 -12.16 -32.84
N LEU F 203 14.60 -11.97 -31.57
CA LEU F 203 15.49 -10.89 -31.17
C LEU F 203 16.91 -11.17 -31.63
N GLU F 204 17.32 -12.42 -31.47
CA GLU F 204 18.63 -12.87 -31.90
C GLU F 204 18.77 -12.86 -33.43
N ASN F 205 17.73 -13.32 -34.13
CA ASN F 205 17.72 -13.30 -35.60
C ASN F 205 17.55 -11.92 -36.20
N SER F 206 17.14 -10.94 -35.41
CA SER F 206 17.37 -9.54 -35.72
C SER F 206 18.85 -9.35 -35.33
N ASN F 207 19.20 -8.29 -34.60
CA ASN F 207 20.46 -8.32 -33.85
C ASN F 207 20.41 -7.70 -32.47
N PHE F 208 19.77 -8.45 -31.58
CA PHE F 208 19.75 -8.16 -30.17
C PHE F 208 20.53 -9.23 -29.43
N GLU F 209 21.36 -8.79 -28.49
CA GLU F 209 22.23 -9.69 -27.77
C GLU F 209 21.59 -9.97 -26.43
N THR F 210 20.96 -11.14 -26.32
CA THR F 210 20.32 -11.58 -25.08
C THR F 210 21.28 -11.56 -23.90
N ILE F 211 20.99 -10.71 -22.92
CA ILE F 211 21.82 -10.55 -21.75
C ILE F 211 21.30 -11.46 -20.64
N GLN F 212 20.01 -11.35 -20.34
CA GLN F 212 19.38 -12.07 -19.25
C GLN F 212 17.92 -12.35 -19.58
N ILE F 213 17.44 -13.53 -19.18
CA ILE F 213 16.03 -13.90 -19.38
C ILE F 213 15.43 -14.31 -18.05
N ILE F 214 14.54 -13.49 -17.52
CA ILE F 214 13.91 -13.76 -16.22
C ILE F 214 12.49 -14.29 -16.35
N ASN F 215 12.13 -15.24 -15.47
CA ASN F 215 10.74 -15.71 -15.31
C ASN F 215 10.07 -14.96 -14.15
N LEU F 216 9.01 -14.20 -14.47
CA LEU F 216 8.35 -13.33 -13.49
C LEU F 216 7.41 -14.01 -12.47
N ASP F 217 7.46 -15.35 -12.38
CA ASP F 217 6.57 -16.10 -11.46
C ASP F 217 6.68 -15.63 -10.01
N PRO F 218 5.91 -16.25 -9.09
CA PRO F 218 5.03 -15.60 -8.15
C PRO F 218 4.29 -14.36 -8.68
N TYR F 219 5.03 -13.36 -9.15
CA TYR F 219 4.47 -12.03 -9.41
C TYR F 219 3.59 -11.91 -10.65
N ASP F 220 3.95 -12.63 -11.71
CA ASP F 220 3.18 -12.62 -12.94
C ASP F 220 3.19 -14.00 -13.58
N LYS F 221 2.01 -14.62 -13.65
CA LYS F 221 1.87 -15.95 -14.22
C LYS F 221 2.05 -15.93 -15.72
N ASP F 222 2.78 -16.91 -16.26
CA ASP F 222 2.99 -17.06 -17.70
C ASP F 222 3.63 -15.85 -18.34
N HIS F 223 4.57 -15.24 -17.61
CA HIS F 223 5.31 -14.08 -18.10
C HIS F 223 6.81 -14.28 -17.97
N ALA F 224 7.56 -13.75 -18.93
CA ALA F 224 9.00 -13.66 -18.82
C ALA F 224 9.48 -12.33 -19.39
N ILE F 225 10.54 -11.79 -18.81
CA ILE F 225 11.10 -10.54 -19.28
C ILE F 225 12.50 -10.81 -19.83
N VAL F 226 12.80 -10.24 -20.99
CA VAL F 226 14.11 -10.37 -21.62
C VAL F 226 14.86 -9.03 -21.59
N LEU F 227 16.11 -9.08 -21.16
CA LEU F 227 17.01 -7.94 -21.30
C LEU F 227 18.04 -8.24 -22.38
N SER F 228 18.16 -7.34 -23.36
CA SER F 228 19.10 -7.53 -24.46
C SER F 228 19.60 -6.19 -25.01
N LYS F 229 20.73 -6.22 -25.70
CA LYS F 229 21.33 -5.01 -26.29
C LYS F 229 21.24 -4.96 -27.81
N TYR F 230 20.75 -3.83 -28.33
CA TYR F 230 20.64 -3.63 -29.77
C TYR F 230 22.00 -3.27 -30.36
N LYS F 231 22.32 -3.79 -31.54
CA LYS F 231 23.62 -3.53 -32.18
C LYS F 231 23.52 -2.64 -33.41
N LYS K 3 81.15 24.01 30.90
CA LYS K 3 79.69 24.15 30.62
C LYS K 3 79.33 25.60 30.32
N ILE K 4 78.71 25.82 29.15
CA ILE K 4 78.34 27.15 28.68
C ILE K 4 76.81 27.34 28.56
N TYR K 5 76.27 28.30 29.31
CA TYR K 5 74.85 28.66 29.22
C TYR K 5 74.65 29.66 28.09
N LEU K 6 73.85 29.30 27.09
CA LEU K 6 73.68 30.13 25.90
C LEU K 6 72.38 30.93 25.90
N ILE K 7 72.50 32.18 25.47
CA ILE K 7 71.38 33.11 25.38
C ILE K 7 71.11 33.52 23.93
N GLU K 8 69.83 33.61 23.59
CA GLU K 8 69.38 34.22 22.33
C GLU K 8 68.44 35.38 22.62
N HIS K 9 68.70 36.52 21.98
CA HIS K 9 67.91 37.74 22.16
C HIS K 9 67.94 38.55 20.86
N VAL K 10 67.10 39.57 20.77
CA VAL K 10 67.14 40.55 19.69
C VAL K 10 68.56 41.12 19.60
N ILE K 11 69.16 41.31 20.77
CA ILE K 11 70.51 41.87 20.94
C ILE K 11 71.62 41.03 20.27
N GLY K 12 71.37 39.73 20.10
CA GLY K 12 72.36 38.81 19.54
C GLY K 12 72.43 37.50 20.30
N ALA K 13 73.57 36.81 20.18
CA ALA K 13 73.80 35.56 20.90
C ALA K 13 74.97 35.69 21.88
N VAL K 14 74.68 35.43 23.15
CA VAL K 14 75.68 35.59 24.21
C VAL K 14 75.93 34.27 24.94
N ALA K 15 77.20 33.95 25.17
CA ALA K 15 77.58 32.79 25.97
C ALA K 15 77.99 33.19 27.39
N TYR K 16 77.40 32.51 28.36
CA TYR K 16 77.70 32.74 29.76
C TYR K 16 78.28 31.47 30.38
N ASP K 17 79.10 31.64 31.42
CA ASP K 17 79.50 30.53 32.27
C ASP K 17 78.45 30.35 33.38
N GLU K 18 78.63 29.35 34.23
CA GLU K 18 77.67 29.07 35.31
C GLU K 18 77.57 30.23 36.31
N ASN K 19 78.62 31.04 36.38
CA ASN K 19 78.70 32.18 37.29
C ASN K 19 77.83 33.37 36.86
N GLY K 20 77.67 33.52 35.54
CA GLY K 20 76.93 34.66 34.98
C GLY K 20 77.85 35.74 34.42
N ASN K 21 78.95 35.31 33.83
CA ASN K 21 79.90 36.19 33.18
C ASN K 21 79.91 35.93 31.68
N ILE K 22 79.88 36.99 30.89
CA ILE K 22 79.93 36.87 29.45
C ILE K 22 81.28 36.30 29.04
N VAL K 23 81.27 35.03 28.62
CA VAL K 23 82.50 34.39 28.13
C VAL K 23 82.79 34.86 26.71
N ASP K 24 81.75 34.89 25.86
CA ASP K 24 81.86 35.41 24.50
C ASP K 24 80.47 35.74 23.93
N TYR K 25 80.42 36.71 23.02
CA TYR K 25 79.17 37.19 22.41
C TYR K 25 79.34 37.46 20.92
N ILE K 26 78.26 37.28 20.16
CA ILE K 26 78.23 37.79 18.79
C ILE K 26 76.99 38.67 18.62
N THR K 27 77.23 39.93 18.31
CA THR K 27 76.17 40.92 18.15
C THR K 27 75.41 40.69 16.84
N ASN K 28 74.09 40.80 16.91
CA ASN K 28 73.21 40.74 15.74
C ASN K 28 73.34 41.99 14.87
N PRO K 29 72.98 41.88 13.56
CA PRO K 29 72.90 43.10 12.76
C PRO K 29 71.67 43.93 13.13
N ARG K 30 71.85 45.25 13.18
CA ARG K 30 70.75 46.17 13.49
C ARG K 30 69.85 46.30 12.25
N ASP K 31 69.14 45.22 11.94
CA ASP K 31 68.31 45.11 10.74
C ASP K 31 66.97 44.47 11.06
N LEU K 32 65.89 45.24 10.97
CA LEU K 32 64.53 44.79 11.26
C LEU K 32 64.18 43.50 10.53
N GLY K 33 64.43 43.49 9.22
CA GLY K 33 64.15 42.34 8.35
C GLY K 33 64.68 41.02 8.86
N LYS K 34 65.99 40.95 9.09
CA LYS K 34 66.66 39.70 9.45
C LYS K 34 66.36 39.20 10.86
N ILE K 35 66.22 40.11 11.82
CA ILE K 35 65.91 39.74 13.21
C ILE K 35 64.50 39.14 13.29
N THR K 36 63.53 39.82 12.68
CA THR K 36 62.15 39.33 12.64
C THR K 36 62.06 37.90 12.11
N GLU K 37 62.74 37.63 11.00
CA GLU K 37 62.74 36.30 10.38
C GLU K 37 63.35 35.22 11.29
N GLU K 38 64.44 35.57 11.99
CA GLU K 38 65.14 34.63 12.86
C GLU K 38 64.39 34.35 14.15
N LEU K 39 63.63 35.34 14.62
CA LEU K 39 62.74 35.15 15.77
C LEU K 39 61.60 34.23 15.41
N LEU K 40 61.03 34.47 14.22
CA LEU K 40 60.01 33.60 13.66
C LEU K 40 60.57 32.19 13.49
N ASN K 41 61.78 32.09 12.96
CA ASN K 41 62.44 30.81 12.78
C ASN K 41 62.78 30.12 14.09
N ASN K 42 63.12 30.91 15.11
CA ASN K 42 63.48 30.38 16.42
C ASN K 42 62.34 29.62 17.08
N GLU K 43 61.11 30.04 16.76
CA GLU K 43 59.90 29.39 17.24
C GLU K 43 59.83 27.90 16.85
N LYS K 44 60.34 27.58 15.67
CA LYS K 44 60.32 26.21 15.16
C LYS K 44 61.55 25.41 15.60
N GLY K 45 62.45 26.05 16.33
CA GLY K 45 63.64 25.41 16.86
C GLY K 45 64.94 25.80 16.17
N ILE K 46 64.82 26.57 15.09
CA ILE K 46 65.98 27.02 14.30
C ILE K 46 66.79 28.04 15.08
N PRO K 47 68.09 27.78 15.25
CA PRO K 47 68.97 28.70 15.97
C PRO K 47 69.30 29.94 15.15
N PHE K 48 69.57 31.04 15.83
CA PHE K 48 70.08 32.26 15.19
C PHE K 48 71.37 31.94 14.42
N SER K 49 71.65 32.70 13.37
CA SER K 49 72.91 32.52 12.63
C SER K 49 74.08 33.08 13.45
N ALA K 50 73.76 34.01 14.35
CA ALA K 50 74.72 34.53 15.33
C ALA K 50 75.11 33.48 16.36
N THR K 51 74.17 32.60 16.69
CA THR K 51 74.40 31.50 17.62
C THR K 51 75.32 30.43 17.01
N VAL K 52 75.15 30.17 15.71
CA VAL K 52 75.97 29.20 14.97
C VAL K 52 77.46 29.61 14.96
N GLU K 53 77.70 30.90 14.72
CA GLU K 53 79.05 31.46 14.72
C GLU K 53 79.68 31.48 16.13
N LEU K 54 78.85 31.70 17.15
CA LEU K 54 79.32 31.77 18.53
C LEU K 54 79.73 30.40 19.09
N LEU K 55 78.95 29.37 18.74
CA LEU K 55 79.25 27.99 19.15
C LEU K 55 80.46 27.40 18.42
N LYS K 56 80.99 28.16 17.46
CA LYS K 56 82.24 27.79 16.79
C LYS K 56 83.43 28.46 17.46
N LYS K 57 83.33 29.77 17.67
CA LYS K 57 84.38 30.55 18.34
C LYS K 57 84.73 29.94 19.70
N VAL K 58 83.72 29.72 20.53
CA VAL K 58 83.87 28.91 21.73
C VAL K 58 83.68 27.46 21.29
N ASN K 59 84.43 26.54 21.91
CA ASN K 59 84.28 25.13 21.60
C ASN K 59 83.84 24.37 22.87
N PRO K 60 82.55 24.47 23.23
CA PRO K 60 82.09 23.93 24.49
C PRO K 60 81.58 22.48 24.38
N GLN K 61 81.94 21.65 25.36
CA GLN K 61 81.52 20.25 25.38
C GLN K 61 80.05 20.09 25.78
N GLU K 62 79.65 20.71 26.89
CA GLU K 62 78.27 20.66 27.35
C GLU K 62 77.63 22.06 27.30
N VAL K 63 76.64 22.21 26.41
CA VAL K 63 75.90 23.47 26.27
C VAL K 63 74.44 23.35 26.72
N VAL K 64 73.89 24.44 27.24
CA VAL K 64 72.52 24.47 27.74
C VAL K 64 71.78 25.74 27.29
N VAL K 65 70.67 25.54 26.58
CA VAL K 65 69.90 26.63 25.95
C VAL K 65 68.64 26.96 26.76
N GLU K 66 67.86 27.92 26.25
CA GLU K 66 66.66 28.41 26.92
C GLU K 66 65.40 27.68 26.48
N ASN K 67 65.41 27.22 25.23
CA ASN K 67 64.23 26.66 24.58
C ASN K 67 64.42 25.17 24.23
N GLU K 68 63.41 24.36 24.51
CA GLU K 68 63.51 22.91 24.32
C GLU K 68 63.47 22.48 22.85
N ALA K 69 62.96 23.35 21.99
CA ALA K 69 62.85 23.04 20.56
C ALA K 69 64.20 23.15 19.84
N GLU K 70 65.11 23.96 20.39
CA GLU K 70 66.44 24.16 19.80
C GLU K 70 67.33 22.94 19.94
N VAL K 71 67.17 22.22 21.07
CA VAL K 71 68.06 21.11 21.42
C VAL K 71 68.38 20.14 20.27
N PRO K 72 67.35 19.53 19.65
CA PRO K 72 67.64 18.55 18.58
C PRO K 72 68.29 19.15 17.33
N LYS K 73 68.09 20.44 17.09
CA LYS K 73 68.73 21.13 15.97
C LYS K 73 70.24 21.29 16.19
N LEU K 74 70.62 21.60 17.43
CA LEU K 74 72.04 21.79 17.80
C LEU K 74 72.77 20.46 17.98
N GLN K 75 72.02 19.39 18.22
CA GLN K 75 72.57 18.04 18.28
C GLN K 75 72.91 17.55 16.87
N ALA K 76 72.06 17.92 15.91
CA ALA K 76 72.29 17.62 14.50
C ALA K 76 73.48 18.41 13.94
N LEU K 77 73.87 19.47 14.64
CA LEU K 77 75.01 20.29 14.23
C LEU K 77 76.33 19.85 14.90
N GLY K 78 76.24 18.93 15.87
CA GLY K 78 77.42 18.28 16.44
C GLY K 78 77.67 18.33 17.94
N TYR K 79 76.90 19.14 18.66
CA TYR K 79 77.13 19.35 20.10
C TYR K 79 76.22 18.51 20.98
N ARG K 80 76.69 18.23 22.21
CA ARG K 80 75.85 17.66 23.25
C ARG K 80 75.10 18.78 23.99
N VAL K 81 73.78 18.72 23.97
CA VAL K 81 72.92 19.86 24.38
C VAL K 81 71.75 19.48 25.30
N SER K 82 71.42 20.38 26.23
CA SER K 82 70.19 20.32 27.03
C SER K 82 69.56 21.72 27.13
N TYR K 83 68.54 21.88 27.97
CA TYR K 83 67.89 23.19 28.16
C TYR K 83 67.42 23.41 29.61
N GLU K 84 67.62 24.62 30.13
CA GLU K 84 67.03 24.99 31.42
C GLU K 84 66.03 26.13 31.25
N PRO K 85 64.79 25.93 31.74
CA PRO K 85 63.67 26.85 31.50
C PRO K 85 63.87 28.28 32.02
N TYR K 86 63.61 28.48 33.31
CA TYR K 86 63.73 29.81 33.94
C TYR K 86 65.03 29.90 34.73
N SER K 87 66.14 29.60 34.04
CA SER K 87 67.47 29.51 34.65
C SER K 87 67.93 30.80 35.31
N LYS K 88 68.85 30.66 36.27
CA LYS K 88 69.46 31.80 36.94
C LYS K 88 70.24 32.67 35.97
N VAL K 89 70.88 32.03 34.99
CA VAL K 89 71.67 32.71 33.96
C VAL K 89 70.80 33.57 33.04
N SER K 90 69.72 32.98 32.52
CA SER K 90 68.78 33.70 31.65
C SER K 90 68.21 34.92 32.36
N ARG K 91 67.93 34.77 33.66
CA ARG K 91 67.53 35.91 34.50
C ARG K 91 68.67 36.93 34.64
N ILE K 92 69.86 36.45 35.01
CA ILE K 92 71.05 37.31 35.12
C ILE K 92 71.23 38.17 33.86
N PHE K 93 71.04 37.55 32.69
CA PHE K 93 71.13 38.25 31.42
C PHE K 93 70.08 39.36 31.27
N ARG K 94 68.83 39.06 31.60
CA ARG K 94 67.74 40.03 31.46
C ARG K 94 67.72 41.13 32.53
N GLU K 95 68.39 40.88 33.65
CA GLU K 95 68.52 41.86 34.73
C GLU K 95 69.38 43.05 34.29
N SER K 96 70.36 42.77 33.44
CA SER K 96 71.30 43.78 32.94
C SER K 96 71.03 44.13 31.46
N LEU K 97 69.81 43.85 31.01
CA LEU K 97 69.46 43.98 29.59
C LEU K 97 69.28 45.43 29.11
N PRO K 98 68.80 46.35 29.99
CA PRO K 98 68.92 47.73 29.54
C PRO K 98 70.37 48.10 29.18
N LYS K 99 71.32 47.61 29.99
CA LYS K 99 72.75 47.93 29.86
C LYS K 99 73.55 47.18 28.77
N VAL K 100 73.51 45.84 28.80
CA VAL K 100 74.40 45.02 27.94
C VAL K 100 74.15 45.15 26.43
N ALA K 101 73.15 45.96 26.07
CA ALA K 101 72.91 46.34 24.68
C ALA K 101 74.02 47.27 24.21
N ILE K 102 74.45 48.14 25.12
CA ILE K 102 75.52 49.09 24.89
C ILE K 102 76.88 48.39 24.93
N ASP K 103 77.06 47.51 25.92
CA ASP K 103 78.32 46.81 26.16
C ASP K 103 78.78 45.93 25.00
N ILE K 104 77.84 45.22 24.37
CA ILE K 104 78.17 44.38 23.21
C ILE K 104 78.01 45.14 21.88
N LYS K 105 77.83 46.46 22.01
CA LYS K 105 77.69 47.39 20.89
C LYS K 105 76.61 46.98 19.89
N PHE K 106 75.39 46.82 20.40
CA PHE K 106 74.22 46.61 19.55
C PHE K 106 73.63 47.98 19.19
N ALA K 107 73.69 48.89 20.15
CA ALA K 107 73.36 50.30 19.94
C ALA K 107 74.34 51.16 20.73
N SER K 108 74.55 52.40 20.27
CA SER K 108 75.46 53.33 20.93
C SER K 108 74.96 53.72 22.33
N ASN K 109 73.66 54.01 22.43
CA ASN K 109 73.04 54.36 23.72
C ASN K 109 71.69 53.68 23.97
N GLU K 110 71.14 53.86 25.17
CA GLU K 110 69.82 53.32 25.53
C GLU K 110 68.73 53.91 24.64
N GLU K 111 68.83 55.21 24.41
CA GLU K 111 67.88 55.96 23.59
C GLU K 111 67.37 55.22 22.35
N ASP K 112 68.29 54.70 21.53
CA ASP K 112 67.87 54.01 20.30
C ASP K 112 68.07 52.49 20.28
N TYR K 113 68.27 51.91 21.47
CA TYR K 113 68.02 50.49 21.65
C TYR K 113 66.51 50.32 21.71
N TYR K 114 65.87 51.15 22.53
CA TYR K 114 64.43 51.14 22.67
C TYR K 114 63.68 51.61 21.43
N ASN K 115 64.24 52.59 20.71
CA ASN K 115 63.68 52.99 19.43
C ASN K 115 63.63 51.83 18.43
N PHE K 116 64.71 51.04 18.42
CA PHE K 116 64.78 49.90 17.54
C PHE K 116 63.90 48.75 18.03
N LEU K 117 63.95 48.47 19.33
CA LEU K 117 63.14 47.38 19.91
C LEU K 117 61.65 47.64 19.72
N HIS K 118 61.24 48.90 19.90
CA HIS K 118 59.86 49.32 19.67
C HIS K 118 59.42 48.97 18.25
N GLU K 119 60.26 49.29 17.28
CA GLU K 119 59.92 49.07 15.88
C GLU K 119 60.07 47.62 15.43
N LEU K 120 60.85 46.85 16.17
CA LEU K 120 60.93 45.41 15.97
C LEU K 120 59.64 44.77 16.46
N SER K 121 59.23 45.10 17.68
CA SER K 121 57.97 44.61 18.23
C SER K 121 56.81 44.96 17.30
N LEU K 122 56.73 46.23 16.88
CA LEU K 122 55.73 46.65 15.89
C LEU K 122 55.76 45.80 14.62
N GLU K 123 56.94 45.58 14.06
CA GLU K 123 57.08 44.76 12.87
C GLU K 123 56.99 43.26 13.12
N TYR K 124 57.30 42.82 14.33
CA TYR K 124 57.21 41.41 14.69
C TYR K 124 55.77 40.96 14.87
N THR K 125 54.93 41.82 15.44
CA THR K 125 53.52 41.46 15.59
C THR K 125 52.76 41.67 14.29
N ARG K 126 53.09 42.73 13.55
CA ARG K 126 52.55 42.96 12.21
C ARG K 126 52.68 41.72 11.32
N ARG K 127 53.81 41.02 11.45
CA ARG K 127 54.07 39.81 10.68
C ARG K 127 53.22 38.65 11.18
N LYS K 128 53.02 38.55 12.50
CA LYS K 128 52.17 37.52 13.09
C LYS K 128 50.70 37.74 12.74
N LEU K 129 50.24 38.99 12.90
CA LEU K 129 48.88 39.40 12.50
C LEU K 129 48.51 38.97 11.11
N ARG K 130 49.50 38.82 10.24
CA ARG K 130 49.27 38.53 8.84
C ARG K 130 49.03 37.04 8.58
N SER K 131 49.88 36.18 9.13
CA SER K 131 49.68 34.74 8.96
C SER K 131 48.45 34.22 9.73
N ALA K 132 47.97 35.02 10.69
CA ALA K 132 46.71 34.72 11.37
C ALA K 132 45.51 35.03 10.47
N ALA K 133 45.68 36.03 9.60
CA ALA K 133 44.64 36.45 8.65
C ALA K 133 44.66 35.64 7.36
N GLN K 134 45.79 35.00 7.08
CA GLN K 134 46.01 34.27 5.83
C GLN K 134 45.49 32.82 5.90
N LYS K 135 45.01 32.41 7.08
CA LYS K 135 44.40 31.10 7.27
C LYS K 135 43.09 31.00 6.49
N ARG K 136 42.92 29.91 5.76
CA ARG K 136 41.80 29.73 4.85
C ARG K 136 40.48 29.40 5.55
N ASP K 137 40.56 28.90 6.79
CA ASP K 137 39.35 28.53 7.53
C ASP K 137 38.51 29.72 8.01
N LEU K 138 39.12 30.91 8.04
CA LEU K 138 38.43 32.10 8.54
C LEU K 138 37.31 32.56 7.62
N LEU K 139 37.53 32.39 6.32
CA LEU K 139 36.56 32.75 5.30
C LEU K 139 35.38 31.80 5.33
N ALA K 140 35.67 30.52 5.59
CA ALA K 140 34.67 29.50 5.81
C ALA K 140 33.74 29.91 6.95
N ILE K 141 34.32 30.37 8.04
CA ILE K 141 33.56 30.79 9.21
C ILE K 141 32.73 32.05 8.93
N GLN K 142 33.34 33.03 8.27
CA GLN K 142 32.65 34.28 7.99
C GLN K 142 31.44 34.08 7.09
N ALA K 143 31.60 33.22 6.08
CA ALA K 143 30.55 32.94 5.10
C ALA K 143 29.33 32.29 5.76
N VAL K 144 29.56 31.23 6.52
CA VAL K 144 28.47 30.54 7.20
C VAL K 144 27.76 31.44 8.22
N ARG K 145 28.49 32.38 8.81
CA ARG K 145 27.89 33.34 9.74
C ARG K 145 26.97 34.30 9.01
N ALA K 146 27.39 34.69 7.80
CA ALA K 146 26.60 35.55 6.95
C ALA K 146 25.42 34.77 6.37
N MET K 147 25.64 33.51 6.04
CA MET K 147 24.56 32.62 5.66
C MET K 147 23.47 32.56 6.74
N ASP K 148 23.88 32.34 7.98
CA ASP K 148 22.93 32.25 9.08
C ASP K 148 22.21 33.57 9.32
N ASP K 149 22.85 34.67 8.93
CA ASP K 149 22.24 36.00 9.02
C ASP K 149 21.17 36.14 7.95
N ILE K 150 21.48 35.65 6.75
CA ILE K 150 20.55 35.68 5.63
C ILE K 150 19.33 34.79 5.91
N ASP K 151 19.58 33.58 6.43
CA ASP K 151 18.50 32.69 6.87
C ASP K 151 17.54 33.43 7.80
N LYS K 152 18.10 34.04 8.84
CA LYS K 152 17.34 34.77 9.85
C LYS K 152 16.54 35.91 9.23
N THR K 153 17.17 36.61 8.29
CA THR K 153 16.57 37.78 7.66
C THR K 153 15.44 37.41 6.68
N ILE K 154 15.68 36.38 5.87
CA ILE K 154 14.65 35.85 5.00
C ILE K 154 13.39 35.60 5.83
N ASN K 155 13.55 34.84 6.91
CA ASN K 155 12.44 34.53 7.78
C ASN K 155 11.72 35.76 8.34
N LEU K 156 12.49 36.71 8.87
CA LEU K 156 11.93 37.96 9.43
C LEU K 156 11.12 38.69 8.38
N PHE K 157 11.68 38.80 7.17
CA PHE K 157 11.04 39.56 6.10
C PHE K 157 9.80 38.85 5.57
N SER K 158 9.88 37.54 5.42
CA SER K 158 8.73 36.76 4.97
C SER K 158 7.58 36.89 5.97
N GLU K 159 7.91 36.81 7.25
CA GLU K 159 6.90 36.92 8.31
C GLU K 159 6.24 38.30 8.29
N ARG K 160 7.05 39.34 8.06
CA ARG K 160 6.50 40.67 7.84
C ARG K 160 5.65 40.72 6.55
N LEU K 161 6.24 40.31 5.43
CA LEU K 161 5.57 40.44 4.14
C LEU K 161 4.19 39.83 4.16
N ARG K 162 4.07 38.63 4.73
CA ARG K 162 2.78 37.95 4.84
C ARG K 162 1.79 38.78 5.64
N GLU K 163 2.25 39.28 6.78
CA GLU K 163 1.40 40.11 7.62
C GLU K 163 0.99 41.37 6.88
N TRP K 164 1.94 41.93 6.12
CA TRP K 164 1.71 43.17 5.39
C TRP K 164 0.77 42.94 4.24
N TYR K 165 1.15 42.02 3.35
CA TYR K 165 0.39 41.73 2.13
C TYR K 165 -1.02 41.19 2.43
N SER K 166 -1.18 40.57 3.60
CA SER K 166 -2.48 40.05 4.03
C SER K 166 -3.52 41.11 4.39
N ILE K 167 -3.17 42.39 4.26
CA ILE K 167 -4.18 43.45 4.35
C ILE K 167 -4.97 43.45 3.04
N HIS K 168 -4.29 43.15 1.95
CA HIS K 168 -4.86 43.23 0.60
C HIS K 168 -5.44 41.88 0.13
N PHE K 169 -4.73 40.80 0.43
CA PHE K 169 -5.10 39.50 -0.09
C PHE K 169 -4.79 38.44 0.98
N PRO K 170 -5.59 38.41 2.07
CA PRO K 170 -5.35 37.62 3.27
C PRO K 170 -5.35 36.11 3.04
N GLU K 171 -6.19 35.64 2.12
CA GLU K 171 -6.37 34.22 1.87
C GLU K 171 -5.14 33.55 1.24
N LEU K 172 -4.27 34.34 0.61
CA LEU K 172 -3.08 33.81 -0.07
C LEU K 172 -2.06 33.20 0.91
N ASP K 173 -2.07 33.70 2.14
CA ASP K 173 -1.11 33.36 3.17
C ASP K 173 -1.11 31.88 3.53
N LYS K 174 -2.28 31.32 3.83
CA LYS K 174 -2.41 29.90 4.16
C LYS K 174 -2.46 29.01 2.92
N LEU K 175 -2.53 29.63 1.75
CA LEU K 175 -2.53 28.91 0.48
C LEU K 175 -1.14 28.64 -0.06
N ILE K 176 -0.19 29.53 0.22
CA ILE K 176 1.21 29.28 -0.13
C ILE K 176 2.06 29.07 1.12
N GLU K 177 2.55 27.85 1.28
CA GLU K 177 3.35 27.46 2.42
C GLU K 177 4.71 28.10 2.30
N ASP K 178 5.27 27.96 1.11
CA ASP K 178 6.66 28.27 0.82
C ASP K 178 6.86 29.78 0.74
N HIS K 179 7.89 30.29 1.41
CA HIS K 179 8.14 31.72 1.43
C HIS K 179 8.56 32.27 0.06
N GLU K 180 9.52 31.62 -0.57
CA GLU K 180 10.00 32.10 -1.86
C GLU K 180 8.86 32.22 -2.87
N GLU K 181 7.99 31.21 -2.89
CA GLU K 181 6.81 31.21 -3.76
C GLU K 181 5.94 32.41 -3.44
N TYR K 182 5.62 32.58 -2.15
CA TYR K 182 4.82 33.71 -1.69
C TYR K 182 5.39 34.99 -2.26
N ALA K 183 6.68 35.22 -1.99
CA ALA K 183 7.40 36.43 -2.43
C ALA K 183 7.27 36.67 -3.93
N THR K 184 7.46 35.61 -4.71
CA THR K 184 7.41 35.70 -6.16
C THR K 184 6.07 36.24 -6.63
N ILE K 185 5.00 35.79 -5.99
CA ILE K 185 3.67 36.29 -6.30
C ILE K 185 3.55 37.79 -6.00
N VAL K 186 3.80 38.15 -4.74
CA VAL K 186 3.65 39.54 -4.31
C VAL K 186 4.47 40.46 -5.20
N SER K 187 5.72 40.09 -5.46
CA SER K 187 6.62 40.93 -6.27
C SER K 187 6.17 41.04 -7.73
N ARG K 188 5.68 39.95 -8.29
CA ARG K 188 5.36 39.91 -9.72
C ARG K 188 3.93 40.41 -10.05
N PHE K 189 3.12 40.70 -9.04
CA PHE K 189 1.75 41.11 -9.33
C PHE K 189 1.29 42.38 -8.68
N GLY K 190 1.58 42.52 -7.39
CA GLY K 190 1.01 43.61 -6.62
C GLY K 190 -0.42 43.25 -6.34
N ASP K 191 -1.34 43.98 -6.97
CA ASP K 191 -2.78 43.79 -6.74
C ASP K 191 -3.27 42.40 -7.15
N ARG K 192 -4.11 41.78 -6.30
CA ARG K 192 -4.62 40.44 -6.53
C ARG K 192 -5.44 40.42 -7.80
N GLY K 193 -5.84 41.60 -8.27
CA GLY K 193 -6.61 41.75 -9.50
C GLY K 193 -5.79 41.69 -10.77
N PHE K 194 -4.48 41.48 -10.63
CA PHE K 194 -3.61 41.35 -11.79
C PHE K 194 -3.35 39.89 -12.14
N LEU K 195 -3.61 38.99 -11.19
CA LEU K 195 -3.32 37.57 -11.34
C LEU K 195 -4.12 36.87 -12.45
N THR K 196 -3.39 36.33 -13.42
CA THR K 196 -3.95 35.68 -14.59
C THR K 196 -3.51 34.21 -14.63
N ILE K 197 -4.34 33.37 -15.25
CA ILE K 197 -4.06 31.95 -15.36
C ILE K 197 -2.67 31.66 -16.00
N ASP K 198 -2.41 32.23 -17.18
CA ASP K 198 -1.13 32.03 -17.90
C ASP K 198 0.09 32.58 -17.15
N SER K 199 -0.15 33.57 -16.29
CA SER K 199 0.89 34.27 -15.53
C SER K 199 1.55 33.37 -14.49
N LEU K 200 0.73 32.76 -13.62
CA LEU K 200 1.22 31.83 -12.61
C LEU K 200 1.65 30.49 -13.24
N LYS K 201 1.07 30.20 -14.39
CA LYS K 201 1.47 29.05 -15.18
C LYS K 201 2.91 29.27 -15.65
N GLU K 202 3.25 30.53 -15.92
CA GLU K 202 4.63 30.91 -16.27
C GLU K 202 5.58 31.03 -15.05
N LEU K 203 5.06 30.77 -13.86
CA LEU K 203 5.84 30.86 -12.66
C LEU K 203 6.08 29.45 -12.07
N GLY K 204 5.34 28.47 -12.57
CA GLY K 204 5.59 27.07 -12.22
C GLY K 204 4.54 26.31 -11.42
N PHE K 205 3.49 27.02 -10.99
CA PHE K 205 2.42 26.43 -10.17
C PHE K 205 1.61 25.39 -10.96
N ASN K 206 1.01 24.43 -10.27
CA ASN K 206 0.20 23.40 -10.95
C ASN K 206 -1.27 23.81 -11.22
N GLU K 207 -1.91 23.10 -12.14
CA GLU K 207 -3.30 23.33 -12.60
C GLU K 207 -4.27 23.70 -11.45
N GLN K 208 -4.40 22.77 -10.49
CA GLN K 208 -5.42 22.86 -9.43
C GLN K 208 -5.18 24.03 -8.49
N ARG K 209 -3.92 24.31 -8.18
CA ARG K 209 -3.59 25.37 -7.23
C ARG K 209 -3.79 26.78 -7.79
N ILE K 210 -3.46 26.98 -9.07
CA ILE K 210 -3.75 28.25 -9.75
C ILE K 210 -5.22 28.62 -9.60
N ASN K 211 -6.10 27.64 -9.74
CA ASN K 211 -7.55 27.85 -9.63
C ASN K 211 -8.00 28.28 -8.25
N ARG K 212 -7.40 27.69 -7.22
CA ARG K 212 -7.75 28.01 -5.84
C ARG K 212 -7.27 29.41 -5.47
N ILE K 213 -6.06 29.77 -5.93
CA ILE K 213 -5.50 31.11 -5.73
C ILE K 213 -6.38 32.18 -6.37
N LEU K 214 -6.74 31.96 -7.64
CA LEU K 214 -7.54 32.92 -8.42
C LEU K 214 -8.95 33.06 -7.91
N ASP K 215 -9.51 31.96 -7.39
CA ASP K 215 -10.84 31.99 -6.78
C ASP K 215 -10.77 32.73 -5.44
N ALA K 216 -9.68 32.49 -4.70
CA ALA K 216 -9.44 33.18 -3.43
C ALA K 216 -9.31 34.68 -3.62
N ALA K 217 -8.65 35.07 -4.71
CA ALA K 217 -8.48 36.48 -5.06
C ALA K 217 -9.80 37.14 -5.41
N LYS K 218 -10.64 36.42 -6.15
CA LYS K 218 -11.95 36.93 -6.59
C LYS K 218 -12.88 37.18 -5.40
N LYS K 219 -12.99 36.20 -4.51
CA LYS K 219 -13.85 36.29 -3.32
C LYS K 219 -13.15 36.89 -2.08
N SER K 220 -11.97 37.48 -2.29
CA SER K 220 -11.15 38.00 -1.19
C SER K 220 -11.82 39.09 -0.37
N ILE K 221 -11.75 38.94 0.95
CA ILE K 221 -12.22 39.98 1.87
C ILE K 221 -11.09 40.94 2.30
N GLY K 222 -10.10 41.10 1.42
CA GLY K 222 -8.99 42.02 1.67
C GLY K 222 -9.40 43.45 1.40
N ALA K 223 -8.43 44.36 1.49
CA ALA K 223 -8.68 45.79 1.28
C ALA K 223 -8.28 46.25 -0.12
N ASP K 224 -9.01 47.25 -0.63
CA ASP K 224 -8.67 47.89 -1.90
C ASP K 224 -7.69 49.04 -1.65
N ILE K 225 -6.56 48.97 -2.35
CA ILE K 225 -5.34 49.68 -1.96
C ILE K 225 -4.62 50.28 -3.15
N SER K 226 -4.04 51.46 -2.95
CA SER K 226 -3.37 52.23 -4.02
C SER K 226 -2.12 51.54 -4.56
N GLU K 227 -1.66 51.96 -5.74
CA GLU K 227 -0.42 51.43 -6.32
C GLU K 227 0.81 51.79 -5.51
N ASP K 228 0.77 52.95 -4.86
CA ASP K 228 1.84 53.37 -3.97
C ASP K 228 2.00 52.38 -2.82
N ASP K 229 0.87 51.92 -2.28
CA ASP K 229 0.87 51.00 -1.14
C ASP K 229 1.47 49.66 -1.56
N LEU K 230 1.11 49.21 -2.75
CA LEU K 230 1.49 47.88 -3.18
C LEU K 230 2.98 47.78 -3.43
N SER K 231 3.53 48.81 -4.07
CA SER K 231 4.96 48.86 -4.35
C SER K 231 5.83 49.04 -3.10
N ALA K 232 5.23 49.55 -2.01
CA ALA K 232 5.87 49.52 -0.72
C ALA K 232 6.14 48.07 -0.32
N MET K 233 5.09 47.26 -0.31
CA MET K 233 5.21 45.85 0.05
C MET K 233 6.14 45.08 -0.88
N ARG K 234 6.03 45.38 -2.17
CA ARG K 234 6.80 44.70 -3.21
C ARG K 234 8.30 44.92 -3.10
N MET K 235 8.71 45.99 -2.40
CA MET K 235 10.13 46.25 -2.14
C MET K 235 10.68 45.13 -1.27
N ILE K 236 9.91 44.78 -0.24
CA ILE K 236 10.28 43.69 0.65
C ILE K 236 10.31 42.37 -0.13
N ALA K 237 9.32 42.15 -0.99
CA ALA K 237 9.24 40.91 -1.76
C ALA K 237 10.46 40.68 -2.67
N ASN K 238 10.90 41.73 -3.35
CA ASN K 238 12.10 41.65 -4.17
C ASN K 238 13.36 41.48 -3.34
N THR K 239 13.38 42.03 -2.13
CA THR K 239 14.51 41.83 -1.24
C THR K 239 14.57 40.35 -0.82
N ILE K 240 13.39 39.76 -0.61
CA ILE K 240 13.29 38.36 -0.19
C ILE K 240 13.82 37.42 -1.27
N LEU K 241 13.43 37.69 -2.52
CA LEU K 241 13.91 36.89 -3.64
C LEU K 241 15.41 37.07 -3.87
N ASP K 242 15.89 38.30 -3.67
CA ASP K 242 17.31 38.62 -3.76
C ASP K 242 18.13 37.78 -2.80
N LEU K 243 17.69 37.74 -1.54
CA LEU K 243 18.39 36.99 -0.50
C LEU K 243 18.46 35.49 -0.78
N TYR K 244 17.38 34.95 -1.34
CA TYR K 244 17.36 33.54 -1.73
C TYR K 244 18.45 33.22 -2.73
N ASN K 245 18.62 34.09 -3.72
CA ASN K 245 19.73 33.96 -4.67
C ASN K 245 21.10 34.08 -4.03
N ILE K 246 21.26 35.07 -3.17
CA ILE K 246 22.53 35.29 -2.45
C ILE K 246 22.84 34.08 -1.57
N ARG K 247 21.81 33.55 -0.91
CA ARG K 247 21.98 32.37 -0.08
C ARG K 247 22.50 31.17 -0.85
N ARG K 248 21.84 30.85 -1.96
CA ARG K 248 22.25 29.75 -2.81
C ARG K 248 23.67 29.92 -3.35
N ASN K 249 24.02 31.17 -3.65
CA ASN K 249 25.36 31.50 -4.12
C ASN K 249 26.40 31.31 -3.03
N LEU K 250 26.03 31.68 -1.81
CA LEU K 250 26.90 31.52 -0.65
C LEU K 250 27.14 30.05 -0.29
N ASN K 251 26.09 29.24 -0.43
CA ASN K 251 26.18 27.80 -0.17
C ASN K 251 27.17 27.13 -1.11
N ASN K 252 27.12 27.48 -2.40
CA ASN K 252 28.08 26.95 -3.38
C ASN K 252 29.50 27.39 -3.12
N TYR K 253 29.65 28.66 -2.74
CA TYR K 253 30.94 29.21 -2.32
C TYR K 253 31.45 28.44 -1.11
N LEU K 254 30.58 28.30 -0.12
CA LEU K 254 30.92 27.61 1.13
C LEU K 254 31.39 26.18 0.87
N GLU K 255 30.63 25.46 0.05
CA GLU K 255 30.97 24.11 -0.36
C GLU K 255 32.42 24.01 -0.87
N GLY K 256 32.77 24.90 -1.78
CA GLY K 256 34.10 24.94 -2.40
C GLY K 256 35.23 25.10 -1.39
N VAL K 257 35.08 26.05 -0.48
CA VAL K 257 36.08 26.30 0.56
C VAL K 257 36.16 25.15 1.54
N MET K 258 35.01 24.65 1.96
CA MET K 258 34.89 23.63 3.01
C MET K 258 35.53 22.30 2.62
N LYS K 259 35.36 21.91 1.35
CA LYS K 259 35.96 20.69 0.82
C LYS K 259 37.47 20.85 0.73
N GLU K 260 37.90 22.09 0.47
CA GLU K 260 39.31 22.43 0.41
C GLU K 260 39.94 22.45 1.80
N VAL K 261 39.25 23.06 2.77
CA VAL K 261 39.84 23.30 4.10
C VAL K 261 39.61 22.23 5.19
N ALA K 262 38.47 21.56 5.19
CA ALA K 262 38.19 20.48 6.16
C ALA K 262 37.37 19.34 5.56
N PRO K 263 37.96 18.60 4.60
CA PRO K 263 37.26 17.60 3.80
C PRO K 263 36.56 16.50 4.60
N ASN K 264 37.24 15.95 5.62
CA ASN K 264 36.69 14.87 6.45
C ASN K 264 35.47 15.30 7.26
N VAL K 265 35.53 16.47 7.87
CA VAL K 265 34.38 17.05 8.56
C VAL K 265 33.22 17.24 7.59
N THR K 266 33.51 17.82 6.42
CA THR K 266 32.51 18.07 5.39
C THR K 266 31.86 16.76 4.94
N ALA K 267 32.68 15.74 4.73
CA ALA K 267 32.20 14.41 4.40
C ALA K 267 31.17 13.90 5.42
N LEU K 268 31.32 14.28 6.68
CA LEU K 268 30.41 13.79 7.71
C LEU K 268 29.09 14.56 7.83
N VAL K 269 29.16 15.89 7.82
CA VAL K 269 27.97 16.69 8.14
C VAL K 269 27.56 17.68 7.06
N GLY K 270 28.32 17.74 5.98
CA GLY K 270 28.06 18.71 4.90
C GLY K 270 28.80 20.02 5.09
N PRO K 271 28.78 20.92 4.08
CA PRO K 271 29.49 22.20 4.14
C PRO K 271 29.02 23.16 5.24
N ALA K 272 27.72 23.47 5.24
CA ALA K 272 27.14 24.40 6.21
C ALA K 272 27.38 24.02 7.66
N LEU K 273 26.97 22.80 8.05
CA LEU K 273 27.06 22.36 9.45
C LEU K 273 28.49 22.15 9.94
N GLY K 274 29.40 21.82 9.03
CA GLY K 274 30.83 21.74 9.35
C GLY K 274 31.43 23.11 9.63
N ALA K 275 31.18 24.04 8.71
CA ALA K 275 31.52 25.44 8.91
C ALA K 275 30.95 25.96 10.23
N ARG K 276 29.68 25.62 10.50
CA ARG K 276 28.97 26.13 11.67
C ARG K 276 29.63 25.68 12.98
N LEU K 277 30.24 24.50 12.96
CA LEU K 277 31.01 24.01 14.10
C LEU K 277 32.35 24.73 14.23
N LEU K 278 33.01 24.98 13.10
CA LEU K 278 34.23 25.80 13.07
C LEU K 278 33.93 27.18 13.68
N SER K 279 32.82 27.78 13.27
CA SER K 279 32.41 29.10 13.74
C SER K 279 32.25 29.18 15.27
N ILE K 280 31.66 28.14 15.86
CA ILE K 280 31.46 28.08 17.30
C ILE K 280 32.79 27.77 18.02
N ALA K 281 33.57 26.85 17.45
CA ALA K 281 34.88 26.50 17.98
C ALA K 281 35.90 27.65 17.88
N GLY K 282 35.80 28.44 16.81
CA GLY K 282 36.71 29.54 16.57
C GLY K 282 37.65 29.28 15.41
N SER K 283 38.17 28.06 15.33
CA SER K 283 39.08 27.64 14.26
C SER K 283 38.99 26.13 14.06
N LEU K 284 39.63 25.63 13.01
CA LEU K 284 39.74 24.18 12.79
C LEU K 284 40.61 23.54 13.87
N ASP K 285 41.71 24.21 14.20
CA ASP K 285 42.67 23.71 15.18
C ASP K 285 42.06 23.65 16.56
N GLU K 286 41.14 24.57 16.85
CA GLU K 286 40.41 24.56 18.12
C GLU K 286 39.35 23.46 18.15
N LEU K 287 38.70 23.23 17.02
CA LEU K 287 37.72 22.14 16.90
C LEU K 287 38.43 20.79 17.11
N ALA K 288 39.61 20.66 16.52
CA ALA K 288 40.40 19.43 16.59
C ALA K 288 40.78 19.09 18.04
N LYS K 289 41.07 20.13 18.82
CA LYS K 289 41.49 19.96 20.22
C LYS K 289 40.34 19.58 21.16
N MET K 290 39.12 19.56 20.64
CA MET K 290 37.95 19.31 21.46
C MET K 290 37.66 17.83 21.67
N PRO K 291 37.17 17.48 22.87
CA PRO K 291 36.62 16.14 23.04
C PRO K 291 35.26 16.06 22.34
N ALA K 292 34.80 14.83 22.04
CA ALA K 292 33.51 14.65 21.38
C ALA K 292 32.39 15.21 22.25
N SER K 293 32.49 14.97 23.56
CA SER K 293 31.49 15.44 24.53
C SER K 293 31.26 16.96 24.49
N THR K 294 32.27 17.69 23.99
CA THR K 294 32.13 19.12 23.73
C THR K 294 31.43 19.33 22.37
N ILE K 295 32.02 18.74 21.31
CA ILE K 295 31.48 18.83 19.95
C ILE K 295 29.98 18.47 19.86
N GLN K 296 29.57 17.50 20.67
CA GLN K 296 28.18 17.08 20.74
C GLN K 296 27.25 18.17 21.26
N VAL K 297 27.77 19.12 22.02
CA VAL K 297 26.91 20.13 22.67
C VAL K 297 27.09 21.57 22.20
N LEU K 298 28.14 21.84 21.40
CA LEU K 298 28.39 23.17 20.82
C LEU K 298 27.11 23.75 20.23
N GLY K 299 26.87 25.04 20.47
CA GLY K 299 25.51 25.58 20.45
C GLY K 299 24.98 25.23 21.82
N ALA K 300 23.68 25.27 22.05
CA ALA K 300 23.13 24.72 23.30
C ALA K 300 23.89 25.09 24.58
N GLU K 301 24.57 26.23 24.60
CA GLU K 301 25.36 26.63 25.76
C GLU K 301 24.48 27.04 26.94
N LYS K 302 23.37 27.70 26.63
CA LYS K 302 22.38 28.04 27.65
C LYS K 302 21.91 26.77 28.35
N ALA K 303 21.65 25.73 27.57
CA ALA K 303 21.19 24.46 28.07
C ALA K 303 22.25 23.75 28.89
N LEU K 304 23.51 23.86 28.47
CA LEU K 304 24.60 23.15 29.12
C LEU K 304 24.88 23.73 30.50
N PHE K 305 25.10 25.04 30.55
CA PHE K 305 25.44 25.70 31.80
C PHE K 305 24.27 25.76 32.78
N ARG K 306 23.04 25.58 32.29
CA ARG K 306 21.90 25.42 33.17
C ARG K 306 22.02 24.08 33.89
N ALA K 307 22.39 23.06 33.13
CA ALA K 307 22.56 21.72 33.66
C ALA K 307 23.74 21.61 34.61
N LEU K 308 24.84 22.28 34.27
CA LEU K 308 26.05 22.23 35.10
C LEU K 308 25.91 23.01 36.41
N ARG K 309 25.10 24.07 36.40
CA ARG K 309 24.88 24.90 37.59
C ARG K 309 23.96 24.26 38.63
N SER K 310 22.99 23.48 38.15
CA SER K 310 21.95 22.92 39.02
C SER K 310 21.99 21.39 39.15
N GLY K 311 22.83 20.73 38.36
CA GLY K 311 22.89 19.26 38.34
C GLY K 311 21.70 18.60 37.66
N GLY K 312 21.08 19.34 36.73
CA GLY K 312 19.92 18.86 35.98
C GLY K 312 20.32 18.11 34.71
N ARG K 313 19.34 17.94 33.83
CA ARG K 313 19.53 17.17 32.60
C ARG K 313 20.26 18.01 31.54
N PRO K 314 21.37 17.47 31.00
CA PRO K 314 22.13 18.13 29.95
C PRO K 314 21.49 18.01 28.57
N PRO K 315 21.86 18.91 27.63
CA PRO K 315 21.46 18.72 26.24
C PRO K 315 22.06 17.44 25.64
N LYS K 316 21.29 16.74 24.82
CA LYS K 316 21.80 15.58 24.06
C LYS K 316 22.64 16.01 22.87
N HIS K 317 22.37 17.23 22.38
CA HIS K 317 22.89 17.72 21.12
C HIS K 317 22.83 19.23 21.10
N GLY K 318 23.79 19.84 20.40
CA GLY K 318 23.80 21.28 20.19
C GLY K 318 23.43 21.60 18.77
N ILE K 319 24.33 22.26 18.06
CA ILE K 319 24.12 22.60 16.65
C ILE K 319 24.11 21.34 15.78
N ILE K 320 24.58 20.23 16.36
CA ILE K 320 24.58 18.92 15.73
C ILE K 320 23.16 18.40 15.42
N PHE K 321 22.16 18.95 16.11
CA PHE K 321 20.76 18.64 15.85
C PHE K 321 20.37 18.71 14.37
N GLN K 322 21.01 19.63 13.64
CA GLN K 322 20.72 19.87 12.23
C GLN K 322 21.08 18.68 11.30
N TYR K 323 21.88 17.74 11.80
CA TYR K 323 22.19 16.50 11.08
C TYR K 323 20.93 15.66 10.88
N PRO K 324 20.56 15.41 9.60
CA PRO K 324 19.31 14.73 9.24
C PRO K 324 18.97 13.56 10.16
N ALA K 325 19.92 12.65 10.36
CA ALA K 325 19.70 11.45 11.17
C ALA K 325 19.23 11.76 12.61
N ILE K 326 19.46 12.96 13.11
CA ILE K 326 19.04 13.30 14.47
C ILE K 326 17.60 13.83 14.57
N HIS K 327 17.32 14.98 13.95
CA HIS K 327 16.02 15.61 14.13
C HIS K 327 14.84 14.80 13.60
N THR K 328 15.11 13.92 12.62
CA THR K 328 14.08 13.05 12.05
C THR K 328 13.80 11.84 12.93
N SER K 329 14.83 11.35 13.61
CA SER K 329 14.72 10.19 14.51
C SER K 329 13.92 10.51 15.79
N PRO K 330 13.21 9.49 16.32
CA PRO K 330 12.51 9.60 17.60
C PRO K 330 13.42 10.02 18.76
N ARG K 331 12.83 10.66 19.78
CA ARG K 331 13.58 11.36 20.85
C ARG K 331 14.58 10.48 21.62
N TRP K 332 14.23 9.20 21.84
CA TRP K 332 15.10 8.28 22.59
C TRP K 332 16.34 7.82 21.81
N GLN K 333 16.28 7.94 20.48
CA GLN K 333 17.39 7.54 19.61
C GLN K 333 18.42 8.64 19.46
N ARG K 334 17.97 9.89 19.56
CA ARG K 334 18.77 11.08 19.26
C ARG K 334 20.09 11.14 20.03
N GLY K 335 20.00 10.90 21.34
CA GLY K 335 21.17 10.94 22.21
C GLY K 335 22.29 10.06 21.72
N LYS K 336 21.95 8.83 21.30
CA LYS K 336 22.93 7.86 20.83
C LYS K 336 23.53 8.24 19.47
N ILE K 337 22.71 8.78 18.58
CA ILE K 337 23.17 9.21 17.27
C ILE K 337 24.10 10.42 17.41
N ALA K 338 23.68 11.38 18.23
CA ALA K 338 24.49 12.56 18.54
C ALA K 338 25.84 12.14 19.10
N ARG K 339 25.82 11.23 20.07
CA ARG K 339 27.03 10.75 20.73
C ARG K 339 27.97 10.07 19.74
N ALA K 340 27.41 9.31 18.80
CA ALA K 340 28.19 8.60 17.77
C ALA K 340 28.70 9.55 16.71
N LEU K 341 27.92 10.58 16.39
CA LEU K 341 28.33 11.58 15.42
C LEU K 341 29.50 12.40 15.95
N ALA K 342 29.33 12.98 17.14
CA ALA K 342 30.35 13.78 17.81
C ALA K 342 31.67 13.04 17.86
N ALA K 343 31.62 11.77 18.24
CA ALA K 343 32.79 10.91 18.32
C ALA K 343 33.56 10.87 17.01
N LYS K 344 32.84 10.64 15.92
CA LYS K 344 33.44 10.58 14.59
C LYS K 344 33.91 11.97 14.15
N LEU K 345 33.13 12.98 14.50
CA LEU K 345 33.45 14.36 14.17
C LEU K 345 34.79 14.80 14.76
N ALA K 346 35.02 14.44 16.03
CA ALA K 346 36.29 14.70 16.70
C ALA K 346 37.45 14.06 15.94
N ILE K 347 37.24 12.84 15.45
CA ILE K 347 38.24 12.15 14.63
C ILE K 347 38.43 12.86 13.29
N ALA K 348 37.32 13.21 12.64
CA ALA K 348 37.36 13.94 11.38
C ALA K 348 38.14 15.26 11.52
N ALA K 349 37.80 16.02 12.56
CA ALA K 349 38.44 17.30 12.82
C ALA K 349 39.94 17.13 12.93
N ARG K 350 40.35 16.05 13.62
CA ARG K 350 41.76 15.83 13.91
C ARG K 350 42.56 15.40 12.71
N VAL K 351 41.99 14.53 11.87
CA VAL K 351 42.66 14.18 10.63
C VAL K 351 42.68 15.40 9.68
N ASP K 352 41.64 16.23 9.77
CA ASP K 352 41.58 17.46 8.99
C ASP K 352 42.59 18.51 9.44
N ALA K 353 42.72 18.68 10.76
CA ALA K 353 43.56 19.73 11.32
C ALA K 353 45.05 19.41 11.18
N PHE K 354 45.38 18.13 11.31
CA PHE K 354 46.77 17.73 11.25
C PHE K 354 47.13 17.00 9.96
N SER K 355 47.15 17.78 8.88
CA SER K 355 47.79 17.43 7.60
C SER K 355 47.11 16.31 6.80
N GLY K 356 46.25 15.55 7.46
CA GLY K 356 45.70 14.32 6.89
C GLY K 356 45.06 14.39 5.51
N ARG K 357 45.07 13.23 4.84
CA ARG K 357 44.42 13.05 3.54
C ARG K 357 43.01 12.44 3.76
N PHE K 358 42.15 12.54 2.74
CA PHE K 358 40.72 12.15 2.81
C PHE K 358 40.45 10.68 3.23
N ILE K 359 39.83 10.53 4.40
CA ILE K 359 39.38 9.21 4.91
C ILE K 359 37.89 9.25 5.33
N GLY K 360 37.15 10.18 4.74
CA GLY K 360 35.75 10.41 5.10
C GLY K 360 34.75 9.34 4.64
N ASP K 361 35.21 8.45 3.77
CA ASP K 361 34.37 7.37 3.27
C ASP K 361 34.16 6.27 4.32
N GLN K 362 35.25 5.81 4.92
CA GLN K 362 35.17 4.81 5.98
C GLN K 362 34.50 5.38 7.22
N LEU K 363 34.75 6.65 7.48
CA LEU K 363 34.12 7.36 8.59
C LEU K 363 32.59 7.40 8.46
N ASN K 364 32.11 7.70 7.26
CA ASN K 364 30.68 7.67 6.96
C ASN K 364 30.11 6.26 7.10
N GLU K 365 30.85 5.30 6.56
CA GLU K 365 30.47 3.90 6.60
C GLU K 365 30.38 3.40 8.04
N GLN K 366 31.39 3.75 8.83
CA GLN K 366 31.42 3.40 10.25
C GLN K 366 30.22 4.00 10.98
N LEU K 367 29.92 5.26 10.66
CA LEU K 367 28.81 5.98 11.29
C LEU K 367 27.47 5.37 10.92
N LYS K 368 27.27 5.09 9.63
CA LYS K 368 26.01 4.52 9.14
C LYS K 368 25.74 3.12 9.68
N LYS K 369 26.81 2.35 9.92
CA LYS K 369 26.69 1.08 10.61
C LYS K 369 26.14 1.31 12.01
N ARG K 370 26.77 2.24 12.74
CA ARG K 370 26.37 2.55 14.11
C ARG K 370 24.93 3.04 14.17
N ILE K 371 24.50 3.77 13.15
CA ILE K 371 23.13 4.27 13.09
C ILE K 371 22.13 3.14 12.81
N ASP K 372 22.48 2.25 11.88
CA ASP K 372 21.63 1.11 11.52
C ASP K 372 21.34 0.19 12.71
N GLU K 373 22.34 0.00 13.57
CA GLU K 373 22.20 -0.80 14.79
C GLU K 373 21.29 -0.11 15.80
N ILE K 374 21.46 1.20 15.95
CA ILE K 374 20.64 2.00 16.85
C ILE K 374 19.16 1.89 16.47
N LYS K 375 18.89 1.89 15.18
CA LYS K 375 17.52 1.91 14.69
C LYS K 375 16.80 0.56 14.77
N GLU K 376 17.57 -0.51 14.97
CA GLU K 376 16.98 -1.86 15.09
C GLU K 376 16.76 -2.26 16.55
N LYS K 377 15.89 -1.51 17.22
CA LYS K 377 15.46 -1.75 18.61
C LYS K 377 14.10 -1.12 18.90
N ALA L 7 56.21 6.75 13.45
CA ALA L 7 55.05 7.68 13.62
C ALA L 7 55.53 9.10 13.87
N SER L 8 54.70 10.08 13.49
CA SER L 8 55.10 11.50 13.52
C SER L 8 54.55 12.32 14.70
N TYR L 9 53.56 11.79 15.42
CA TYR L 9 53.05 12.44 16.63
C TYR L 9 53.85 12.02 17.86
N VAL L 10 54.78 11.09 17.68
CA VAL L 10 55.71 10.67 18.73
C VAL L 10 56.90 11.63 18.75
N LYS L 11 57.01 12.40 19.82
CA LYS L 11 58.02 13.46 19.95
C LYS L 11 59.42 12.98 20.32
N PHE L 12 59.50 12.01 21.21
CA PHE L 12 60.79 11.47 21.67
C PHE L 12 60.82 9.92 21.74
N GLU L 13 61.99 9.38 22.00
CA GLU L 13 62.18 7.92 22.03
C GLU L 13 62.10 7.34 23.45
N VAL L 14 61.24 6.34 23.62
CA VAL L 14 61.06 5.66 24.89
C VAL L 14 61.62 4.23 24.84
N PRO L 15 62.69 3.95 25.61
CA PRO L 15 63.22 2.58 25.71
C PRO L 15 62.26 1.65 26.46
N GLN L 16 62.20 0.38 26.04
CA GLN L 16 61.20 -0.58 26.54
C GLN L 16 61.13 -0.77 28.06
N ASP L 17 62.26 -0.55 28.75
CA ASP L 17 62.32 -0.64 30.22
C ASP L 17 61.36 0.39 30.83
N LEU L 18 61.43 1.61 30.32
CA LEU L 18 60.57 2.71 30.75
C LEU L 18 59.11 2.44 30.39
N ALA L 19 58.89 1.95 29.17
CA ALA L 19 57.55 1.61 28.66
C ALA L 19 56.84 0.58 29.53
N ASP L 20 57.62 -0.35 30.08
CA ASP L 20 57.10 -1.34 31.03
C ASP L 20 56.86 -0.74 32.41
N LYS L 21 57.72 0.21 32.80
CA LYS L 21 57.58 0.91 34.07
C LYS L 21 56.37 1.85 34.04
N VAL L 22 56.02 2.31 32.85
CA VAL L 22 54.81 3.10 32.63
C VAL L 22 53.55 2.24 32.79
N LEU L 23 53.48 1.15 32.02
CA LEU L 23 52.34 0.22 32.10
C LEU L 23 52.09 -0.24 33.54
N GLU L 24 53.17 -0.53 34.27
CA GLU L 24 53.12 -0.89 35.69
C GLU L 24 52.52 0.23 36.55
N ALA L 25 52.99 1.45 36.32
CA ALA L 25 52.53 2.62 37.06
C ALA L 25 51.02 2.83 36.88
N VAL L 26 50.52 2.52 35.69
CA VAL L 26 49.10 2.66 35.39
C VAL L 26 48.28 1.64 36.19
N ARG L 27 48.75 0.39 36.22
CA ARG L 27 48.03 -0.71 36.91
C ARG L 27 47.85 -0.44 38.40
N LYS L 28 48.91 0.00 39.05
CA LYS L 28 48.89 0.34 40.47
C LYS L 28 47.99 1.55 40.74
N ALA L 29 47.83 2.39 39.72
CA ALA L 29 46.96 3.56 39.79
C ALA L 29 45.47 3.22 39.62
N LYS L 30 45.18 2.11 38.94
CA LYS L 30 43.81 1.59 38.89
C LYS L 30 43.42 1.12 40.26
N GLU L 31 44.32 0.37 40.89
CA GLU L 31 44.09 -0.27 42.18
C GLU L 31 43.96 0.74 43.33
N SER L 32 44.96 1.61 43.44
CA SER L 32 45.10 2.47 44.63
C SER L 32 44.76 3.95 44.40
N GLY L 33 44.73 4.38 43.14
CA GLY L 33 44.42 5.78 42.81
C GLY L 33 43.27 5.95 41.84
N LYS L 34 43.31 7.04 41.06
CA LYS L 34 42.30 7.35 40.06
C LYS L 34 42.94 7.61 38.70
N ILE L 35 42.52 6.82 37.70
CA ILE L 35 42.98 7.02 36.32
C ILE L 35 41.83 7.40 35.40
N LYS L 36 42.16 7.89 34.21
CA LYS L 36 41.19 8.11 33.13
C LYS L 36 41.64 7.35 31.89
N LYS L 37 40.70 6.63 31.27
CA LYS L 37 41.00 5.79 30.13
C LYS L 37 40.19 6.23 28.91
N GLY L 38 40.87 6.36 27.78
CA GLY L 38 40.24 6.79 26.54
C GLY L 38 40.65 8.20 26.16
N THR L 39 40.79 8.44 24.86
CA THR L 39 41.31 9.70 24.35
C THR L 39 40.48 10.90 24.76
N ASN L 40 39.16 10.80 24.64
CA ASN L 40 38.27 11.89 25.03
C ASN L 40 38.33 12.21 26.53
N GLU L 41 38.40 11.18 27.36
CA GLU L 41 38.51 11.35 28.81
C GLU L 41 39.89 11.86 29.23
N THR L 42 40.92 11.43 28.48
CA THR L 42 42.27 11.93 28.67
C THR L 42 42.31 13.42 28.34
N THR L 43 41.65 13.79 27.24
CA THR L 43 41.58 15.17 26.79
C THR L 43 40.99 16.10 27.85
N LYS L 44 39.82 15.73 28.38
CA LYS L 44 39.16 16.52 29.42
C LYS L 44 39.99 16.61 30.70
N ALA L 45 40.79 15.57 30.96
CA ALA L 45 41.69 15.54 32.12
C ALA L 45 42.81 16.58 31.97
N VAL L 46 43.29 16.76 30.75
CA VAL L 46 44.34 17.72 30.46
C VAL L 46 43.73 19.12 30.51
N GLU L 47 42.60 19.28 29.81
CA GLU L 47 41.88 20.56 29.72
C GLU L 47 41.52 21.10 31.11
N ARG L 48 41.24 20.18 32.04
CA ARG L 48 40.90 20.55 33.42
C ARG L 48 42.10 20.59 34.36
N GLY L 49 43.26 20.15 33.86
CA GLY L 49 44.50 20.18 34.64
C GLY L 49 44.53 19.23 35.83
N GLN L 50 43.82 18.12 35.70
CA GLN L 50 43.75 17.10 36.76
C GLN L 50 44.86 16.05 36.66
N ALA L 51 45.26 15.75 35.42
CA ALA L 51 46.25 14.71 35.14
C ALA L 51 47.68 15.08 35.57
N LYS L 52 48.41 14.10 36.07
CA LYS L 52 49.81 14.28 36.46
C LYS L 52 50.71 13.69 35.39
N LEU L 53 50.25 12.61 34.77
CA LEU L 53 50.97 11.97 33.69
C LEU L 53 49.99 11.51 32.61
N VAL L 54 50.36 11.73 31.36
CA VAL L 54 49.55 11.29 30.21
C VAL L 54 50.30 10.22 29.41
N ILE L 55 49.61 9.13 29.12
CA ILE L 55 50.20 8.00 28.40
C ILE L 55 49.55 7.88 27.02
N ILE L 56 50.37 7.90 25.97
CA ILE L 56 49.88 7.85 24.61
C ILE L 56 50.48 6.64 23.87
N ALA L 57 49.65 5.87 23.18
CA ALA L 57 50.11 4.72 22.42
C ALA L 57 50.71 5.13 21.06
N GLU L 58 51.63 4.30 20.56
CA GLU L 58 52.38 4.59 19.33
C GLU L 58 51.78 3.96 18.07
N ASP L 59 50.76 3.14 18.24
CA ASP L 59 50.15 2.40 17.12
C ASP L 59 48.69 2.77 16.85
N VAL L 60 48.34 4.04 17.08
CA VAL L 60 46.98 4.53 16.85
C VAL L 60 46.71 4.60 15.33
N GLN L 61 45.55 4.11 14.90
CA GLN L 61 45.35 3.86 13.47
C GLN L 61 44.36 4.67 12.63
N PRO L 62 44.17 5.94 13.02
CA PRO L 62 44.56 7.11 12.25
C PRO L 62 45.44 7.92 13.22
N GLU L 63 46.70 8.16 12.84
CA GLU L 63 47.67 8.83 13.74
C GLU L 63 47.11 10.05 14.44
N GLU L 64 46.24 10.77 13.73
CA GLU L 64 45.76 12.08 14.14
C GLU L 64 44.78 12.08 15.31
N ILE L 65 44.33 10.91 15.72
CA ILE L 65 43.37 10.76 16.82
C ILE L 65 43.92 11.31 18.14
N VAL L 66 45.22 11.16 18.35
CA VAL L 66 45.87 11.58 19.59
C VAL L 66 46.85 12.75 19.39
N ALA L 67 47.05 13.15 18.14
CA ALA L 67 48.05 14.16 17.75
C ALA L 67 47.94 15.49 18.51
N HIS L 68 46.74 15.79 19.00
CA HIS L 68 46.48 17.05 19.69
C HIS L 68 47.00 17.05 21.13
N LEU L 69 47.23 15.86 21.68
CA LEU L 69 47.67 15.71 23.08
C LEU L 69 49.05 16.30 23.40
N PRO L 70 50.08 16.04 22.56
CA PRO L 70 51.34 16.73 22.83
C PRO L 70 51.15 18.24 22.94
N LEU L 71 50.50 18.85 21.94
CA LEU L 71 50.21 20.29 21.93
C LEU L 71 49.45 20.75 23.17
N LEU L 72 48.44 19.97 23.58
CA LEU L 72 47.58 20.33 24.70
C LEU L 72 48.30 20.19 26.03
N CYS L 73 49.09 19.13 26.15
CA CYS L 73 49.82 18.84 27.37
C CYS L 73 50.89 19.89 27.65
N ASP L 74 51.47 20.44 26.58
CA ASP L 74 52.51 21.45 26.70
C ASP L 74 51.98 22.80 27.14
N GLU L 75 50.75 23.12 26.73
CA GLU L 75 50.06 24.35 27.14
C GLU L 75 49.76 24.32 28.63
N LYS L 76 49.34 23.15 29.12
CA LYS L 76 48.98 22.96 30.52
C LYS L 76 50.15 22.41 31.34
N LYS L 77 51.28 22.19 30.65
CA LYS L 77 52.54 21.72 31.24
C LYS L 77 52.41 20.39 32.00
N ILE L 78 51.66 19.47 31.42
CA ILE L 78 51.49 18.11 31.96
C ILE L 78 52.37 17.15 31.14
N PRO L 79 53.25 16.41 31.81
CA PRO L 79 54.16 15.53 31.08
C PRO L 79 53.44 14.35 30.45
N TYR L 80 53.93 13.91 29.30
CA TYR L 80 53.36 12.78 28.58
C TYR L 80 54.42 11.75 28.19
N VAL L 81 53.98 10.50 28.03
CA VAL L 81 54.85 9.36 27.73
C VAL L 81 54.19 8.43 26.70
N TYR L 82 55.02 7.68 25.99
CA TYR L 82 54.53 6.74 24.99
C TYR L 82 54.70 5.29 25.43
N VAL L 83 53.77 4.44 25.01
CA VAL L 83 53.93 2.98 25.06
C VAL L 83 53.78 2.48 23.62
N SER L 84 54.25 1.27 23.33
CA SER L 84 54.26 0.76 21.95
C SER L 84 52.95 0.14 21.47
N SER L 85 52.23 -0.52 22.38
CA SER L 85 50.98 -1.20 22.03
C SER L 85 49.75 -0.57 22.70
N LYS L 86 48.71 -0.32 21.91
CA LYS L 86 47.46 0.24 22.41
C LYS L 86 46.63 -0.83 23.14
N LYS L 87 46.71 -2.06 22.64
CA LYS L 87 46.07 -3.21 23.24
C LYS L 87 46.67 -3.45 24.63
N ALA L 88 47.98 -3.29 24.74
CA ALA L 88 48.71 -3.46 26.00
C ALA L 88 48.31 -2.41 27.04
N LEU L 89 48.11 -1.17 26.57
CA LEU L 89 47.75 -0.07 27.47
C LEU L 89 46.32 -0.19 27.97
N GLY L 90 45.42 -0.59 27.08
CA GLY L 90 44.02 -0.81 27.43
C GLY L 90 43.84 -2.00 28.38
N GLU L 91 44.57 -3.07 28.08
CA GLU L 91 44.53 -4.29 28.92
C GLU L 91 45.22 -4.08 30.26
N ALA L 92 46.14 -3.12 30.31
CA ALA L 92 46.65 -2.62 31.58
C ALA L 92 45.52 -1.91 32.31
N CYS L 93 44.85 -0.99 31.61
CA CYS L 93 43.81 -0.11 32.18
C CYS L 93 42.63 -0.80 32.87
N GLY L 94 42.57 -2.12 32.79
CA GLY L 94 41.48 -2.88 33.37
C GLY L 94 40.37 -3.09 32.37
N LEU L 95 40.73 -2.95 31.09
CA LEU L 95 39.79 -3.18 29.99
C LEU L 95 40.23 -4.40 29.19
N GLN L 96 39.29 -5.02 28.50
CA GLN L 96 39.60 -6.14 27.62
C GLN L 96 39.67 -5.72 26.16
N VAL L 97 39.52 -4.41 25.93
CA VAL L 97 39.70 -3.82 24.59
C VAL L 97 40.86 -2.83 24.65
N ALA L 98 41.35 -2.41 23.49
CA ALA L 98 42.47 -1.47 23.39
C ALA L 98 42.13 -0.07 23.92
N THR L 99 43.17 0.75 24.14
CA THR L 99 43.00 2.19 24.38
C THR L 99 44.13 2.99 23.73
N ALA L 100 43.76 4.10 23.08
CA ALA L 100 44.73 4.93 22.37
C ALA L 100 45.53 5.84 23.30
N SER L 101 44.91 6.28 24.40
CA SER L 101 45.58 7.14 25.39
C SER L 101 44.92 7.06 26.75
N ALA L 102 45.70 7.38 27.78
CA ALA L 102 45.24 7.34 29.17
C ALA L 102 45.93 8.42 30.00
N ALA L 103 45.40 8.66 31.20
CA ALA L 103 45.91 9.68 32.09
C ALA L 103 45.86 9.21 33.54
N ILE L 104 46.88 9.54 34.31
CA ILE L 104 46.86 9.29 35.75
C ILE L 104 46.53 10.59 36.46
N LEU L 105 45.45 10.56 37.24
CA LEU L 105 44.97 11.73 37.96
C LEU L 105 45.51 11.78 39.39
N GLU L 106 45.48 10.62 40.03
CA GLU L 106 46.09 10.44 41.35
C GLU L 106 46.89 9.14 41.36
N PRO L 107 48.20 9.23 41.67
CA PRO L 107 49.08 8.08 41.54
C PRO L 107 48.82 7.02 42.61
N GLY L 108 48.45 7.46 43.80
CA GLY L 108 48.26 6.59 44.95
C GLY L 108 49.55 5.84 45.26
N GLU L 109 49.48 4.52 45.24
CA GLU L 109 50.64 3.66 45.48
C GLU L 109 51.50 3.48 44.22
N ALA L 110 51.71 4.58 43.51
CA ALA L 110 52.58 4.62 42.35
C ALA L 110 53.36 5.94 42.32
N LYS L 111 53.17 6.76 43.35
CA LYS L 111 53.81 8.08 43.45
C LYS L 111 55.29 8.05 43.15
N ASP L 112 56.01 7.16 43.84
CA ASP L 112 57.45 7.00 43.65
C ASP L 112 57.77 6.50 42.24
N LEU L 113 56.94 5.58 41.74
CA LEU L 113 57.12 5.01 40.41
C LEU L 113 56.87 6.05 39.30
N VAL L 114 55.85 6.91 39.50
CA VAL L 114 55.52 7.98 38.56
C VAL L 114 56.59 9.06 38.54
N ASP L 115 57.01 9.49 39.72
CA ASP L 115 58.01 10.55 39.87
C ASP L 115 59.33 10.20 39.19
N GLU L 116 59.66 8.91 39.15
CA GLU L 116 60.83 8.45 38.42
C GLU L 116 60.62 8.54 36.91
N ILE L 117 59.39 8.27 36.47
CA ILE L 117 59.04 8.34 35.05
C ILE L 117 59.06 9.78 34.55
N ILE L 118 58.37 10.68 35.26
CA ILE L 118 58.32 12.11 34.86
C ILE L 118 59.70 12.79 34.93
N LYS L 119 60.68 12.11 35.52
CA LYS L 119 62.04 12.62 35.58
C LYS L 119 63.00 11.93 34.60
N ARG L 120 62.70 10.70 34.20
CA ARG L 120 63.43 10.04 33.12
C ARG L 120 63.08 10.60 31.75
N VAL L 121 61.81 10.98 31.56
CA VAL L 121 61.38 11.59 30.30
C VAL L 121 61.86 13.02 30.17
N ASN L 122 62.18 13.65 31.31
CA ASN L 122 62.82 14.95 31.35
C ASN L 122 64.27 14.89 30.86
N GLU L 123 64.98 13.86 31.28
CA GLU L 123 66.40 13.68 30.91
C GLU L 123 66.54 13.36 29.42
N ILE L 124 65.75 12.40 28.93
CA ILE L 124 65.78 12.04 27.51
C ILE L 124 64.95 13.01 26.66
N LYS L 125 64.78 14.21 27.21
CA LYS L 125 64.09 15.31 26.55
C LYS L 125 65.01 16.54 26.52
N GLY L 126 65.99 16.56 27.42
CA GLY L 126 66.90 17.68 27.61
C GLY L 126 67.06 18.00 29.08
N LYS L 127 66.64 19.21 29.47
CA LYS L 127 66.48 19.64 30.88
C LYS L 127 67.75 19.84 31.73
N THR L 128 67.75 19.29 32.94
CA THR L 128 68.67 19.65 34.04
C THR L 128 68.35 21.05 34.59
N ILE M 5 35.98 73.51 37.13
CA ILE M 5 37.03 72.47 36.93
C ILE M 5 38.26 72.75 37.81
N THR M 6 38.91 71.68 38.29
CA THR M 6 40.19 71.75 38.99
C THR M 6 40.88 70.39 38.92
N VAL M 7 42.17 70.37 38.62
CA VAL M 7 42.94 69.12 38.57
C VAL M 7 44.07 69.17 39.59
N LYS M 8 44.21 68.09 40.36
CA LYS M 8 45.27 67.99 41.36
C LYS M 8 45.82 66.58 41.55
N GLN M 9 47.09 66.50 41.93
CA GLN M 9 47.83 65.26 42.20
C GLN M 9 47.15 64.43 43.28
N THR M 10 47.37 63.12 43.26
CA THR M 10 46.92 62.22 44.32
C THR M 10 48.14 61.57 44.98
N ASN M 11 47.89 60.72 45.99
CA ASN M 11 48.95 60.02 46.74
C ASN M 11 49.90 59.24 45.84
N MET M 12 49.43 58.94 44.63
CA MET M 12 50.18 58.17 43.65
C MET M 12 50.68 59.05 42.52
N GLU M 13 51.92 58.82 42.10
CA GLU M 13 52.56 59.54 41.01
C GLU M 13 51.73 59.56 39.72
N ASN M 14 51.75 60.71 39.05
CA ASN M 14 51.08 60.90 37.75
C ASN M 14 49.63 60.39 37.67
N ILE M 15 48.94 60.42 38.81
CA ILE M 15 47.52 60.06 38.88
C ILE M 15 46.77 61.19 39.58
N TYR M 16 45.75 61.72 38.91
CA TYR M 16 45.10 62.97 39.32
C TYR M 16 43.58 62.82 39.45
N GLU M 17 42.96 63.67 40.27
CA GLU M 17 41.50 63.76 40.39
C GLU M 17 40.98 65.12 39.90
N CYS M 18 39.77 65.13 39.36
CA CYS M 18 39.12 66.37 38.91
C CYS M 18 37.94 66.78 39.78
N GLU M 19 37.89 68.08 40.10
CA GLU M 19 36.65 68.73 40.50
C GLU M 19 36.00 69.14 39.19
N PHE M 20 34.68 68.98 39.09
CA PHE M 20 33.98 69.24 37.84
C PHE M 20 32.94 70.37 37.90
N ASN M 21 32.59 70.89 36.71
CA ASN M 21 31.59 71.96 36.55
C ASN M 21 30.34 71.75 37.42
N ASP M 22 30.05 70.49 37.72
CA ASP M 22 28.86 70.10 38.49
C ASP M 22 29.19 69.63 39.91
N GLY M 23 30.39 69.10 40.11
CA GLY M 23 30.82 68.64 41.44
C GLY M 23 31.07 67.15 41.56
N SER M 24 31.49 66.51 40.48
CA SER M 24 31.88 65.10 40.49
C SER M 24 33.39 64.97 40.51
N PHE M 25 33.89 63.83 40.95
CA PHE M 25 35.32 63.57 41.01
C PHE M 25 35.67 62.37 40.15
N ARG M 26 36.46 62.57 39.11
CA ARG M 26 36.87 61.45 38.26
C ARG M 26 38.37 61.35 38.07
N LEU M 27 38.88 60.11 38.10
CA LEU M 27 40.31 59.84 37.88
C LEU M 27 40.75 60.21 36.47
N CYS M 28 42.02 60.57 36.33
CA CYS M 28 42.61 60.87 35.04
C CYS M 28 44.12 60.74 35.08
N THR M 29 44.74 60.64 33.91
CA THR M 29 46.19 60.56 33.81
C THR M 29 46.75 61.62 32.87
N ARG M 30 48.04 61.89 33.00
CA ARG M 30 48.70 62.89 32.18
C ARG M 30 48.92 62.34 30.78
N ASN M 31 48.27 62.97 29.79
CA ASN M 31 48.28 62.49 28.42
C ASN M 31 49.66 62.58 27.76
N LEU M 32 50.23 61.41 27.50
CA LEU M 32 51.54 61.27 26.86
C LEU M 32 51.53 61.73 25.39
N VAL M 33 50.39 61.54 24.72
CA VAL M 33 50.23 62.00 23.34
C VAL M 33 49.03 62.94 23.28
N PRO M 34 49.26 64.25 23.60
CA PRO M 34 48.17 65.24 23.66
C PRO M 34 47.38 65.37 22.35
N ASN M 35 46.08 65.66 22.50
CA ASN M 35 45.10 65.72 21.40
C ASN M 35 44.55 64.37 20.93
N PHE M 36 45.04 63.28 21.52
CA PHE M 36 44.70 61.92 21.07
C PHE M 36 44.25 60.99 22.20
N ASN M 37 43.08 60.38 21.98
CA ASN M 37 42.46 59.45 22.93
C ASN M 37 42.43 58.03 22.37
N VAL M 38 42.50 57.03 23.26
CA VAL M 38 42.52 55.64 22.79
C VAL M 38 41.11 55.04 22.63
N TYR M 39 40.30 55.01 23.69
CA TYR M 39 38.88 54.71 23.55
C TYR M 39 38.10 56.02 23.37
N GLY M 40 36.91 56.12 23.94
CA GLY M 40 36.13 57.35 23.79
C GLY M 40 36.36 58.44 24.83
N GLU M 41 37.35 58.25 25.70
CA GLU M 41 37.54 59.06 26.92
C GLU M 41 37.68 60.57 26.70
N ARG M 42 37.28 61.31 27.73
CA ARG M 42 37.28 62.76 27.73
C ARG M 42 38.69 63.31 27.89
N LEU M 43 39.05 64.26 27.02
CA LEU M 43 40.32 64.99 27.13
C LEU M 43 40.10 66.31 27.85
N ILE M 44 40.90 66.57 28.87
CA ILE M 44 40.74 67.78 29.67
C ILE M 44 42.02 68.62 29.83
N LYS M 45 41.91 69.88 29.42
CA LYS M 45 42.99 70.85 29.59
C LYS M 45 42.80 71.64 30.88
N TYR M 46 43.86 71.70 31.69
CA TYR M 46 43.88 72.53 32.89
C TYR M 46 45.27 73.11 33.11
N GLU M 47 45.33 74.44 33.25
CA GLU M 47 46.59 75.17 33.29
C GLU M 47 47.51 74.68 32.16
N GLY M 48 46.98 74.71 30.94
CA GLY M 48 47.74 74.34 29.74
C GLY M 48 48.41 72.97 29.73
N VAL M 49 47.89 72.04 30.52
CA VAL M 49 48.35 70.64 30.50
C VAL M 49 47.16 69.70 30.29
N GLU M 50 47.33 68.69 29.44
CA GLU M 50 46.22 67.80 29.05
C GLU M 50 46.18 66.44 29.77
N TYR M 51 45.00 66.10 30.28
CA TYR M 51 44.77 64.87 31.01
C TYR M 51 43.70 64.02 30.34
N ARG M 52 43.87 62.69 30.41
CA ARG M 52 42.91 61.71 29.89
C ARG M 52 42.07 61.14 31.01
N GLU M 53 40.75 61.29 30.91
CA GLU M 53 39.83 60.79 31.93
C GLU M 53 39.87 59.25 32.03
N TRP M 54 40.07 58.75 33.25
CA TRP M 54 40.27 57.33 33.50
C TRP M 54 39.00 56.63 34.02
N ASN M 55 38.19 56.12 33.09
CA ASN M 55 36.95 55.43 33.43
C ASN M 55 37.17 54.12 34.21
N ALA M 56 36.61 54.08 35.41
CA ALA M 56 36.81 52.95 36.33
C ALA M 56 36.05 51.71 35.88
N PHE M 57 34.92 51.92 35.22
CA PHE M 57 34.07 50.83 34.73
C PHE M 57 34.72 50.00 33.62
N ARG M 58 35.69 50.59 32.92
CA ARG M 58 36.45 49.88 31.90
C ARG M 58 37.79 49.36 32.44
N SER M 59 38.52 50.23 33.15
CA SER M 59 39.85 49.88 33.61
C SER M 59 39.85 49.36 35.04
N LYS M 60 40.31 48.13 35.19
CA LYS M 60 40.37 47.47 36.50
C LYS M 60 41.32 48.19 37.44
N LEU M 61 42.42 48.69 36.91
CA LEU M 61 43.39 49.45 37.72
C LEU M 61 42.74 50.67 38.34
N ALA M 62 42.03 51.46 37.54
CA ALA M 62 41.29 52.62 38.04
C ALA M 62 40.26 52.19 39.09
N GLY M 63 39.63 51.04 38.84
CA GLY M 63 38.69 50.44 39.79
C GLY M 63 39.35 50.18 41.13
N ALA M 64 40.48 49.46 41.08
CA ALA M 64 41.23 49.09 42.28
C ALA M 64 41.65 50.32 43.08
N ILE M 65 42.00 51.39 42.37
CA ILE M 65 42.35 52.67 42.97
C ILE M 65 41.16 53.25 43.72
N LEU M 66 39.99 53.27 43.06
CA LEU M 66 38.78 53.79 43.68
C LEU M 66 38.22 52.92 44.81
N LYS M 67 38.78 51.72 44.95
CA LYS M 67 38.40 50.84 46.06
C LYS M 67 39.46 50.85 47.17
N GLY M 68 40.40 51.79 47.05
CA GLY M 68 41.40 52.04 48.07
C GLY M 68 42.59 51.13 48.01
N LEU M 69 43.31 51.15 46.89
CA LEU M 69 44.56 50.41 46.76
C LEU M 69 45.64 51.18 47.52
N LYS M 70 46.09 50.58 48.63
CA LYS M 70 47.13 51.16 49.51
C LYS M 70 48.19 51.96 48.78
N THR M 71 49.08 51.24 48.09
CA THR M 71 50.21 51.83 47.39
C THR M 71 50.29 51.24 45.99
N ASN M 72 50.38 52.10 44.98
CA ASN M 72 50.45 51.67 43.58
C ASN M 72 51.91 51.50 43.14
N PRO M 73 52.30 50.26 42.77
CA PRO M 73 53.68 49.97 42.34
C PRO M 73 53.99 50.40 40.90
N ILE M 74 52.99 50.95 40.22
CA ILE M 74 53.19 51.51 38.88
C ILE M 74 53.32 53.03 38.98
N ARG M 75 54.49 53.52 38.59
CA ARG M 75 54.81 54.94 38.73
C ARG M 75 55.72 55.43 37.61
N LYS M 76 56.27 56.64 37.74
CA LYS M 76 57.26 57.19 36.80
C LYS M 76 58.44 56.24 36.60
N GLY M 77 58.67 55.90 35.34
CA GLY M 77 59.83 55.10 34.95
C GLY M 77 59.81 53.65 35.43
N THR M 78 58.62 53.11 35.66
CA THR M 78 58.46 51.71 36.06
C THR M 78 58.47 50.82 34.82
N LYS M 79 59.06 49.64 34.95
CA LYS M 79 59.02 48.65 33.88
C LYS M 79 57.94 47.62 34.20
N VAL M 80 56.93 47.51 33.34
CA VAL M 80 55.82 46.57 33.55
C VAL M 80 55.67 45.53 32.44
N LEU M 81 55.42 44.28 32.86
CA LEU M 81 55.02 43.21 31.95
C LEU M 81 53.52 43.06 32.10
N TYR M 82 52.79 43.35 31.03
CA TYR M 82 51.35 43.40 31.06
C TYR M 82 50.78 42.20 30.30
N LEU M 83 50.34 41.18 31.03
CA LEU M 83 49.72 40.01 30.38
C LEU M 83 48.23 40.24 30.17
N GLY M 84 47.80 40.11 28.92
CA GLY M 84 46.41 40.37 28.56
C GLY M 84 46.20 41.84 28.30
N ALA M 85 46.93 42.36 27.31
CA ALA M 85 46.91 43.79 26.98
C ALA M 85 45.61 44.22 26.30
N ALA M 86 44.98 43.25 25.63
CA ALA M 86 43.71 43.43 24.92
C ALA M 86 43.72 44.58 23.90
N SER M 87 42.68 45.41 23.91
CA SER M 87 42.54 46.53 22.97
C SER M 87 43.38 47.75 23.35
N GLY M 88 43.91 47.76 24.57
CA GLY M 88 44.82 48.80 25.01
C GLY M 88 44.29 49.79 26.02
N THR M 89 43.04 49.59 26.44
CA THR M 89 42.38 50.50 27.38
C THR M 89 43.18 50.80 28.64
N THR M 90 43.45 49.77 29.44
CA THR M 90 44.16 49.98 30.69
C THR M 90 45.64 50.25 30.42
N ILE M 91 46.24 49.51 29.51
CA ILE M 91 47.68 49.65 29.24
C ILE M 91 48.08 51.06 28.80
N SER M 92 47.16 51.77 28.16
CA SER M 92 47.39 53.15 27.74
C SER M 92 47.49 54.08 28.95
N HIS M 93 46.71 53.78 29.99
CA HIS M 93 46.79 54.53 31.25
C HIS M 93 48.06 54.23 32.04
N VAL M 94 48.58 53.01 31.94
CA VAL M 94 49.87 52.71 32.58
C VAL M 94 51.01 53.28 31.74
N SER M 95 50.76 53.55 30.46
CA SER M 95 51.71 54.26 29.61
C SER M 95 51.84 55.73 30.02
N ASP M 96 50.69 56.36 30.29
CA ASP M 96 50.65 57.74 30.81
C ASP M 96 51.34 57.93 32.16
N ILE M 97 51.10 56.97 33.06
CA ILE M 97 51.68 56.97 34.40
C ILE M 97 53.17 56.74 34.36
N ILE M 98 53.60 55.79 33.52
CA ILE M 98 54.99 55.35 33.45
C ILE M 98 55.94 56.37 32.80
N GLU M 99 55.42 57.13 31.85
CA GLU M 99 56.18 58.14 31.06
C GLU M 99 57.35 57.55 30.23
N LEU M 100 57.89 58.37 29.33
CA LEU M 100 58.89 57.94 28.35
C LEU M 100 60.08 57.14 28.90
N ASN M 101 60.38 57.35 30.20
CA ASN M 101 61.44 56.62 30.92
C ASN M 101 61.16 55.12 31.01
N GLY M 102 60.00 54.79 31.59
CA GLY M 102 59.62 53.41 31.81
C GLY M 102 59.07 52.71 30.58
N LYS M 103 58.85 51.41 30.71
CA LYS M 103 58.44 50.59 29.58
C LYS M 103 57.32 49.60 29.92
N ALA M 104 56.47 49.35 28.94
CA ALA M 104 55.35 48.42 29.09
C ALA M 104 55.37 47.40 27.96
N TYR M 105 55.46 46.13 28.34
CA TYR M 105 55.42 45.03 27.37
C TYR M 105 54.04 44.35 27.40
N GLY M 106 53.25 44.60 26.35
CA GLY M 106 51.89 44.11 26.28
C GLY M 106 51.79 42.77 25.57
N VAL M 107 51.46 41.73 26.33
CA VAL M 107 51.27 40.38 25.80
C VAL M 107 49.78 40.08 25.59
N GLU M 108 49.44 39.63 24.39
CA GLU M 108 48.06 39.44 23.96
C GLU M 108 48.02 38.45 22.80
N PHE M 109 47.21 37.40 22.92
CA PHE M 109 47.24 36.30 21.93
C PHE M 109 46.06 36.24 20.95
N SER M 110 45.11 37.17 21.11
CA SER M 110 43.98 37.26 20.20
C SER M 110 44.24 38.29 19.11
N PRO M 111 44.42 37.83 17.85
CA PRO M 111 44.71 38.70 16.71
C PRO M 111 43.64 39.75 16.42
N ARG M 112 42.37 39.41 16.61
CA ARG M 112 41.26 40.32 16.33
C ARG M 112 41.35 41.59 17.16
N VAL M 113 42.14 41.52 18.22
CA VAL M 113 42.17 42.54 19.26
C VAL M 113 43.52 43.24 19.31
N VAL M 114 44.60 42.48 19.04
CA VAL M 114 45.93 43.04 18.84
C VAL M 114 45.89 44.01 17.65
N ARG M 115 44.90 43.81 16.78
CA ARG M 115 44.64 44.71 15.67
C ARG M 115 44.46 46.15 16.14
N GLU M 116 43.72 46.32 17.23
CA GLU M 116 43.46 47.64 17.78
C GLU M 116 44.53 48.07 18.78
N LEU M 117 45.26 47.11 19.32
CA LEU M 117 46.40 47.41 20.19
C LEU M 117 47.52 48.10 19.41
N LEU M 118 47.78 47.61 18.19
CA LEU M 118 48.77 48.22 17.29
C LEU M 118 48.64 49.73 17.19
N LEU M 119 47.43 50.20 16.93
CA LEU M 119 47.15 51.64 16.78
C LEU M 119 47.51 52.43 18.03
N VAL M 120 47.22 51.85 19.20
CA VAL M 120 47.59 52.45 20.47
C VAL M 120 49.12 52.49 20.63
N ALA M 121 49.77 51.37 20.27
CA ALA M 121 51.20 51.18 20.47
C ALA M 121 52.08 51.97 19.48
N GLN M 122 51.55 52.24 18.29
CA GLN M 122 52.28 53.06 17.32
C GLN M 122 52.52 54.44 17.89
N ARG M 123 51.42 55.09 18.28
CA ARG M 123 51.43 56.42 18.89
C ARG M 123 52.25 56.51 20.19
N ARG M 124 52.55 55.36 20.79
CA ARG M 124 53.17 55.35 22.13
C ARG M 124 54.46 54.54 22.21
N PRO M 125 55.62 55.24 22.31
CA PRO M 125 56.94 54.61 22.42
C PRO M 125 57.13 53.79 23.70
N ASN M 126 56.28 54.04 24.70
CA ASN M 126 56.23 53.29 25.94
C ASN M 126 55.93 51.80 25.80
N ILE M 127 55.04 51.49 24.84
CA ILE M 127 54.39 50.20 24.77
C ILE M 127 54.98 49.30 23.70
N PHE M 128 55.27 48.07 24.09
CA PHE M 128 55.87 47.09 23.19
C PHE M 128 54.94 45.90 22.98
N PRO M 129 54.10 45.98 21.93
CA PRO M 129 53.06 44.97 21.68
C PRO M 129 53.66 43.60 21.37
N LEU M 130 52.97 42.54 21.80
CA LEU M 130 53.42 41.17 21.53
C LEU M 130 52.24 40.22 21.31
N LEU M 131 52.05 39.78 20.06
CA LEU M 131 51.07 38.72 19.76
C LEU M 131 51.65 37.33 20.07
N ALA M 132 51.46 36.92 21.32
CA ALA M 132 51.94 35.64 21.79
C ALA M 132 51.06 35.13 22.91
N ASP M 133 51.18 33.83 23.20
CA ASP M 133 50.44 33.15 24.25
C ASP M 133 51.18 33.23 25.60
N ALA M 134 50.55 33.86 26.58
CA ALA M 134 51.16 34.06 27.90
C ALA M 134 51.57 32.76 28.61
N ARG M 135 51.10 31.63 28.11
CA ARG M 135 51.48 30.33 28.65
C ARG M 135 52.89 29.92 28.24
N PHE M 136 53.37 30.46 27.14
CA PHE M 136 54.74 30.21 26.70
C PHE M 136 55.56 31.50 26.73
N PRO M 137 56.12 31.86 27.90
CA PRO M 137 57.00 33.03 27.96
C PRO M 137 58.30 32.88 27.15
N GLN M 138 58.57 31.68 26.66
CA GLN M 138 59.69 31.40 25.76
C GLN M 138 59.54 32.14 24.42
N SER M 139 58.29 32.25 23.97
CA SER M 139 57.97 32.88 22.68
C SER M 139 58.05 34.42 22.70
N TYR M 140 58.41 35.01 23.84
CA TYR M 140 58.71 36.43 23.90
C TYR M 140 59.89 36.75 24.83
N LYS M 141 60.50 35.69 25.36
CA LYS M 141 61.77 35.73 26.09
C LYS M 141 62.77 36.67 25.41
N SER M 142 62.79 36.62 24.08
CA SER M 142 63.80 37.27 23.25
C SER M 142 63.49 38.73 22.91
N VAL M 143 62.49 39.31 23.56
CA VAL M 143 62.12 40.71 23.29
C VAL M 143 62.07 41.53 24.58
N VAL M 144 61.66 40.87 25.66
CA VAL M 144 61.45 41.56 26.93
C VAL M 144 62.69 41.54 27.82
N GLU M 145 62.66 42.36 28.85
CA GLU M 145 63.65 42.40 29.91
C GLU M 145 62.93 42.07 31.23
N ASN M 146 63.67 41.92 32.33
CA ASN M 146 63.01 41.76 33.62
C ASN M 146 62.30 43.05 34.05
N VAL M 147 61.30 42.93 34.91
CA VAL M 147 60.40 44.04 35.20
C VAL M 147 60.14 44.27 36.69
N ASP M 148 59.58 45.43 37.03
CA ASP M 148 59.23 45.78 38.40
C ASP M 148 57.81 45.33 38.77
N VAL M 149 56.89 45.46 37.82
CA VAL M 149 55.50 45.08 38.04
C VAL M 149 55.07 44.03 37.00
N LEU M 150 54.32 43.02 37.46
CA LEU M 150 53.68 42.01 36.60
C LEU M 150 52.17 42.16 36.67
N TYR M 151 51.61 42.96 35.79
CA TYR M 151 50.16 43.17 35.77
C TYR M 151 49.53 42.09 34.90
N VAL M 152 48.68 41.27 35.52
CA VAL M 152 48.08 40.11 34.86
C VAL M 152 46.56 40.15 34.87
N ASP M 153 45.98 40.38 33.71
CA ASP M 153 44.53 40.34 33.55
C ASP M 153 44.18 39.47 32.36
N ILE M 154 44.24 38.16 32.58
CA ILE M 154 43.92 37.20 31.52
C ILE M 154 42.75 36.29 31.86
N ALA M 155 41.84 36.14 30.92
CA ALA M 155 40.73 35.21 31.04
C ALA M 155 41.22 33.80 30.69
N GLN M 156 41.54 33.04 31.73
CA GLN M 156 41.99 31.66 31.63
C GLN M 156 41.68 30.95 32.93
N PRO M 157 41.30 29.66 32.88
CA PRO M 157 41.00 28.97 34.14
C PRO M 157 42.24 28.87 35.03
N ASP M 158 43.39 28.57 34.42
CA ASP M 158 44.65 28.41 35.12
C ASP M 158 45.45 29.71 35.17
N GLN M 159 44.74 30.84 35.23
CA GLN M 159 45.34 32.19 35.12
C GLN M 159 46.44 32.43 36.14
N THR M 160 46.20 31.95 37.36
CA THR M 160 47.14 32.15 38.45
C THR M 160 48.45 31.42 38.19
N ASP M 161 48.35 30.19 37.69
CA ASP M 161 49.53 29.39 37.34
C ASP M 161 50.33 30.04 36.20
N ILE M 162 49.63 30.56 35.19
CA ILE M 162 50.27 31.27 34.08
C ILE M 162 51.04 32.49 34.60
N ALA M 163 50.44 33.23 35.54
CA ALA M 163 51.05 34.42 36.13
C ALA M 163 52.34 34.10 36.90
N ILE M 164 52.30 33.07 37.74
CA ILE M 164 53.45 32.58 38.50
C ILE M 164 54.62 32.18 37.57
N TYR M 165 54.28 31.51 36.47
CA TYR M 165 55.25 31.04 35.49
C TYR M 165 55.96 32.21 34.83
N ASN M 166 55.21 33.23 34.43
CA ASN M 166 55.77 34.48 33.90
C ASN M 166 56.61 35.23 34.93
N ALA M 167 56.20 35.14 36.20
CA ALA M 167 56.91 35.78 37.31
C ALA M 167 58.33 35.25 37.46
N LYS M 168 58.48 33.93 37.51
CA LYS M 168 59.80 33.32 37.68
C LYS M 168 60.69 33.44 36.44
N PHE M 169 60.13 33.98 35.37
CA PHE M 169 60.90 34.34 34.19
C PHE M 169 61.34 35.80 34.23
N PHE M 170 60.39 36.69 34.52
CA PHE M 170 60.56 38.11 34.22
C PHE M 170 60.43 39.08 35.40
N LEU M 171 59.77 38.66 36.47
CA LEU M 171 59.52 39.54 37.62
C LEU M 171 60.73 39.61 38.55
N LYS M 172 61.27 40.83 38.75
CA LYS M 172 62.41 41.08 39.64
C LYS M 172 62.10 40.63 41.06
N VAL M 173 63.10 40.09 41.75
CA VAL M 173 62.94 39.74 43.16
C VAL M 173 62.59 41.03 43.90
N ASN M 174 61.57 40.96 44.77
CA ASN M 174 61.01 42.14 45.45
C ASN M 174 60.16 43.05 44.56
N GLY M 175 59.92 42.60 43.33
CA GLY M 175 58.98 43.25 42.43
C GLY M 175 57.55 42.91 42.80
N ASP M 176 56.61 43.67 42.26
CA ASP M 176 55.20 43.50 42.60
C ASP M 176 54.37 42.88 41.45
N MET M 177 53.30 42.18 41.83
CA MET M 177 52.35 41.61 40.89
C MET M 177 50.95 42.02 41.25
N LEU M 178 50.28 42.69 40.30
CA LEU M 178 48.85 42.92 40.39
C LEU M 178 48.13 41.87 39.53
N LEU M 179 47.46 40.92 40.20
CA LEU M 179 46.78 39.82 39.54
C LEU M 179 45.26 40.01 39.64
N VAL M 180 44.61 40.11 38.49
CA VAL M 180 43.15 40.19 38.43
C VAL M 180 42.58 38.77 38.46
N ILE M 181 41.80 38.45 39.49
CA ILE M 181 41.14 37.16 39.60
C ILE M 181 39.72 37.22 39.00
N LYS M 182 39.54 36.51 37.89
CA LYS M 182 38.25 36.43 37.20
C LYS M 182 37.50 35.15 37.60
N ALA M 183 36.65 35.27 38.61
CA ALA M 183 35.94 34.12 39.17
C ALA M 183 35.23 33.31 38.09
N ARG M 184 34.46 34.01 37.26
CA ARG M 184 33.57 33.38 36.28
C ARG M 184 34.29 32.73 35.09
N SER M 185 35.54 33.10 34.83
CA SER M 185 36.31 32.41 33.78
C SER M 185 37.32 31.40 34.34
N ILE M 186 37.34 31.28 35.66
CA ILE M 186 38.02 30.18 36.31
C ILE M 186 37.01 29.03 36.47
N ASP M 187 35.81 29.36 36.97
CA ASP M 187 34.73 28.39 37.14
C ASP M 187 33.42 29.12 37.41
N VAL M 188 32.46 29.02 36.48
CA VAL M 188 31.15 29.66 36.65
C VAL M 188 30.28 29.01 37.74
N THR M 189 30.65 27.79 38.14
CA THR M 189 29.88 27.02 39.13
C THR M 189 30.21 27.41 40.57
N LYS M 190 31.51 27.43 40.88
CA LYS M 190 31.99 27.78 42.23
C LYS M 190 31.66 29.22 42.62
N ASP M 191 31.55 29.46 43.92
CA ASP M 191 31.32 30.78 44.46
C ASP M 191 32.56 31.66 44.23
N PRO M 192 32.35 32.90 43.74
CA PRO M 192 33.47 33.82 43.51
C PRO M 192 34.39 33.96 44.70
N LYS M 193 33.81 33.97 45.90
CA LYS M 193 34.56 34.20 47.12
C LYS M 193 35.41 32.99 47.52
N GLU M 194 35.00 31.79 47.12
CA GLU M 194 35.80 30.58 47.35
C GLU M 194 37.01 30.57 46.42
N ILE M 195 36.83 31.09 45.21
CA ILE M 195 37.88 31.13 44.20
C ILE M 195 39.01 32.09 44.62
N TYR M 196 38.63 33.27 45.11
CA TYR M 196 39.60 34.26 45.58
C TYR M 196 40.54 33.70 46.64
N LYS M 197 39.99 32.90 47.56
CA LYS M 197 40.78 32.32 48.63
C LYS M 197 41.76 31.27 48.10
N THR M 198 41.29 30.37 47.24
CA THR M 198 42.12 29.27 46.71
C THR M 198 43.22 29.75 45.77
N GLU M 199 42.93 30.80 45.00
CA GLU M 199 43.92 31.38 44.07
C GLU M 199 45.03 32.16 44.80
N VAL M 200 44.65 32.91 45.84
CA VAL M 200 45.64 33.60 46.69
C VAL M 200 46.58 32.56 47.30
N GLU M 201 46.03 31.42 47.70
CA GLU M 201 46.81 30.32 48.29
C GLU M 201 47.89 29.78 47.37
N LYS M 202 47.63 29.75 46.07
CA LYS M 202 48.63 29.36 45.08
C LYS M 202 49.83 30.31 45.09
N LEU M 203 49.55 31.61 45.27
CA LEU M 203 50.59 32.63 45.30
C LEU M 203 51.43 32.49 46.55
N GLU M 204 50.76 32.24 47.67
CA GLU M 204 51.42 32.06 48.96
C GLU M 204 52.17 30.73 49.03
N ASN M 205 51.61 29.68 48.43
CA ASN M 205 52.28 28.39 48.33
C ASN M 205 53.42 28.35 47.31
N SER M 206 53.43 29.31 46.38
CA SER M 206 54.66 29.70 45.70
C SER M 206 55.45 30.50 46.74
N ASN M 207 55.91 31.70 46.41
CA ASN M 207 56.31 32.65 47.46
C ASN M 207 56.05 34.10 47.08
N PHE M 208 54.76 34.43 47.07
CA PHE M 208 54.27 35.79 46.92
C PHE M 208 53.66 36.22 48.24
N GLU M 209 53.95 37.45 48.63
CA GLU M 209 53.56 37.96 49.94
C GLU M 209 52.34 38.85 49.77
N THR M 210 51.16 38.29 50.04
CA THR M 210 49.90 39.01 49.86
C THR M 210 49.90 40.33 50.63
N ILE M 211 49.84 41.43 49.89
CA ILE M 211 49.85 42.78 50.47
C ILE M 211 48.42 43.27 50.67
N GLN M 212 47.61 43.16 49.62
CA GLN M 212 46.25 43.68 49.65
C GLN M 212 45.38 42.90 48.68
N ILE M 213 44.16 42.60 49.11
CA ILE M 213 43.17 41.92 48.27
C ILE M 213 41.94 42.81 48.14
N ILE M 214 41.66 43.28 46.93
CA ILE M 214 40.51 44.16 46.69
C ILE M 214 39.40 43.51 45.87
N ASN M 215 38.16 43.73 46.29
CA ASN M 215 37.00 43.33 45.52
C ASN M 215 36.57 44.46 44.59
N LEU M 216 36.59 44.19 43.27
CA LEU M 216 36.28 45.21 42.27
C LEU M 216 34.79 45.52 42.06
N ASP M 217 33.93 45.25 43.03
CA ASP M 217 32.48 45.48 42.84
C ASP M 217 32.16 46.98 42.61
N PRO M 218 30.86 47.35 42.55
CA PRO M 218 30.33 48.18 41.49
C PRO M 218 30.98 48.03 40.11
N TYR M 219 32.29 48.26 40.00
CA TYR M 219 32.97 48.40 38.71
C TYR M 219 33.11 47.13 37.88
N ASP M 220 33.41 46.01 38.56
CA ASP M 220 33.51 44.71 37.91
C ASP M 220 32.88 43.62 38.77
N LYS M 221 31.88 42.93 38.20
CA LYS M 221 31.18 41.87 38.91
C LYS M 221 31.99 40.58 38.90
N ASP M 222 32.04 39.93 40.07
CA ASP M 222 32.75 38.65 40.25
C ASP M 222 34.23 38.75 39.90
N HIS M 223 34.85 39.85 40.31
CA HIS M 223 36.28 40.11 40.08
C HIS M 223 36.96 40.56 41.37
N ALA M 224 38.22 40.18 41.52
CA ALA M 224 39.04 40.67 42.62
C ALA M 224 40.47 40.83 42.15
N ILE M 225 41.16 41.82 42.71
CA ILE M 225 42.55 42.06 42.36
C ILE M 225 43.47 41.87 43.57
N VAL M 226 44.56 41.13 43.37
CA VAL M 226 45.54 40.86 44.41
C VAL M 226 46.83 41.62 44.14
N LEU M 227 47.30 42.34 45.15
CA LEU M 227 48.64 42.94 45.13
C LEU M 227 49.52 42.12 46.07
N SER M 228 50.64 41.63 45.56
CA SER M 228 51.59 40.84 46.36
C SER M 228 53.04 41.05 45.89
N LYS M 229 54.00 40.71 46.75
CA LYS M 229 55.43 40.83 46.41
C LYS M 229 56.13 39.50 46.22
N TYR M 230 56.84 39.36 45.10
CA TYR M 230 57.63 38.17 44.80
C TYR M 230 58.94 38.18 45.60
N LYS M 231 59.36 36.99 46.03
CA LYS M 231 60.57 36.86 46.84
C LYS M 231 61.68 36.10 46.12
#